data_6GRR
#
_entry.id   6GRR
#
_cell.length_a   135.152
_cell.length_b   166.836
_cell.length_c   79.734
_cell.angle_alpha   90.00
_cell.angle_beta   90.00
_cell.angle_gamma   90.00
#
_symmetry.space_group_name_H-M   'P 21 21 21'
#
loop_
_entity.id
_entity.type
_entity.pdbx_description
1 polymer 'Amine oxidase'
2 polymer 'Amine oxidase'
3 non-polymer 'COPPER (II) ION'
4 non-polymer 'CALCIUM ION'
5 non-polymer GLYCEROL
6 water water
#
loop_
_entity_poly.entity_id
_entity_poly.type
_entity_poly.pdbx_seq_one_letter_code
_entity_poly.pdbx_strand_id
1 'polypeptide(L)'
;MVPMDKTLKEFGADVQWDDYAQLFTLIKDGAYVKVKPGAQTAIVNGQPLALQVPVVMKDNKAWVSDTFINDVFQSGLDQT
FQVEKRPHPLNALTADEIKQAVEIVKASADFKPNTRFTEISLLPPDKEAVWAFALENKPVDQPRKADVIMLDGKHIIEAV
VDLQNNKLLSWQPIKDAHGMVLLDDFASVQNIINNSEEFAAAVKKRGITDAKKVITTPLTVGYFDGKDGLKQDARLLKVI
SYLDVGDGNYWAHPIENLVAVVDLEQKKIVKIEEGPVVPVPMTARPFDGRDRVAPAVKPMQIIEPEGKNYTITGDMIHWR
NWDFHLSMNSRVGPMFSTVTYNDNGTKRKVMYEGSLGGMIVPYGDPDIGWYFKAYLDSGDYGMGTLTSPIARGKDAPSNA
VLLNETIADYTGVPMEIPRAIAVFERYAGPEYKHQEMGQPNVSTERRELVVRWISTVGNYDYIFDWIFHENGTIGIDAGA
TGIEAVKGVKAKTMHDETAKDDTRYGTLIDHNIVGTTHQHIYNFRLDLDVDGENNSLVAMDPVVKPNTAGGPRTSTMQVN
QYNIGNQQDAAQKFDPGTIRLLSNPNKENRMGNPVSYQIIPYAGGTHPVAKGAQFAPDEWIYHRLSFMDKQLWVTRYHPG
ERFPEGKYPNRSTHDTGLGQYSKDNESLDNTDAVVWMTTGTTHVARAEEWPIMPTEWVHTLLKPWNFFDETPTLGALK
;
A
2 'polypeptide(L)'
;HMVPMDKTLKEFGADVQWDDYAQLFTLIKDGAYVKVKPGAQTAIVNGQPLALQVPVVMKDNKAWVSDTFINDVFQSGLDQ
TFQVEKRPHPLNALTADEIKQAVEIVKASADFKPNTRFTEISLLPPDKEAVWAFALENKPVDQPRKADVIMLDGKHIIEA
VVDLQNNKLLSWQPIKDAHGMVLLDDFASVQNIINNSEEFAAAVKKRGITDAKKVITTPLTVGYFDGKDGLKQDARLLKV
ISYLDVGDGNYWAHPIENLVAVVDLEQKKIVKIEEGPVVPVPMTARPFDGRDRVAPAVKPMQIIEPEGKNYTITGDMIHW
RNWDFHLSMNSRVGPMFSTVTYNDNGTKRKVMYEGSLGGMIVPYGDPDIGWYFKAYLDSGDYGMGTLTSPIARGKDAPSN
AVLLNETIADYTGVPMEIPRAIAVFERYAGPEYKHQEMGQPNVSTERRELVVRWISTVGNYDYIFDWIFHENGTIGIDAG
ATGIEAVKGVKAKTMHDETAKDDTRYGTLIDHNIVGTTHQHIYNFRLDLDVDGENNSLVAMDPVVKPNTAGGPRTSTMQV
NQYNIGNQQDAAQKFDPGTIRLLSNPNKENRMGNPVSYQIIPYAGGTHPVAKGAQFAPDEWIYHRLSFMDKQLWVTRYHP
GERFPEGKYPNRSTHDTGLGQYSKDNESLDNTDAVVWMTTGTTHVARAEEWPIMPTEWVHTLLKPWNFFDETPTLGALKK
;
B
#
loop_
_chem_comp.id
_chem_comp.type
_chem_comp.name
_chem_comp.formula
CA non-polymer 'CALCIUM ION' 'Ca 2'
CU non-polymer 'COPPER (II) ION' 'Cu 2'
GOL non-polymer GLYCEROL 'C3 H8 O3'
#
# COMPACT_ATOMS: atom_id res chain seq x y z
N MET A 1 -0.71 -3.05 -49.87
CA MET A 1 -1.56 -3.32 -48.67
C MET A 1 -1.05 -4.52 -47.88
N VAL A 2 -1.22 -4.47 -46.56
CA VAL A 2 -0.94 -5.62 -45.68
C VAL A 2 -2.13 -5.81 -44.73
N PRO A 3 -2.28 -7.01 -44.16
CA PRO A 3 -3.42 -7.22 -43.26
C PRO A 3 -3.19 -6.51 -41.93
N MET A 4 -4.20 -5.79 -41.47
CA MET A 4 -4.06 -4.93 -40.30
C MET A 4 -3.81 -5.71 -39.01
N ASP A 5 -4.64 -6.74 -38.74
CA ASP A 5 -4.49 -7.49 -37.50
C ASP A 5 -3.12 -8.15 -37.37
N LYS A 6 -2.64 -8.81 -38.40
CA LYS A 6 -1.29 -9.41 -38.40
C LYS A 6 -0.18 -8.37 -38.21
N THR A 7 -0.22 -7.30 -39.00
CA THR A 7 0.82 -6.26 -38.96
C THR A 7 0.92 -5.54 -37.59
N LEU A 8 -0.23 -5.17 -37.04
CA LEU A 8 -0.29 -4.48 -35.75
C LEU A 8 0.11 -5.36 -34.59
N LYS A 9 -0.31 -6.63 -34.62
CA LYS A 9 0.13 -7.60 -33.61
C LYS A 9 1.65 -7.81 -33.64
N GLU A 10 2.25 -7.85 -34.83
CA GLU A 10 3.72 -7.95 -34.94
C GLU A 10 4.42 -6.69 -34.42
N PHE A 11 3.80 -5.53 -34.62
CA PHE A 11 4.27 -4.25 -34.05
C PHE A 11 4.12 -4.16 -32.51
N GLY A 12 3.28 -5.02 -31.93
CA GLY A 12 3.04 -5.05 -30.49
C GLY A 12 1.88 -4.20 -30.01
N ALA A 13 0.99 -3.79 -30.92
CA ALA A 13 -0.19 -2.98 -30.58
C ALA A 13 -1.40 -3.86 -30.29
N ASP A 14 -2.23 -3.41 -29.36
CA ASP A 14 -3.52 -4.00 -29.08
C ASP A 14 -4.54 -3.49 -30.13
N VAL A 15 -5.39 -4.38 -30.64
CA VAL A 15 -6.39 -4.04 -31.66
C VAL A 15 -7.76 -4.40 -31.13
N GLN A 16 -8.65 -3.42 -31.07
CA GLN A 16 -10.05 -3.62 -30.70
C GLN A 16 -10.96 -3.17 -31.83
N TRP A 17 -11.97 -3.96 -32.11
CA TRP A 17 -12.96 -3.63 -33.11
C TRP A 17 -14.31 -3.48 -32.41
N ASP A 18 -14.99 -2.38 -32.69
CA ASP A 18 -16.31 -2.11 -32.16
C ASP A 18 -17.26 -2.13 -33.35
N ASP A 19 -18.05 -3.20 -33.45
CA ASP A 19 -18.98 -3.34 -34.56
C ASP A 19 -20.11 -2.33 -34.53
N TYR A 20 -20.57 -1.89 -33.34
CA TYR A 20 -21.64 -0.92 -33.24
C TYR A 20 -21.26 0.46 -33.83
N ALA A 21 -20.08 0.90 -33.45
CA ALA A 21 -19.54 2.19 -33.93
C ALA A 21 -18.76 2.09 -35.23
N GLN A 22 -18.48 0.88 -35.71
CA GLN A 22 -17.64 0.58 -36.87
C GLN A 22 -16.26 1.28 -36.74
N LEU A 23 -15.60 1.00 -35.61
CA LEU A 23 -14.44 1.76 -35.12
C LEU A 23 -13.39 0.81 -34.61
N PHE A 24 -12.18 0.96 -35.12
CA PHE A 24 -11.01 0.32 -34.54
C PHE A 24 -10.38 1.28 -33.52
N THR A 25 -9.99 0.71 -32.38
CA THR A 25 -9.19 1.42 -31.39
C THR A 25 -7.89 0.63 -31.31
N LEU A 26 -6.77 1.31 -31.56
CA LEU A 26 -5.45 0.72 -31.59
C LEU A 26 -4.62 1.34 -30.48
N ILE A 27 -4.00 0.51 -29.62
CA ILE A 27 -3.26 1.01 -28.45
C ILE A 27 -1.85 0.43 -28.45
N LYS A 28 -0.84 1.31 -28.34
CA LYS A 28 0.51 0.86 -28.00
C LYS A 28 1.26 1.95 -27.26
N ASP A 29 1.65 1.61 -26.03
CA ASP A 29 2.35 2.54 -25.17
C ASP A 29 1.57 3.83 -25.08
N GLY A 30 2.13 4.98 -25.51
CA GLY A 30 1.47 6.23 -25.35
C GLY A 30 0.53 6.62 -26.47
N ALA A 31 0.39 5.76 -27.48
CA ALA A 31 -0.45 6.03 -28.63
C ALA A 31 -1.82 5.38 -28.47
N TYR A 32 -2.85 6.20 -28.56
CA TYR A 32 -4.23 5.79 -28.51
C TYR A 32 -4.89 6.29 -29.81
N VAL A 33 -5.16 5.34 -30.71
CA VAL A 33 -5.55 5.64 -32.09
C VAL A 33 -6.96 5.13 -32.34
N LYS A 34 -7.78 5.96 -32.98
CA LYS A 34 -9.13 5.57 -33.44
C LYS A 34 -9.20 5.73 -34.95
N VAL A 35 -9.74 4.73 -35.63
CA VAL A 35 -9.81 4.79 -37.08
C VAL A 35 -11.03 3.98 -37.58
N LYS A 36 -11.84 4.62 -38.40
CA LYS A 36 -13.00 3.98 -39.06
C LYS A 36 -12.60 3.46 -40.45
N PRO A 37 -13.06 2.26 -40.84
CA PRO A 37 -12.86 1.81 -42.23
C PRO A 37 -13.44 2.81 -43.23
N GLY A 38 -12.69 3.07 -44.29
CA GLY A 38 -13.13 4.00 -45.32
C GLY A 38 -12.88 5.46 -44.99
N ALA A 39 -12.54 5.80 -43.75
CA ALA A 39 -12.43 7.22 -43.39
C ALA A 39 -11.14 7.78 -43.95
N GLN A 40 -11.18 9.06 -44.36
CA GLN A 40 -9.99 9.72 -44.89
C GLN A 40 -9.08 10.27 -43.80
N THR A 41 -9.57 10.25 -42.55
CA THR A 41 -8.81 10.70 -41.39
C THR A 41 -8.89 9.69 -40.24
N ALA A 42 -7.96 9.84 -39.31
CA ALA A 42 -7.91 9.05 -38.05
C ALA A 42 -7.72 9.99 -36.88
N ILE A 43 -7.81 9.46 -35.66
CA ILE A 43 -7.50 10.24 -34.45
C ILE A 43 -6.32 9.58 -33.76
N VAL A 44 -5.28 10.37 -33.42
CA VAL A 44 -4.16 9.89 -32.63
C VAL A 44 -4.07 10.78 -31.40
N ASN A 45 -4.24 10.20 -30.21
CA ASN A 45 -4.25 10.96 -28.95
C ASN A 45 -5.10 12.22 -28.99
N GLY A 46 -6.32 12.06 -29.49
CA GLY A 46 -7.28 13.14 -29.58
C GLY A 46 -7.11 14.14 -30.72
N GLN A 47 -6.10 13.96 -31.58
CA GLN A 47 -5.79 14.88 -32.66
C GLN A 47 -6.04 14.26 -34.02
N PRO A 48 -6.62 15.03 -34.95
CA PRO A 48 -6.87 14.51 -36.29
C PRO A 48 -5.63 14.28 -37.13
N LEU A 49 -5.67 13.23 -37.93
CA LEU A 49 -4.60 12.82 -38.83
C LEU A 49 -5.19 12.48 -40.22
N ALA A 50 -4.73 13.17 -41.25
CA ALA A 50 -5.05 12.79 -42.63
C ALA A 50 -4.36 11.49 -43.02
N LEU A 51 -5.11 10.57 -43.64
CA LEU A 51 -4.53 9.33 -44.09
C LEU A 51 -4.28 9.41 -45.62
N GLN A 52 -3.18 8.86 -46.09
CA GLN A 52 -2.94 8.73 -47.53
C GLN A 52 -3.90 7.67 -48.10
N VAL A 53 -4.05 6.57 -47.36
CA VAL A 53 -4.81 5.40 -47.80
C VAL A 53 -5.77 5.00 -46.65
N PRO A 54 -7.09 5.12 -46.87
CA PRO A 54 -8.05 4.66 -45.87
C PRO A 54 -7.87 3.18 -45.52
N VAL A 55 -8.26 2.81 -44.30
CA VAL A 55 -8.31 1.43 -43.90
C VAL A 55 -9.38 0.81 -44.80
N VAL A 56 -9.09 -0.35 -45.40
CA VAL A 56 -10.06 -1.03 -46.28
C VAL A 56 -10.45 -2.39 -45.71
N MET A 57 -11.75 -2.70 -45.77
CA MET A 57 -12.27 -4.01 -45.39
C MET A 57 -12.42 -4.92 -46.61
N LYS A 58 -11.83 -6.11 -46.55
CA LYS A 58 -12.01 -7.15 -47.57
C LYS A 58 -12.34 -8.45 -46.82
N ASP A 59 -13.53 -8.98 -47.09
CA ASP A 59 -13.99 -10.23 -46.45
C ASP A 59 -13.94 -10.11 -44.92
N ASN A 60 -14.45 -8.98 -44.41
CA ASN A 60 -14.44 -8.67 -42.97
C ASN A 60 -13.08 -8.73 -42.26
N LYS A 61 -11.99 -8.53 -43.03
CA LYS A 61 -10.68 -8.28 -42.43
C LYS A 61 -10.18 -6.94 -42.96
N ALA A 62 -9.48 -6.22 -42.07
CA ALA A 62 -9.00 -4.90 -42.42
C ALA A 62 -7.63 -5.01 -43.07
N TRP A 63 -7.40 -4.16 -44.05
CA TRP A 63 -6.11 -4.06 -44.72
C TRP A 63 -5.69 -2.59 -44.59
N VAL A 64 -4.40 -2.38 -44.43
CA VAL A 64 -3.83 -1.05 -44.37
C VAL A 64 -2.64 -0.93 -45.33
N SER A 65 -2.32 0.31 -45.67
CA SER A 65 -1.07 0.64 -46.35
C SER A 65 0.13 0.01 -45.63
N ASP A 66 1.15 -0.39 -46.38
CA ASP A 66 2.38 -0.94 -45.75
C ASP A 66 3.21 0.11 -44.98
N THR A 67 2.85 1.40 -45.14
CA THR A 67 3.40 2.51 -44.36
C THR A 67 2.48 3.03 -43.23
N PHE A 68 1.35 2.36 -42.99
CA PHE A 68 0.33 2.79 -42.02
C PHE A 68 0.94 2.96 -40.63
N ILE A 69 1.68 1.97 -40.17
CA ILE A 69 2.24 2.03 -38.82
C ILE A 69 3.14 3.26 -38.67
N ASN A 70 4.06 3.45 -39.60
CA ASN A 70 4.92 4.65 -39.59
C ASN A 70 4.09 5.95 -39.65
N ASP A 71 3.13 5.98 -40.55
CA ASP A 71 2.34 7.19 -40.76
C ASP A 71 1.52 7.58 -39.54
N VAL A 72 0.98 6.59 -38.83
CA VAL A 72 0.08 6.82 -37.73
C VAL A 72 0.81 6.91 -36.38
N PHE A 73 1.57 5.86 -36.06
CA PHE A 73 2.23 5.77 -34.76
C PHE A 73 3.49 6.64 -34.62
N GLN A 74 4.17 6.93 -35.73
CA GLN A 74 5.33 7.83 -35.72
C GLN A 74 4.95 9.15 -36.42
N SER A 75 3.65 9.51 -36.44
CA SER A 75 3.19 10.80 -37.01
C SER A 75 3.82 12.02 -36.31
N GLY A 76 4.13 11.89 -35.02
CA GLY A 76 4.42 13.03 -34.15
C GLY A 76 3.25 13.41 -33.28
N LEU A 77 2.06 12.82 -33.51
CA LEU A 77 0.89 13.16 -32.69
C LEU A 77 0.91 12.42 -31.35
N ASP A 78 1.69 11.35 -31.26
CA ASP A 78 2.01 10.78 -29.97
C ASP A 78 3.25 11.50 -29.46
N GLN A 79 3.03 12.33 -28.44
CA GLN A 79 4.09 13.19 -27.88
C GLN A 79 4.78 12.58 -26.67
N THR A 80 4.53 11.30 -26.40
CA THR A 80 5.09 10.65 -25.24
C THR A 80 6.62 10.66 -25.24
N PHE A 81 7.21 10.36 -26.40
CA PHE A 81 8.67 10.39 -26.59
C PHE A 81 9.07 11.61 -27.42
N GLN A 82 10.07 12.34 -26.92
CA GLN A 82 10.59 13.53 -27.61
C GLN A 82 12.09 13.33 -27.84
N VAL A 83 12.61 13.96 -28.85
CA VAL A 83 13.99 13.86 -29.23
C VAL A 83 14.93 14.54 -28.22
N GLU A 84 16.06 13.92 -27.90
CA GLU A 84 17.02 14.49 -26.98
C GLU A 84 18.17 15.09 -27.81
N LYS A 85 18.18 16.42 -27.94
CA LYS A 85 19.22 17.07 -28.75
C LYS A 85 20.55 17.25 -28.05
N ARG A 86 20.51 17.40 -26.74
CA ARG A 86 21.73 17.49 -25.95
C ARG A 86 21.71 16.37 -24.92
N PRO A 87 22.50 15.30 -25.15
CA PRO A 87 22.44 14.15 -24.24
C PRO A 87 22.88 14.44 -22.83
N HIS A 88 22.09 13.91 -21.90
CA HIS A 88 22.37 14.02 -20.49
C HIS A 88 23.67 13.28 -20.21
N PRO A 89 24.52 13.81 -19.32
CA PRO A 89 25.81 13.17 -19.06
C PRO A 89 25.75 11.84 -18.31
N LEU A 90 24.59 11.47 -17.76
CA LEU A 90 24.45 10.15 -17.12
C LEU A 90 23.78 9.12 -18.02
N ASN A 91 23.52 9.47 -19.27
CA ASN A 91 23.08 8.48 -20.24
C ASN A 91 24.00 7.27 -20.20
N ALA A 92 23.39 6.09 -20.14
CA ALA A 92 24.14 4.87 -20.11
C ALA A 92 24.94 4.71 -21.41
N LEU A 93 25.95 3.87 -21.35
CA LEU A 93 26.68 3.52 -22.56
C LEU A 93 25.74 3.01 -23.64
N THR A 94 25.85 3.54 -24.85
CA THR A 94 25.12 3.02 -26.00
C THR A 94 25.72 1.71 -26.50
N ALA A 95 25.02 1.05 -27.41
CA ALA A 95 25.56 -0.15 -28.05
C ALA A 95 26.94 0.13 -28.70
N ASP A 96 27.06 1.26 -29.39
CA ASP A 96 28.33 1.57 -30.07
C ASP A 96 29.46 1.82 -29.05
N GLU A 97 29.13 2.48 -27.94
CA GLU A 97 30.11 2.77 -26.89
C GLU A 97 30.54 1.47 -26.19
N ILE A 98 29.61 0.55 -25.98
CA ILE A 98 29.97 -0.75 -25.44
C ILE A 98 30.97 -1.47 -26.36
N LYS A 99 30.69 -1.49 -27.65
CA LYS A 99 31.56 -2.15 -28.61
C LYS A 99 32.93 -1.48 -28.67
N GLN A 100 32.93 -0.16 -28.63
CA GLN A 100 34.18 0.59 -28.63
C GLN A 100 35.03 0.33 -27.39
N ALA A 101 34.42 0.37 -26.22
CA ALA A 101 35.13 0.06 -24.96
C ALA A 101 35.77 -1.30 -25.01
N VAL A 102 35.04 -2.26 -25.56
CA VAL A 102 35.54 -3.63 -25.70
C VAL A 102 36.74 -3.70 -26.68
N GLU A 103 36.64 -3.00 -27.81
CA GLU A 103 37.75 -2.94 -28.78
C GLU A 103 39.00 -2.29 -28.14
N ILE A 104 38.80 -1.25 -27.33
CA ILE A 104 39.96 -0.57 -26.68
C ILE A 104 40.73 -1.52 -25.77
N VAL A 105 40.03 -2.25 -24.88
CA VAL A 105 40.70 -3.20 -24.00
C VAL A 105 41.26 -4.41 -24.77
N LYS A 106 40.56 -4.88 -25.81
CA LYS A 106 41.07 -6.00 -26.62
C LYS A 106 42.35 -5.65 -27.40
N ALA A 107 42.58 -4.37 -27.65
CA ALA A 107 43.78 -3.89 -28.35
C ALA A 107 45.04 -3.89 -27.47
N SER A 108 44.85 -3.98 -26.16
CA SER A 108 45.99 -4.05 -25.24
C SER A 108 46.66 -5.41 -25.30
N ALA A 109 48.00 -5.39 -25.24
CA ALA A 109 48.78 -6.63 -25.16
C ALA A 109 48.46 -7.42 -23.90
N ASP A 110 47.94 -6.77 -22.87
CA ASP A 110 47.56 -7.47 -21.64
C ASP A 110 46.26 -8.25 -21.71
N PHE A 111 45.45 -8.06 -22.76
CA PHE A 111 44.17 -8.74 -22.86
C PHE A 111 44.36 -10.22 -23.23
N LYS A 112 43.84 -11.10 -22.40
CA LYS A 112 44.03 -12.53 -22.55
C LYS A 112 42.83 -13.17 -23.24
N PRO A 113 43.08 -14.18 -24.10
CA PRO A 113 41.97 -14.90 -24.73
C PRO A 113 40.98 -15.43 -23.70
N ASN A 114 39.72 -15.46 -24.11
CA ASN A 114 38.62 -15.94 -23.28
C ASN A 114 38.27 -15.08 -22.06
N THR A 115 38.83 -13.87 -21.98
CA THR A 115 38.47 -12.94 -20.94
C THR A 115 36.99 -12.60 -21.10
N ARG A 116 36.30 -12.50 -19.97
CA ARG A 116 34.89 -12.12 -19.91
C ARG A 116 34.75 -10.76 -19.25
N PHE A 117 33.55 -10.20 -19.32
CA PHE A 117 33.29 -8.88 -18.81
C PHE A 117 32.20 -8.96 -17.74
N THR A 118 32.57 -8.71 -16.50
CA THR A 118 31.56 -8.72 -15.42
C THR A 118 30.69 -7.47 -15.48
N GLU A 119 31.28 -6.34 -15.85
CA GLU A 119 30.56 -5.08 -15.93
C GLU A 119 31.22 -4.10 -16.89
N ILE A 120 30.41 -3.52 -17.75
CA ILE A 120 30.86 -2.41 -18.61
C ILE A 120 29.85 -1.28 -18.47
N SER A 121 30.28 -0.19 -17.83
CA SER A 121 29.36 0.84 -17.38
C SER A 121 30.00 2.19 -17.49
N LEU A 122 29.17 3.19 -17.64
CA LEU A 122 29.61 4.58 -17.60
C LEU A 122 30.40 4.90 -16.33
N LEU A 123 31.55 5.53 -16.52
CA LEU A 123 32.28 6.12 -15.45
C LEU A 123 31.77 7.57 -15.48
N PRO A 124 30.95 7.93 -14.49
CA PRO A 124 30.17 9.15 -14.59
C PRO A 124 31.05 10.36 -14.34
N PRO A 125 30.70 11.49 -14.99
CA PRO A 125 31.37 12.71 -14.70
C PRO A 125 31.14 13.12 -13.24
N ASP A 126 31.87 14.15 -12.81
CA ASP A 126 31.72 14.60 -11.48
C ASP A 126 30.29 15.18 -11.22
N LYS A 127 29.84 14.95 -10.00
CA LYS A 127 28.51 15.26 -9.55
C LYS A 127 28.16 16.74 -9.75
N GLU A 128 29.09 17.65 -9.41
CA GLU A 128 28.81 19.07 -9.58
C GLU A 128 28.51 19.42 -11.03
N ALA A 129 29.30 18.89 -11.94
CA ALA A 129 29.11 19.15 -13.37
C ALA A 129 27.76 18.59 -13.85
N VAL A 130 27.40 17.42 -13.36
CA VAL A 130 26.13 16.81 -13.76
C VAL A 130 24.94 17.64 -13.26
N TRP A 131 24.95 18.07 -11.99
CA TRP A 131 23.90 18.94 -11.51
C TRP A 131 23.80 20.22 -12.32
N ALA A 132 24.95 20.79 -12.69
CA ALA A 132 24.96 22.03 -13.46
C ALA A 132 24.40 21.84 -14.87
N PHE A 133 24.58 20.65 -15.43
CA PHE A 133 23.88 20.34 -16.68
C PHE A 133 22.37 20.32 -16.49
N ALA A 134 21.91 19.62 -15.45
CA ALA A 134 20.48 19.43 -15.22
C ALA A 134 19.80 20.74 -14.84
N LEU A 135 20.47 21.58 -14.06
CA LEU A 135 19.84 22.80 -13.54
C LEU A 135 20.10 24.08 -14.36
N GLU A 136 21.24 24.13 -15.02
CA GLU A 136 21.66 25.32 -15.77
C GLU A 136 22.01 25.06 -17.23
N ASN A 137 21.79 23.85 -17.76
CA ASN A 137 22.16 23.49 -19.14
C ASN A 137 23.66 23.66 -19.46
N LYS A 138 24.51 23.60 -18.44
CA LYS A 138 25.95 23.79 -18.63
C LYS A 138 26.59 22.52 -19.18
N PRO A 139 27.27 22.60 -20.35
CA PRO A 139 27.94 21.38 -20.87
C PRO A 139 28.98 20.80 -19.89
N VAL A 140 29.03 19.48 -19.78
CA VAL A 140 30.04 18.84 -18.96
C VAL A 140 31.27 18.87 -19.84
N ASP A 141 32.42 19.27 -19.32
CA ASP A 141 33.57 19.46 -20.23
C ASP A 141 34.33 18.20 -20.61
N GLN A 142 33.93 17.09 -19.99
CA GLN A 142 34.68 15.83 -20.11
C GLN A 142 34.31 14.76 -21.16
N PRO A 143 35.30 13.95 -21.56
CA PRO A 143 35.01 12.91 -22.55
C PRO A 143 34.16 11.78 -21.93
N ARG A 144 33.37 11.11 -22.75
CA ARG A 144 32.69 9.88 -22.27
C ARG A 144 33.76 8.87 -21.83
N LYS A 145 33.66 8.34 -20.59
CA LYS A 145 34.53 7.26 -20.10
C LYS A 145 33.73 6.05 -19.65
N ALA A 146 34.32 4.87 -19.78
CA ALA A 146 33.71 3.63 -19.32
C ALA A 146 34.63 2.93 -18.36
N ASP A 147 34.05 2.38 -17.30
CA ASP A 147 34.68 1.37 -16.43
C ASP A 147 34.44 0.02 -17.09
N VAL A 148 35.50 -0.76 -17.26
CA VAL A 148 35.42 -2.09 -17.88
C VAL A 148 36.02 -3.08 -16.91
N ILE A 149 35.22 -3.98 -16.36
CA ILE A 149 35.69 -4.92 -15.36
C ILE A 149 35.69 -6.30 -15.99
N MET A 150 36.89 -6.89 -16.05
CA MET A 150 37.15 -8.12 -16.79
C MET A 150 37.44 -9.25 -15.84
N LEU A 151 37.02 -10.45 -16.22
CA LEU A 151 37.35 -11.66 -15.53
C LEU A 151 38.19 -12.52 -16.48
N ASP A 152 39.47 -12.65 -16.16
CA ASP A 152 40.44 -13.41 -16.95
C ASP A 152 40.60 -14.73 -16.25
N GLY A 153 39.76 -15.68 -16.64
CA GLY A 153 39.65 -16.93 -15.93
C GLY A 153 38.98 -16.64 -14.60
N LYS A 154 39.77 -16.63 -13.52
CA LYS A 154 39.27 -16.23 -12.20
C LYS A 154 39.77 -14.86 -11.74
N HIS A 155 40.63 -14.21 -12.53
CA HIS A 155 41.29 -12.97 -12.11
C HIS A 155 40.50 -11.70 -12.53
N ILE A 156 40.22 -10.83 -11.57
CA ILE A 156 39.53 -9.57 -11.85
C ILE A 156 40.52 -8.50 -12.20
N ILE A 157 40.19 -7.73 -13.24
CA ILE A 157 40.97 -6.58 -13.68
C ILE A 157 40.01 -5.44 -13.93
N GLU A 158 40.31 -4.26 -13.38
CA GLU A 158 39.54 -3.06 -13.67
C GLU A 158 40.29 -2.18 -14.65
N ALA A 159 39.65 -1.88 -15.78
CA ALA A 159 40.15 -0.91 -16.73
C ALA A 159 39.26 0.30 -16.83
N VAL A 160 39.86 1.41 -17.24
CA VAL A 160 39.12 2.59 -17.59
C VAL A 160 39.47 2.97 -19.03
N VAL A 161 38.46 3.24 -19.83
CA VAL A 161 38.66 3.72 -21.22
C VAL A 161 38.07 5.08 -21.46
N ASP A 162 38.78 5.89 -22.24
CA ASP A 162 38.32 7.19 -22.70
C ASP A 162 37.72 6.94 -24.09
N LEU A 163 36.41 7.12 -24.23
CA LEU A 163 35.70 6.79 -25.48
C LEU A 163 35.81 7.86 -26.57
N GLN A 164 35.91 9.12 -26.17
CA GLN A 164 36.13 10.20 -27.13
C GLN A 164 37.50 10.08 -27.81
N ASN A 165 38.54 9.87 -27.01
CA ASN A 165 39.92 9.75 -27.49
C ASN A 165 40.32 8.31 -27.83
N ASN A 166 39.41 7.35 -27.59
CA ASN A 166 39.63 5.98 -27.99
C ASN A 166 40.92 5.43 -27.40
N LYS A 167 41.15 5.69 -26.12
CA LYS A 167 42.34 5.14 -25.47
C LYS A 167 42.13 4.56 -24.09
N LEU A 168 43.01 3.64 -23.73
CA LEU A 168 43.03 3.00 -22.46
C LEU A 168 43.66 3.95 -21.45
N LEU A 169 42.97 4.26 -20.35
CA LEU A 169 43.51 5.14 -19.31
C LEU A 169 44.17 4.37 -18.17
N SER A 170 43.66 3.19 -17.82
CA SER A 170 44.25 2.40 -16.75
C SER A 170 43.82 0.96 -16.85
N TRP A 171 44.61 0.10 -16.23
CA TRP A 171 44.46 -1.35 -16.27
C TRP A 171 45.03 -1.84 -14.95
N GLN A 172 44.17 -2.35 -14.06
CA GLN A 172 44.55 -2.63 -12.69
C GLN A 172 44.02 -3.99 -12.23
N PRO A 173 44.92 -4.99 -12.10
CA PRO A 173 44.48 -6.26 -11.52
C PRO A 173 44.04 -6.02 -10.08
N ILE A 174 42.99 -6.68 -9.64
CA ILE A 174 42.46 -6.49 -8.29
C ILE A 174 42.80 -7.74 -7.51
N LYS A 175 43.84 -7.60 -6.70
CA LYS A 175 44.33 -8.67 -5.83
C LYS A 175 43.23 -9.25 -4.93
N ASP A 176 43.09 -10.57 -4.97
CA ASP A 176 42.22 -11.34 -4.07
C ASP A 176 40.70 -11.21 -4.35
N ALA A 177 40.28 -10.37 -5.29
CA ALA A 177 38.86 -10.30 -5.64
C ALA A 177 38.38 -11.54 -6.41
N HIS A 178 37.23 -12.08 -6.04
CA HIS A 178 36.54 -13.09 -6.83
C HIS A 178 35.46 -12.42 -7.67
N GLY A 179 35.35 -12.83 -8.92
CA GLY A 179 34.30 -12.32 -9.79
C GLY A 179 32.93 -12.86 -9.45
N MET A 180 31.91 -12.10 -9.86
CA MET A 180 30.55 -12.58 -9.82
C MET A 180 30.31 -13.77 -10.76
N VAL A 181 29.17 -14.39 -10.56
CA VAL A 181 28.76 -15.49 -11.38
C VAL A 181 28.30 -14.98 -12.76
N LEU A 182 28.85 -15.55 -13.83
CA LEU A 182 28.49 -15.16 -15.20
C LEU A 182 27.66 -16.25 -15.85
N LEU A 183 26.96 -15.88 -16.92
CA LEU A 183 26.01 -16.82 -17.57
C LEU A 183 26.63 -18.15 -17.95
N ASP A 184 27.82 -18.14 -18.54
CA ASP A 184 28.47 -19.41 -18.93
C ASP A 184 28.80 -20.34 -17.76
N ASP A 185 28.94 -19.78 -16.56
CA ASP A 185 29.14 -20.59 -15.35
C ASP A 185 27.96 -21.53 -15.05
N PHE A 186 26.75 -21.11 -15.39
CA PHE A 186 25.55 -21.97 -15.21
C PHE A 186 25.65 -23.22 -16.07
N ALA A 187 25.99 -23.02 -17.36
CA ALA A 187 26.15 -24.14 -18.28
C ALA A 187 27.38 -24.98 -17.93
N SER A 188 28.49 -24.34 -17.54
CA SER A 188 29.69 -25.10 -17.10
C SER A 188 29.36 -26.05 -15.97
N VAL A 189 28.67 -25.54 -14.95
CA VAL A 189 28.31 -26.36 -13.80
C VAL A 189 27.46 -27.58 -14.23
N GLN A 190 26.44 -27.36 -15.05
CA GLN A 190 25.58 -28.44 -15.53
C GLN A 190 26.40 -29.47 -16.32
N ASN A 191 27.27 -28.99 -17.19
CA ASN A 191 28.11 -29.89 -18.01
C ASN A 191 29.11 -30.69 -17.18
N ILE A 192 29.75 -30.02 -16.21
CA ILE A 192 30.72 -30.66 -15.33
C ILE A 192 30.03 -31.74 -14.50
N ILE A 193 28.82 -31.46 -14.02
CA ILE A 193 28.03 -32.47 -13.31
C ILE A 193 27.66 -33.63 -14.24
N ASN A 194 27.23 -33.32 -15.47
CA ASN A 194 26.85 -34.37 -16.43
C ASN A 194 27.99 -35.34 -16.81
N ASN A 195 29.24 -34.88 -16.74
CA ASN A 195 30.41 -35.69 -17.09
C ASN A 195 31.10 -36.35 -15.89
N SER A 196 30.59 -36.17 -14.68
CA SER A 196 31.21 -36.76 -13.48
C SER A 196 30.63 -38.14 -13.24
N GLU A 197 31.47 -39.16 -13.31
CA GLU A 197 31.07 -40.52 -12.95
C GLU A 197 30.80 -40.64 -11.46
N GLU A 198 31.60 -39.96 -10.65
CA GLU A 198 31.37 -39.95 -9.19
C GLU A 198 30.00 -39.38 -8.85
N PHE A 199 29.62 -38.32 -9.56
CA PHE A 199 28.35 -37.67 -9.30
C PHE A 199 27.17 -38.52 -9.74
N ALA A 200 27.24 -39.10 -10.94
CA ALA A 200 26.24 -40.07 -11.41
C ALA A 200 26.06 -41.25 -10.44
N ALA A 201 27.17 -41.75 -9.90
CA ALA A 201 27.13 -42.83 -8.90
C ALA A 201 26.40 -42.36 -7.63
N ALA A 202 26.72 -41.15 -7.18
CA ALA A 202 26.07 -40.57 -5.99
C ALA A 202 24.56 -40.39 -6.21
N VAL A 203 24.21 -39.88 -7.38
CA VAL A 203 22.81 -39.68 -7.75
C VAL A 203 22.05 -41.02 -7.80
N LYS A 204 22.71 -42.05 -8.33
CA LYS A 204 22.12 -43.40 -8.41
C LYS A 204 21.75 -43.92 -7.01
N LYS A 205 22.63 -43.70 -6.04
CA LYS A 205 22.37 -44.11 -4.64
C LYS A 205 21.13 -43.47 -4.02
N ARG A 206 20.74 -42.28 -4.50
CA ARG A 206 19.55 -41.57 -4.02
C ARG A 206 18.29 -41.88 -4.82
N GLY A 207 18.30 -42.97 -5.60
CA GLY A 207 17.11 -43.47 -6.28
C GLY A 207 16.77 -42.82 -7.60
N ILE A 208 17.71 -42.10 -8.21
CA ILE A 208 17.50 -41.51 -9.53
C ILE A 208 17.98 -42.50 -10.59
N THR A 209 17.05 -42.94 -11.45
CA THR A 209 17.34 -43.91 -12.52
C THR A 209 18.10 -43.28 -13.72
N ASP A 210 17.72 -42.06 -14.09
CA ASP A 210 18.28 -41.35 -15.25
C ASP A 210 19.01 -40.07 -14.82
N ALA A 211 20.34 -40.14 -14.77
CA ALA A 211 21.16 -39.00 -14.31
C ALA A 211 21.14 -37.78 -15.25
N LYS A 212 20.72 -37.96 -16.50
CA LYS A 212 20.56 -36.81 -17.42
C LYS A 212 19.30 -35.95 -17.16
N LYS A 213 18.42 -36.40 -16.26
CA LYS A 213 17.29 -35.60 -15.77
C LYS A 213 17.64 -34.72 -14.56
N VAL A 214 18.90 -34.68 -14.14
CA VAL A 214 19.29 -33.89 -13.00
C VAL A 214 19.57 -32.46 -13.44
N ILE A 215 18.94 -31.49 -12.76
CA ILE A 215 19.12 -30.06 -13.05
C ILE A 215 19.91 -29.42 -11.94
N THR A 216 21.01 -28.75 -12.30
CA THR A 216 21.88 -28.11 -11.33
C THR A 216 21.47 -26.65 -11.13
N THR A 217 21.76 -26.14 -9.95
CA THR A 217 21.72 -24.70 -9.73
C THR A 217 23.02 -24.27 -9.03
N PRO A 218 23.70 -23.24 -9.56
CA PRO A 218 24.95 -22.79 -8.98
C PRO A 218 24.73 -21.78 -7.85
N LEU A 219 25.47 -21.97 -6.76
CA LEU A 219 25.40 -21.11 -5.60
C LEU A 219 26.79 -20.69 -5.21
N THR A 220 26.93 -19.44 -4.79
CA THR A 220 28.20 -19.00 -4.25
C THR A 220 28.36 -19.62 -2.85
N VAL A 221 29.62 -19.79 -2.45
CA VAL A 221 29.95 -20.60 -1.28
C VAL A 221 30.21 -19.81 0.00
N GLY A 222 30.36 -18.49 -0.13
CA GLY A 222 30.60 -17.62 0.99
C GLY A 222 32.00 -17.84 1.53
N TYR A 223 32.16 -17.58 2.82
CA TYR A 223 33.48 -17.64 3.49
C TYR A 223 33.25 -18.09 4.91
N PHE A 224 34.02 -19.09 5.34
CA PHE A 224 33.90 -19.66 6.67
C PHE A 224 35.27 -19.90 7.36
N ASP A 225 36.27 -19.11 6.99
CA ASP A 225 37.62 -19.18 7.56
C ASP A 225 38.19 -20.60 7.49
N GLY A 226 37.94 -21.27 6.36
CA GLY A 226 38.36 -22.65 6.17
C GLY A 226 37.49 -23.74 6.76
N LYS A 227 36.48 -23.42 7.55
CA LYS A 227 35.66 -24.45 8.22
C LYS A 227 34.81 -25.28 7.26
N ASP A 228 34.57 -24.73 6.05
CA ASP A 228 33.92 -25.48 4.95
C ASP A 228 34.86 -26.36 4.12
N GLY A 229 36.16 -26.38 4.45
CA GLY A 229 37.15 -27.13 3.69
C GLY A 229 37.59 -26.53 2.36
N LEU A 230 37.23 -25.28 2.08
CA LEU A 230 37.38 -24.72 0.75
C LEU A 230 38.53 -23.74 0.68
N LYS A 231 39.40 -23.99 -0.29
CA LYS A 231 40.54 -23.15 -0.62
C LYS A 231 40.07 -21.74 -1.06
N GLN A 232 40.69 -20.71 -0.51
CA GLN A 232 40.27 -19.33 -0.75
C GLN A 232 40.70 -18.76 -2.12
N ASP A 233 41.77 -19.27 -2.72
CA ASP A 233 42.23 -18.80 -4.03
C ASP A 233 41.47 -19.39 -5.23
N ALA A 234 40.68 -20.44 -5.02
CA ALA A 234 40.04 -21.14 -6.12
C ALA A 234 38.71 -20.44 -6.48
N ARG A 235 38.35 -20.46 -7.76
CA ARG A 235 37.02 -20.01 -8.21
C ARG A 235 36.05 -21.15 -8.05
N LEU A 236 35.21 -21.09 -7.02
CA LEU A 236 34.33 -22.19 -6.69
C LEU A 236 32.85 -21.79 -6.76
N LEU A 237 32.01 -22.79 -7.02
CA LEU A 237 30.59 -22.68 -6.81
C LEU A 237 30.16 -23.99 -6.18
N LYS A 238 29.12 -23.91 -5.36
CA LYS A 238 28.43 -25.09 -4.88
C LYS A 238 27.23 -25.35 -5.75
N VAL A 239 26.89 -26.63 -5.85
CA VAL A 239 25.88 -27.10 -6.77
C VAL A 239 24.86 -27.90 -6.00
N ILE A 240 23.63 -27.41 -6.05
CA ILE A 240 22.46 -28.05 -5.49
C ILE A 240 21.71 -28.60 -6.68
N SER A 241 21.09 -29.78 -6.50
CA SER A 241 20.51 -30.52 -7.61
C SER A 241 19.05 -30.86 -7.39
N TYR A 242 18.31 -30.90 -8.50
CA TYR A 242 16.88 -31.21 -8.56
C TYR A 242 16.60 -32.19 -9.68
N LEU A 243 15.47 -32.88 -9.61
CA LEU A 243 15.09 -33.84 -10.63
C LEU A 243 14.05 -33.25 -11.58
N ASP A 244 14.31 -33.31 -12.89
CA ASP A 244 13.30 -32.92 -13.89
C ASP A 244 12.33 -34.09 -14.10
N VAL A 245 11.07 -33.91 -13.69
CA VAL A 245 10.02 -34.90 -13.94
C VAL A 245 9.05 -34.47 -15.05
N GLY A 246 9.36 -33.38 -15.75
CA GLY A 246 8.55 -32.94 -16.90
C GLY A 246 7.34 -32.07 -16.56
N ASP A 247 7.31 -31.50 -15.35
CA ASP A 247 6.21 -30.62 -14.94
C ASP A 247 6.54 -29.13 -15.10
N GLY A 248 7.71 -28.84 -15.66
CA GLY A 248 8.17 -27.47 -15.83
C GLY A 248 8.71 -26.85 -14.55
N ASN A 249 8.77 -27.62 -13.46
CA ASN A 249 9.09 -27.08 -12.14
C ASN A 249 10.07 -27.97 -11.40
N TYR A 250 11.32 -27.97 -11.87
CA TYR A 250 12.36 -28.77 -11.22
C TYR A 250 12.55 -28.40 -9.74
N TRP A 251 12.24 -27.14 -9.40
CA TRP A 251 12.36 -26.66 -8.02
C TRP A 251 11.56 -27.49 -7.01
N ALA A 252 10.52 -28.16 -7.50
CA ALA A 252 9.65 -28.95 -6.66
C ALA A 252 10.18 -30.39 -6.39
N HIS A 253 11.38 -30.70 -6.84
CA HIS A 253 11.93 -32.08 -6.79
C HIS A 253 13.36 -32.08 -6.30
N PRO A 254 13.57 -31.60 -5.06
CA PRO A 254 14.95 -31.51 -4.57
C PRO A 254 15.60 -32.90 -4.37
N ILE A 255 16.91 -32.95 -4.64
CA ILE A 255 17.73 -34.10 -4.28
C ILE A 255 18.48 -33.66 -3.02
N GLU A 256 17.90 -33.99 -1.86
CA GLU A 256 18.37 -33.41 -0.59
C GLU A 256 19.66 -34.07 -0.09
N ASN A 257 20.55 -33.26 0.48
CA ASN A 257 21.80 -33.68 1.13
C ASN A 257 22.87 -34.17 0.17
N LEU A 258 22.86 -33.63 -1.05
CA LEU A 258 23.88 -33.89 -2.03
C LEU A 258 24.36 -32.54 -2.55
N VAL A 259 25.61 -32.21 -2.25
CA VAL A 259 26.22 -30.98 -2.71
C VAL A 259 27.53 -31.29 -3.42
N ALA A 260 27.74 -30.68 -4.58
CA ALA A 260 29.01 -30.77 -5.28
C ALA A 260 29.66 -29.41 -5.21
N VAL A 261 30.96 -29.39 -5.02
CA VAL A 261 31.74 -28.16 -5.16
C VAL A 261 32.48 -28.27 -6.47
N VAL A 262 32.28 -27.27 -7.33
CA VAL A 262 32.90 -27.21 -8.65
C VAL A 262 33.97 -26.14 -8.65
N ASP A 263 35.17 -26.49 -9.14
CA ASP A 263 36.21 -25.52 -9.44
C ASP A 263 36.03 -25.18 -10.91
N LEU A 264 35.75 -23.90 -11.17
CA LEU A 264 35.44 -23.44 -12.51
C LEU A 264 36.67 -23.33 -13.41
N GLU A 265 37.85 -23.11 -12.84
CA GLU A 265 39.09 -23.07 -13.64
C GLU A 265 39.59 -24.45 -14.01
N GLN A 266 39.53 -25.39 -13.08
CA GLN A 266 39.87 -26.79 -13.39
C GLN A 266 38.79 -27.49 -14.20
N LYS A 267 37.57 -26.95 -14.17
CA LYS A 267 36.39 -27.57 -14.75
C LYS A 267 36.17 -28.97 -14.20
N LYS A 268 36.18 -29.11 -12.89
CA LYS A 268 35.82 -30.39 -12.29
C LYS A 268 35.25 -30.25 -10.90
N ILE A 269 34.60 -31.32 -10.47
CA ILE A 269 34.07 -31.43 -9.12
C ILE A 269 35.26 -31.72 -8.18
N VAL A 270 35.48 -30.85 -7.19
CA VAL A 270 36.60 -30.99 -6.25
C VAL A 270 36.20 -31.52 -4.88
N LYS A 271 34.90 -31.69 -4.66
CA LYS A 271 34.38 -32.18 -3.39
C LYS A 271 32.93 -32.57 -3.61
N ILE A 272 32.54 -33.74 -3.11
CA ILE A 272 31.14 -34.12 -3.06
C ILE A 272 30.81 -34.38 -1.61
N GLU A 273 29.78 -33.70 -1.11
CA GLU A 273 29.27 -33.92 0.25
C GLU A 273 27.96 -34.69 0.16
N GLU A 274 27.89 -35.78 0.93
CA GLU A 274 26.77 -36.72 0.88
C GLU A 274 26.20 -36.91 2.28
N GLY A 275 24.96 -36.48 2.48
CA GLY A 275 24.29 -36.65 3.76
C GLY A 275 23.26 -37.73 3.60
N PRO A 276 22.36 -37.88 4.57
CA PRO A 276 21.37 -38.95 4.50
C PRO A 276 20.51 -38.91 3.24
N VAL A 277 20.07 -40.09 2.83
CA VAL A 277 19.28 -40.25 1.62
C VAL A 277 17.83 -39.93 1.94
N VAL A 278 17.24 -39.04 1.14
CA VAL A 278 15.85 -38.68 1.30
C VAL A 278 15.26 -38.86 -0.09
N PRO A 279 14.22 -39.70 -0.24
CA PRO A 279 13.64 -39.91 -1.56
C PRO A 279 13.22 -38.58 -2.22
N VAL A 280 13.43 -38.46 -3.53
CA VAL A 280 13.07 -37.24 -4.24
C VAL A 280 11.54 -37.09 -4.23
N PRO A 281 11.04 -35.91 -3.83
CA PRO A 281 9.60 -35.65 -4.04
C PRO A 281 9.27 -35.65 -5.53
N MET A 282 8.33 -36.50 -5.93
CA MET A 282 8.09 -36.81 -7.36
C MET A 282 6.82 -36.19 -7.97
N THR A 283 5.81 -35.91 -7.16
CA THR A 283 4.51 -35.45 -7.63
C THR A 283 4.64 -34.18 -8.46
N ALA A 284 4.00 -34.17 -9.62
CA ALA A 284 4.01 -33.03 -10.53
C ALA A 284 3.40 -31.80 -9.84
N ARG A 285 4.11 -30.66 -9.94
CA ARG A 285 3.67 -29.43 -9.33
C ARG A 285 3.91 -28.27 -10.29
N PRO A 286 3.28 -28.32 -11.47
CA PRO A 286 3.45 -27.21 -12.41
C PRO A 286 2.88 -25.91 -11.86
N PHE A 287 3.49 -24.81 -12.24
CA PHE A 287 3.01 -23.46 -11.90
C PHE A 287 2.52 -22.70 -13.12
N ASP A 288 2.65 -23.26 -14.32
CA ASP A 288 2.41 -22.54 -15.56
C ASP A 288 0.99 -22.73 -16.11
N GLY A 289 0.12 -23.38 -15.34
CA GLY A 289 -1.28 -23.51 -15.74
C GLY A 289 -1.60 -24.62 -16.72
N ARG A 290 -0.63 -25.48 -17.02
CA ARG A 290 -0.86 -26.58 -17.99
C ARG A 290 -1.98 -27.52 -17.52
N ASP A 291 -2.18 -27.59 -16.22
CA ASP A 291 -3.19 -28.46 -15.57
C ASP A 291 -4.39 -27.69 -15.04
N ARG A 292 -4.55 -26.42 -15.46
CA ARG A 292 -5.54 -25.54 -14.85
C ARG A 292 -6.37 -24.83 -15.89
N VAL A 293 -7.57 -24.41 -15.50
CA VAL A 293 -8.40 -23.55 -16.31
C VAL A 293 -8.77 -22.36 -15.48
N ALA A 294 -8.46 -21.17 -15.99
CA ALA A 294 -8.78 -19.93 -15.28
C ALA A 294 -10.29 -19.58 -15.37
N PRO A 295 -10.86 -18.99 -14.32
CA PRO A 295 -12.23 -18.51 -14.47
C PRO A 295 -12.29 -17.36 -15.48
N ALA A 296 -13.40 -17.27 -16.21
CA ALA A 296 -13.62 -16.17 -17.15
C ALA A 296 -13.76 -14.88 -16.35
N VAL A 297 -13.23 -13.81 -16.89
CA VAL A 297 -13.19 -12.51 -16.22
C VAL A 297 -13.66 -11.51 -17.25
N LYS A 298 -14.52 -10.59 -16.84
CA LYS A 298 -14.88 -9.50 -17.69
C LYS A 298 -13.70 -8.52 -17.85
N PRO A 299 -13.57 -7.93 -19.02
CA PRO A 299 -12.46 -7.04 -19.29
C PRO A 299 -12.46 -5.76 -18.45
N MET A 300 -11.25 -5.29 -18.16
CA MET A 300 -11.02 -4.00 -17.53
C MET A 300 -9.88 -3.38 -18.33
N GLN A 301 -10.05 -2.12 -18.70
CA GLN A 301 -8.99 -1.37 -19.38
C GLN A 301 -8.80 -0.07 -18.64
N ILE A 302 -7.57 0.39 -18.64
CA ILE A 302 -7.26 1.68 -18.08
C ILE A 302 -6.76 2.45 -19.30
N ILE A 303 -7.46 3.51 -19.66
CA ILE A 303 -7.22 4.18 -20.91
C ILE A 303 -6.87 5.66 -20.69
N GLU A 304 -5.99 6.16 -21.54
CA GLU A 304 -5.54 7.57 -21.52
C GLU A 304 -5.63 8.02 -22.98
N PRO A 305 -6.85 8.40 -23.42
CA PRO A 305 -7.07 8.55 -24.87
C PRO A 305 -6.48 9.81 -25.50
N GLU A 306 -5.98 10.72 -24.67
CA GLU A 306 -5.24 11.90 -25.19
C GLU A 306 -3.76 11.75 -24.96
N GLY A 307 -3.30 10.55 -24.65
CA GLY A 307 -1.89 10.29 -24.35
C GLY A 307 -1.56 10.48 -22.87
N LYS A 308 -0.27 10.58 -22.59
CA LYS A 308 0.23 10.54 -21.21
C LYS A 308 0.53 11.92 -20.65
N ASN A 309 0.53 12.05 -19.32
CA ASN A 309 0.95 13.28 -18.68
C ASN A 309 2.46 13.39 -18.55
N TYR A 310 3.17 12.31 -18.81
CA TYR A 310 4.65 12.31 -18.78
C TYR A 310 5.20 12.36 -20.19
N THR A 311 6.41 12.92 -20.30
CA THR A 311 7.17 12.97 -21.50
C THR A 311 8.52 12.33 -21.23
N ILE A 312 9.02 11.58 -22.19
CA ILE A 312 10.30 10.87 -22.08
C ILE A 312 11.21 11.38 -23.17
N THR A 313 12.24 12.14 -22.77
CA THR A 313 13.15 12.77 -23.72
C THR A 313 14.50 12.13 -23.56
N GLY A 314 14.86 11.25 -24.49
CA GLY A 314 15.97 10.36 -24.23
C GLY A 314 15.64 9.47 -23.03
N ASP A 315 16.38 9.65 -21.94
CA ASP A 315 16.13 8.99 -20.68
C ASP A 315 15.58 9.91 -19.57
N MET A 316 15.22 11.14 -19.92
N MET A 316 15.33 11.18 -19.89
CA MET A 316 14.73 12.13 -18.99
CA MET A 316 14.75 12.13 -18.95
C MET A 316 13.20 12.12 -18.94
C MET A 316 13.24 11.94 -18.95
N ILE A 317 12.68 11.80 -17.77
CA ILE A 317 11.24 11.75 -17.57
C ILE A 317 10.78 13.06 -16.95
N HIS A 318 9.77 13.67 -17.56
CA HIS A 318 9.11 14.83 -16.99
C HIS A 318 7.67 14.44 -16.69
N TRP A 319 7.23 14.74 -15.49
CA TRP A 319 5.86 14.45 -15.05
C TRP A 319 5.44 15.37 -13.95
N ARG A 320 4.47 16.23 -14.27
CA ARG A 320 3.93 17.16 -13.29
C ARG A 320 5.09 18.00 -12.76
N ASN A 321 5.34 18.01 -11.44
CA ASN A 321 6.45 18.82 -10.93
C ASN A 321 7.77 18.06 -10.90
N TRP A 322 7.77 16.78 -11.28
CA TRP A 322 8.97 15.97 -11.22
C TRP A 322 9.74 15.97 -12.51
N ASP A 323 11.07 16.03 -12.40
CA ASP A 323 11.98 15.69 -13.47
C ASP A 323 13.06 14.75 -12.93
N PHE A 324 13.40 13.73 -13.71
CA PHE A 324 14.45 12.81 -13.35
C PHE A 324 14.95 12.07 -14.55
N HIS A 325 16.13 11.46 -14.39
CA HIS A 325 16.83 10.73 -15.42
C HIS A 325 16.83 9.26 -15.02
N LEU A 326 16.46 8.40 -15.95
CA LEU A 326 16.32 6.95 -15.69
C LEU A 326 17.31 6.20 -16.57
N SER A 327 18.23 5.46 -15.97
CA SER A 327 19.18 4.66 -16.73
C SER A 327 19.30 3.27 -16.13
N MET A 328 19.93 2.37 -16.87
CA MET A 328 19.99 0.96 -16.50
C MET A 328 21.43 0.56 -16.26
N ASN A 329 21.65 -0.20 -15.20
CA ASN A 329 22.96 -0.75 -14.85
C ASN A 329 22.85 -2.28 -14.80
N SER A 330 23.88 -3.00 -15.26
CA SER A 330 23.83 -4.48 -15.30
C SER A 330 23.81 -5.13 -13.91
N ARG A 331 24.40 -4.48 -12.91
CA ARG A 331 24.43 -5.01 -11.54
C ARG A 331 23.14 -4.72 -10.79
N VAL A 332 22.81 -3.44 -10.65
CA VAL A 332 21.70 -3.00 -9.77
C VAL A 332 20.40 -2.59 -10.48
N GLY A 333 20.37 -2.63 -11.80
CA GLY A 333 19.15 -2.25 -12.53
C GLY A 333 18.96 -0.74 -12.64
N PRO A 334 17.74 -0.25 -12.38
CA PRO A 334 17.45 1.14 -12.69
C PRO A 334 18.06 2.13 -11.70
N MET A 335 18.53 3.25 -12.26
CA MET A 335 19.14 4.33 -11.48
C MET A 335 18.38 5.62 -11.79
N PHE A 336 17.98 6.29 -10.74
CA PHE A 336 17.14 7.49 -10.82
C PHE A 336 18.04 8.66 -10.44
N SER A 337 18.26 9.58 -11.38
CA SER A 337 19.28 10.61 -11.17
C SER A 337 18.81 12.01 -11.47
N THR A 338 19.52 12.99 -10.91
CA THR A 338 19.18 14.40 -11.04
C THR A 338 17.66 14.64 -10.89
N VAL A 339 17.15 14.17 -9.75
CA VAL A 339 15.74 14.25 -9.40
C VAL A 339 15.43 15.59 -8.76
N THR A 340 14.60 16.38 -9.44
CA THR A 340 14.13 17.67 -8.96
C THR A 340 12.65 17.77 -8.87
N TYR A 341 12.19 18.64 -7.99
CA TYR A 341 10.80 19.03 -7.85
C TYR A 341 10.68 20.46 -8.25
N ASN A 342 9.75 20.73 -9.19
CA ASN A 342 9.54 22.08 -9.71
C ASN A 342 8.52 22.77 -8.82
N ASP A 343 9.00 23.66 -7.94
CA ASP A 343 8.20 24.35 -6.97
C ASP A 343 7.86 25.73 -7.54
N ASN A 344 6.64 25.86 -8.06
CA ASN A 344 6.14 27.14 -8.61
C ASN A 344 7.16 27.80 -9.56
N GLY A 345 7.76 26.98 -10.43
CA GLY A 345 8.71 27.47 -11.43
C GLY A 345 10.19 27.30 -11.15
N THR A 346 10.56 26.95 -9.93
CA THR A 346 11.96 26.79 -9.57
C THR A 346 12.23 25.32 -9.30
N LYS A 347 13.13 24.73 -10.10
CA LYS A 347 13.58 23.36 -9.83
C LYS A 347 14.42 23.28 -8.58
N ARG A 348 13.99 22.44 -7.63
CA ARG A 348 14.72 22.25 -6.36
C ARG A 348 15.25 20.82 -6.30
N LYS A 349 16.50 20.68 -5.90
CA LYS A 349 17.14 19.37 -5.79
C LYS A 349 16.42 18.52 -4.75
N VAL A 350 16.23 17.26 -5.10
CA VAL A 350 15.77 16.28 -4.14
C VAL A 350 16.76 15.12 -4.06
N MET A 351 17.15 14.53 -5.18
CA MET A 351 18.04 13.37 -5.16
C MET A 351 18.99 13.33 -6.34
N TYR A 352 20.30 13.27 -6.08
CA TYR A 352 21.27 13.14 -7.14
C TYR A 352 21.24 11.81 -7.81
N GLU A 353 21.25 10.72 -7.04
CA GLU A 353 21.20 9.38 -7.59
C GLU A 353 20.54 8.49 -6.55
N GLY A 354 19.59 7.67 -6.99
CA GLY A 354 19.04 6.63 -6.17
C GLY A 354 18.91 5.35 -6.97
N SER A 355 19.16 4.24 -6.31
CA SER A 355 19.03 2.93 -6.92
C SER A 355 18.96 1.86 -5.84
N LEU A 356 18.67 0.64 -6.25
CA LEU A 356 19.01 -0.50 -5.41
C LEU A 356 20.50 -0.41 -5.08
N GLY A 357 20.85 -0.61 -3.82
CA GLY A 357 22.24 -0.75 -3.41
C GLY A 357 22.66 -2.20 -3.61
N GLY A 358 21.98 -3.09 -2.90
CA GLY A 358 22.20 -4.51 -3.05
C GLY A 358 21.16 -5.25 -2.22
N MET A 359 21.11 -6.56 -2.36
CA MET A 359 20.20 -7.35 -1.54
C MET A 359 20.77 -8.73 -1.20
N ILE A 360 20.15 -9.34 -0.19
CA ILE A 360 20.55 -10.65 0.28
C ILE A 360 19.33 -11.46 0.67
N VAL A 361 19.37 -12.75 0.34
CA VAL A 361 18.35 -13.72 0.76
C VAL A 361 19.11 -14.88 1.43
N PRO A 362 19.30 -14.80 2.77
CA PRO A 362 20.06 -15.78 3.51
C PRO A 362 19.22 -16.76 4.29
N TYR A 363 19.59 -18.04 4.28
CA TYR A 363 18.78 -19.09 4.85
C TYR A 363 19.15 -19.46 6.29
N GLY A 364 18.23 -20.16 6.95
CA GLY A 364 18.33 -20.43 8.40
C GLY A 364 18.65 -21.87 8.86
N ASP A 365 18.95 -22.75 7.92
CA ASP A 365 19.05 -24.22 8.14
C ASP A 365 20.55 -24.56 8.13
N PRO A 366 21.04 -25.32 9.14
CA PRO A 366 22.47 -25.63 9.25
C PRO A 366 22.94 -26.83 8.40
N ASP A 367 22.02 -27.56 7.78
CA ASP A 367 22.36 -28.78 7.05
C ASP A 367 23.23 -28.55 5.82
N ILE A 368 23.80 -29.65 5.34
CA ILE A 368 24.84 -29.59 4.30
C ILE A 368 24.46 -28.83 3.03
N GLY A 369 23.20 -28.97 2.60
CA GLY A 369 22.68 -28.28 1.40
C GLY A 369 22.34 -26.80 1.61
N TRP A 370 22.40 -26.31 2.85
CA TRP A 370 21.79 -25.02 3.26
C TRP A 370 22.68 -24.03 3.98
N TYR A 371 23.65 -24.50 4.77
CA TYR A 371 24.34 -23.64 5.74
C TYR A 371 25.03 -22.43 5.15
N PHE A 372 25.47 -22.57 3.90
CA PHE A 372 26.21 -21.54 3.17
C PHE A 372 25.25 -20.73 2.26
N LYS A 373 23.96 -21.09 2.22
CA LYS A 373 23.05 -20.60 1.17
C LYS A 373 22.64 -19.17 1.48
N ALA A 374 23.10 -18.26 0.63
CA ALA A 374 22.77 -16.84 0.75
C ALA A 374 22.94 -16.15 -0.60
N TYR A 375 21.82 -15.82 -1.24
CA TYR A 375 21.81 -15.19 -2.55
C TYR A 375 22.05 -13.72 -2.39
N LEU A 376 23.21 -13.23 -2.87
CA LEU A 376 23.43 -11.80 -3.05
C LEU A 376 23.06 -11.48 -4.48
N ASP A 377 21.78 -11.17 -4.70
CA ASP A 377 21.20 -11.29 -6.03
C ASP A 377 21.81 -10.32 -7.01
N SER A 378 22.04 -9.07 -6.59
CA SER A 378 22.64 -8.10 -7.50
C SER A 378 24.15 -8.29 -7.59
N GLY A 379 24.82 -8.34 -6.43
CA GLY A 379 26.28 -8.45 -6.40
C GLY A 379 26.87 -9.69 -7.04
N ASP A 380 26.30 -10.86 -6.73
CA ASP A 380 26.82 -12.16 -7.19
C ASP A 380 26.21 -12.61 -8.53
N TYR A 381 25.01 -12.15 -8.89
CA TYR A 381 24.37 -12.62 -10.14
C TYR A 381 24.05 -11.58 -11.20
N GLY A 382 23.99 -10.30 -10.84
CA GLY A 382 23.73 -9.24 -11.81
C GLY A 382 22.27 -9.12 -12.16
N MET A 383 21.53 -8.37 -11.35
CA MET A 383 20.09 -8.26 -11.50
C MET A 383 19.68 -7.48 -12.72
N GLY A 384 20.46 -6.48 -13.14
CA GLY A 384 20.18 -5.81 -14.40
C GLY A 384 20.26 -6.74 -15.59
N THR A 385 21.32 -7.53 -15.63
CA THR A 385 21.50 -8.51 -16.68
C THR A 385 20.33 -9.49 -16.71
N LEU A 386 19.86 -9.86 -15.52
CA LEU A 386 18.76 -10.80 -15.37
C LEU A 386 17.37 -10.16 -15.30
N THR A 387 17.24 -8.92 -15.80
CA THR A 387 15.90 -8.29 -15.90
C THR A 387 14.94 -9.22 -16.64
N SER A 388 13.73 -9.33 -16.09
CA SER A 388 12.64 -10.06 -16.69
C SER A 388 11.73 -9.12 -17.44
N PRO A 389 11.64 -9.26 -18.77
CA PRO A 389 10.77 -8.37 -19.54
C PRO A 389 9.34 -8.38 -19.04
N ILE A 390 8.79 -7.19 -18.93
CA ILE A 390 7.45 -6.99 -18.44
C ILE A 390 6.43 -7.70 -19.35
N ALA A 391 5.59 -8.55 -18.75
CA ALA A 391 4.41 -9.10 -19.44
C ALA A 391 3.29 -8.03 -19.51
N ARG A 392 3.13 -7.44 -20.68
CA ARG A 392 2.21 -6.29 -20.86
C ARG A 392 0.80 -6.59 -20.34
N GLY A 393 0.30 -5.68 -19.52
CA GLY A 393 -1.04 -5.80 -18.97
C GLY A 393 -1.18 -6.64 -17.71
N LYS A 394 -0.18 -7.48 -17.42
CA LYS A 394 -0.20 -8.36 -16.27
C LYS A 394 0.82 -7.95 -15.20
N ASP A 395 2.09 -7.86 -15.58
CA ASP A 395 3.15 -7.40 -14.69
C ASP A 395 3.08 -5.90 -14.45
N ALA A 396 2.41 -5.18 -15.35
CA ALA A 396 2.11 -3.76 -15.19
C ALA A 396 0.76 -3.51 -15.83
N PRO A 397 0.09 -2.41 -15.42
CA PRO A 397 -1.28 -2.22 -15.91
C PRO A 397 -1.31 -1.86 -17.40
N SER A 398 -2.47 -2.08 -17.99
CA SER A 398 -2.70 -1.84 -19.43
C SER A 398 -2.37 -0.43 -19.94
N ASN A 399 -2.28 0.55 -19.05
CA ASN A 399 -1.94 1.91 -19.48
C ASN A 399 -0.45 2.21 -19.33
N ALA A 400 0.39 1.21 -19.09
CA ALA A 400 1.84 1.44 -19.00
C ALA A 400 2.52 1.70 -20.34
N VAL A 401 3.64 2.42 -20.28
CA VAL A 401 4.59 2.52 -21.37
C VAL A 401 5.77 1.64 -20.99
N LEU A 402 6.16 0.75 -21.91
CA LEU A 402 7.26 -0.20 -21.65
C LEU A 402 8.52 0.21 -22.39
N LEU A 403 9.59 0.41 -21.64
CA LEU A 403 10.86 0.88 -22.18
C LEU A 403 11.83 -0.26 -22.43
N ASN A 404 12.57 -0.17 -23.53
CA ASN A 404 13.69 -1.08 -23.77
C ASN A 404 14.95 -0.45 -23.19
N GLU A 405 15.87 -1.28 -22.70
CA GLU A 405 17.14 -0.79 -22.16
C GLU A 405 18.30 -1.64 -22.65
N THR A 406 19.45 -1.02 -22.84
CA THR A 406 20.62 -1.70 -23.37
C THR A 406 21.77 -1.77 -22.36
N ILE A 407 22.33 -2.97 -22.19
CA ILE A 407 23.54 -3.19 -21.39
C ILE A 407 24.48 -4.10 -22.16
N ALA A 408 25.67 -4.34 -21.60
CA ALA A 408 26.63 -5.25 -22.19
C ALA A 408 26.41 -6.64 -21.60
N ASP A 409 26.45 -7.69 -22.43
CA ASP A 409 26.50 -9.06 -21.92
C ASP A 409 27.92 -9.43 -21.47
N TYR A 410 28.07 -10.63 -20.92
CA TYR A 410 29.36 -11.06 -20.35
C TYR A 410 30.50 -11.26 -21.37
N THR A 411 30.18 -11.33 -22.66
CA THR A 411 31.20 -11.40 -23.71
C THR A 411 31.49 -10.03 -24.29
N GLY A 412 30.84 -8.99 -23.77
CA GLY A 412 31.02 -7.62 -24.28
C GLY A 412 30.15 -7.21 -25.46
N VAL A 413 29.13 -7.99 -25.76
CA VAL A 413 28.24 -7.71 -26.89
C VAL A 413 27.01 -6.99 -26.32
N PRO A 414 26.61 -5.84 -26.91
CA PRO A 414 25.40 -5.18 -26.42
C PRO A 414 24.18 -6.09 -26.47
N MET A 415 23.33 -5.90 -25.48
CA MET A 415 22.18 -6.76 -25.24
C MET A 415 21.02 -5.79 -25.02
N GLU A 416 20.02 -5.80 -25.90
CA GLU A 416 18.82 -4.97 -25.71
C GLU A 416 17.77 -5.79 -24.95
N ILE A 417 17.36 -5.30 -23.77
CA ILE A 417 16.35 -5.96 -22.97
C ILE A 417 15.01 -5.36 -23.37
N PRO A 418 14.12 -6.15 -24.00
CA PRO A 418 12.79 -5.62 -24.35
C PRO A 418 11.93 -5.45 -23.10
N ARG A 419 11.16 -4.38 -23.05
CA ARG A 419 10.19 -4.16 -21.98
C ARG A 419 10.87 -4.29 -20.62
N ALA A 420 12.06 -3.71 -20.52
CA ALA A 420 12.84 -3.80 -19.30
C ALA A 420 12.24 -3.06 -18.10
N ILE A 421 11.56 -1.94 -18.36
CA ILE A 421 11.02 -1.05 -17.33
C ILE A 421 9.64 -0.62 -17.77
N ALA A 422 8.69 -0.64 -16.84
CA ALA A 422 7.35 -0.07 -17.08
C ALA A 422 7.21 1.28 -16.40
N VAL A 423 6.61 2.22 -17.10
CA VAL A 423 6.25 3.50 -16.57
C VAL A 423 4.73 3.65 -16.68
N PHE A 424 4.08 3.99 -15.58
CA PHE A 424 2.65 4.18 -15.62
C PHE A 424 2.15 5.09 -14.55
N GLU A 425 1.12 5.87 -14.91
CA GLU A 425 0.42 6.69 -13.95
C GLU A 425 -0.73 5.86 -13.40
N ARG A 426 -1.02 6.05 -12.13
CA ARG A 426 -2.17 5.34 -11.54
C ARG A 426 -2.96 6.23 -10.60
N TYR A 427 -4.27 5.98 -10.58
CA TYR A 427 -5.19 6.51 -9.57
C TYR A 427 -4.82 5.90 -8.21
N ALA A 428 -4.77 6.73 -7.17
CA ALA A 428 -4.34 6.28 -5.83
C ALA A 428 -5.18 6.86 -4.71
N GLY A 429 -6.47 6.96 -4.97
CA GLY A 429 -7.46 7.37 -3.98
C GLY A 429 -7.53 8.85 -4.01
N PRO A 430 -8.29 9.44 -3.07
CA PRO A 430 -8.27 10.91 -3.02
C PRO A 430 -6.93 11.45 -2.54
N GLU A 431 -6.47 12.52 -3.18
CA GLU A 431 -5.25 13.22 -2.77
C GLU A 431 -5.53 13.91 -1.43
N TYR A 432 -6.70 14.56 -1.35
CA TYR A 432 -7.24 15.03 -0.09
C TYR A 432 -8.72 15.20 -0.25
N LYS A 433 -9.38 15.34 0.88
CA LYS A 433 -10.81 15.55 0.92
C LYS A 433 -11.19 16.33 2.17
N HIS A 434 -12.15 17.23 2.04
CA HIS A 434 -12.89 17.66 3.23
C HIS A 434 -14.32 17.93 2.89
N GLN A 435 -15.22 17.20 3.56
CA GLN A 435 -16.69 17.41 3.47
C GLN A 435 -17.13 18.15 4.73
N GLU A 436 -17.06 19.47 4.69
CA GLU A 436 -17.59 20.30 5.77
C GLU A 436 -19.11 20.13 5.86
N MET A 437 -19.63 19.95 7.08
CA MET A 437 -21.05 19.69 7.30
C MET A 437 -21.88 20.82 6.70
N GLY A 438 -22.83 20.46 5.84
CA GLY A 438 -23.70 21.44 5.19
C GLY A 438 -23.09 22.30 4.09
N GLN A 439 -21.88 21.97 3.63
CA GLN A 439 -21.20 22.74 2.60
C GLN A 439 -20.89 21.86 1.39
N PRO A 440 -20.51 22.47 0.26
CA PRO A 440 -20.10 21.66 -0.88
C PRO A 440 -18.79 20.92 -0.57
N ASN A 441 -18.74 19.67 -1.00
CA ASN A 441 -17.53 18.84 -0.87
C ASN A 441 -16.32 19.43 -1.57
N VAL A 442 -15.15 19.13 -1.03
CA VAL A 442 -13.87 19.38 -1.70
C VAL A 442 -13.15 18.03 -1.75
N SER A 443 -12.87 17.53 -2.97
CA SER A 443 -12.07 16.31 -3.15
C SER A 443 -11.23 16.49 -4.38
N THR A 444 -10.01 15.97 -4.36
CA THR A 444 -9.20 15.86 -5.58
C THR A 444 -8.61 14.46 -5.65
N GLU A 445 -8.38 13.99 -6.87
CA GLU A 445 -7.82 12.65 -7.05
C GLU A 445 -6.33 12.65 -6.91
N ARG A 446 -5.80 11.57 -6.34
CA ARG A 446 -4.37 11.34 -6.28
C ARG A 446 -3.92 10.56 -7.51
N ARG A 447 -2.81 11.03 -8.09
CA ARG A 447 -2.09 10.30 -9.11
C ARG A 447 -0.66 10.03 -8.66
N GLU A 448 -0.20 8.81 -8.94
CA GLU A 448 1.16 8.41 -8.66
C GLU A 448 1.79 7.98 -9.97
N LEU A 449 3.06 8.29 -10.16
CA LEU A 449 3.83 7.81 -11.31
C LEU A 449 4.73 6.70 -10.82
N VAL A 450 4.53 5.51 -11.35
CA VAL A 450 5.31 4.34 -10.97
C VAL A 450 6.29 3.94 -12.06
N VAL A 451 7.53 3.70 -11.69
CA VAL A 451 8.52 3.11 -12.52
C VAL A 451 8.83 1.74 -11.93
N ARG A 452 8.46 0.70 -12.68
CA ARG A 452 8.54 -0.69 -12.24
C ARG A 452 9.58 -1.48 -13.04
N TRP A 453 10.35 -2.27 -12.31
CA TRP A 453 11.38 -3.15 -12.85
C TRP A 453 11.37 -4.48 -12.15
N ILE A 454 11.47 -5.54 -12.94
CA ILE A 454 11.46 -6.92 -12.44
C ILE A 454 12.75 -7.64 -12.83
N SER A 455 13.35 -8.33 -11.85
CA SER A 455 14.55 -9.12 -12.09
C SER A 455 14.33 -10.50 -11.46
N THR A 456 14.82 -11.53 -12.14
CA THR A 456 14.63 -12.92 -11.69
C THR A 456 16.01 -13.55 -11.55
N VAL A 457 16.29 -14.10 -10.36
CA VAL A 457 17.56 -14.73 -10.06
C VAL A 457 17.27 -16.16 -9.59
N GLY A 458 17.38 -17.08 -10.53
CA GLY A 458 17.05 -18.47 -10.24
C GLY A 458 15.57 -18.66 -9.97
N ASN A 459 15.23 -18.90 -8.71
CA ASN A 459 13.87 -19.30 -8.31
C ASN A 459 12.96 -18.11 -7.99
N TYR A 460 13.54 -17.03 -7.50
CA TYR A 460 12.72 -15.89 -7.05
C TYR A 460 12.71 -14.75 -8.08
N ASP A 461 11.60 -14.01 -8.10
CA ASP A 461 11.39 -12.87 -8.99
C ASP A 461 11.11 -11.66 -8.11
N TYR A 462 11.85 -10.57 -8.32
CA TYR A 462 11.77 -9.37 -7.52
C TYR A 462 11.25 -8.22 -8.38
N ILE A 463 10.29 -7.50 -7.83
CA ILE A 463 9.66 -6.33 -8.43
C ILE A 463 10.01 -5.09 -7.61
N PHE A 464 10.51 -4.04 -8.27
CA PHE A 464 10.83 -2.81 -7.60
C PHE A 464 10.00 -1.68 -8.23
N ASP A 465 9.23 -0.99 -7.40
CA ASP A 465 8.42 0.16 -7.82
C ASP A 465 9.00 1.41 -7.20
N TRP A 466 9.33 2.38 -8.03
CA TRP A 466 9.76 3.72 -7.58
C TRP A 466 8.57 4.60 -7.89
N ILE A 467 7.97 5.15 -6.84
CA ILE A 467 6.65 5.77 -6.90
C ILE A 467 6.78 7.26 -6.63
N PHE A 468 6.55 8.09 -7.64
CA PHE A 468 6.60 9.55 -7.48
C PHE A 468 5.20 10.09 -7.24
N HIS A 469 4.99 10.70 -6.08
CA HIS A 469 3.69 11.27 -5.73
C HIS A 469 3.66 12.72 -6.16
N GLU A 470 2.51 13.19 -6.62
CA GLU A 470 2.42 14.59 -6.99
C GLU A 470 2.81 15.56 -5.87
N ASN A 471 2.50 15.18 -4.64
CA ASN A 471 2.77 16.00 -3.46
C ASN A 471 4.23 16.01 -2.94
N GLY A 472 5.17 15.42 -3.67
CA GLY A 472 6.60 15.43 -3.28
C GLY A 472 7.12 14.17 -2.60
N THR A 473 6.22 13.31 -2.16
CA THR A 473 6.62 12.03 -1.60
C THR A 473 7.18 11.12 -2.68
N ILE A 474 8.19 10.33 -2.32
CA ILE A 474 8.72 9.24 -3.14
C ILE A 474 8.57 7.97 -2.31
N GLY A 475 7.91 6.98 -2.89
CA GLY A 475 7.85 5.64 -2.34
C GLY A 475 8.79 4.70 -3.07
N ILE A 476 9.34 3.72 -2.35
CA ILE A 476 10.10 2.64 -3.00
C ILE A 476 9.58 1.36 -2.37
N ASP A 477 8.95 0.53 -3.22
CA ASP A 477 8.35 -0.72 -2.76
C ASP A 477 9.05 -1.89 -3.45
N ALA A 478 9.24 -2.98 -2.72
CA ALA A 478 9.92 -4.14 -3.24
C ALA A 478 8.99 -5.33 -3.06
N GLY A 479 8.75 -6.05 -4.16
CA GLY A 479 7.83 -7.21 -4.19
C GLY A 479 8.61 -8.46 -4.47
N ALA A 480 8.14 -9.60 -3.92
CA ALA A 480 8.82 -10.88 -4.18
C ALA A 480 7.75 -11.89 -4.55
N THR A 481 8.02 -12.64 -5.62
CA THR A 481 7.18 -13.75 -6.08
C THR A 481 8.12 -14.81 -6.64
N GLY A 482 7.59 -15.83 -7.29
CA GLY A 482 8.45 -16.90 -7.82
C GLY A 482 8.25 -18.19 -7.02
N ILE A 483 9.30 -19.00 -6.99
CA ILE A 483 9.22 -20.37 -6.48
C ILE A 483 10.13 -20.46 -5.25
N GLU A 484 9.61 -20.96 -4.14
CA GLU A 484 10.42 -21.14 -2.93
C GLU A 484 11.50 -22.19 -3.10
N ALA A 485 12.63 -21.96 -2.43
CA ALA A 485 13.72 -22.93 -2.32
C ALA A 485 13.32 -23.88 -1.23
N VAL A 486 13.15 -25.16 -1.59
CA VAL A 486 12.59 -26.15 -0.68
C VAL A 486 13.56 -27.29 -0.35
N LYS A 487 13.32 -27.88 0.83
CA LYS A 487 14.08 -29.01 1.34
C LYS A 487 13.25 -30.26 1.21
N GLY A 488 13.87 -31.30 0.68
CA GLY A 488 13.24 -32.62 0.62
C GLY A 488 13.29 -33.26 1.99
N VAL A 489 12.17 -33.78 2.43
CA VAL A 489 12.05 -34.40 3.73
C VAL A 489 11.19 -35.67 3.62
N LYS A 490 11.28 -36.51 4.64
CA LYS A 490 10.46 -37.75 4.70
C LYS A 490 9.01 -37.57 5.09
N ALA A 491 8.70 -36.55 5.89
CA ALA A 491 7.33 -36.36 6.34
C ALA A 491 6.40 -35.97 5.21
N LYS A 492 5.27 -36.66 5.12
CA LYS A 492 4.20 -36.28 4.19
C LYS A 492 3.23 -35.34 4.88
N THR A 493 2.98 -35.55 6.17
CA THR A 493 2.09 -34.68 6.94
C THR A 493 2.73 -34.47 8.30
N MET A 494 2.17 -33.54 9.09
CA MET A 494 2.69 -33.25 10.42
C MET A 494 2.41 -34.37 11.44
N HIS A 495 1.63 -35.37 11.04
CA HIS A 495 1.43 -36.59 11.85
C HIS A 495 2.53 -37.64 11.71
N ASP A 496 3.44 -37.50 10.75
CA ASP A 496 4.49 -38.52 10.54
C ASP A 496 5.64 -38.38 11.54
N GLU A 497 6.33 -39.48 11.75
CA GLU A 497 7.44 -39.57 12.72
C GLU A 497 8.50 -38.47 12.62
N THR A 498 9.01 -38.20 11.42
CA THR A 498 10.08 -37.20 11.24
C THR A 498 9.61 -35.74 11.20
N ALA A 499 8.29 -35.51 11.28
CA ALA A 499 7.73 -34.16 11.02
C ALA A 499 8.34 -33.06 11.88
N LYS A 500 8.52 -33.33 13.17
CA LYS A 500 9.06 -32.32 14.08
C LYS A 500 10.49 -31.95 13.74
N ASP A 501 11.34 -32.94 13.52
CA ASP A 501 12.72 -32.66 13.08
C ASP A 501 12.72 -32.03 11.67
N ASP A 502 11.85 -32.52 10.79
CA ASP A 502 11.79 -32.05 9.39
C ASP A 502 11.41 -30.56 9.26
N THR A 503 10.66 -30.05 10.24
CA THR A 503 10.16 -28.69 10.25
C THR A 503 10.84 -27.81 11.29
N ARG A 504 12.00 -28.22 11.80
CA ARG A 504 12.69 -27.39 12.78
C ARG A 504 13.11 -26.05 12.17
N TYR A 505 13.44 -26.05 10.87
CA TYR A 505 13.93 -24.85 10.20
C TYR A 505 13.01 -24.35 9.08
N GLY A 506 11.79 -24.84 9.00
CA GLY A 506 10.80 -24.37 8.03
C GLY A 506 9.49 -25.11 8.08
N THR A 507 8.47 -24.53 7.47
CA THR A 507 7.12 -25.11 7.40
C THR A 507 7.03 -26.24 6.39
N LEU A 508 6.25 -27.28 6.71
CA LEU A 508 5.88 -28.30 5.73
C LEU A 508 4.77 -27.74 4.82
N ILE A 509 5.14 -27.42 3.59
CA ILE A 509 4.20 -26.75 2.66
C ILE A 509 3.64 -27.65 1.59
N ASP A 510 4.21 -28.85 1.45
CA ASP A 510 3.65 -29.90 0.61
C ASP A 510 4.11 -31.22 1.20
N HIS A 511 3.56 -32.33 0.72
CA HIS A 511 4.12 -33.65 1.06
C HIS A 511 5.58 -33.70 0.72
N ASN A 512 6.42 -34.05 1.71
CA ASN A 512 7.87 -34.22 1.53
C ASN A 512 8.63 -32.94 1.16
N ILE A 513 8.02 -31.78 1.40
CA ILE A 513 8.60 -30.49 0.99
C ILE A 513 8.50 -29.47 2.13
N VAL A 514 9.64 -28.97 2.56
CA VAL A 514 9.69 -27.94 3.58
C VAL A 514 10.21 -26.64 2.97
N GLY A 515 9.45 -25.57 3.17
CA GLY A 515 9.90 -24.24 2.82
C GLY A 515 10.83 -23.65 3.86
N THR A 516 12.13 -23.80 3.65
CA THR A 516 13.14 -23.42 4.63
C THR A 516 13.06 -21.92 4.95
N THR A 517 13.07 -21.59 6.24
CA THR A 517 12.98 -20.21 6.69
C THR A 517 14.22 -19.43 6.27
N HIS A 518 13.98 -18.17 5.91
CA HIS A 518 15.03 -17.30 5.43
C HIS A 518 14.56 -15.86 5.53
N GLN A 519 15.41 -14.90 5.14
CA GLN A 519 15.00 -13.50 5.08
C GLN A 519 15.11 -13.01 3.67
N HIS A 520 14.35 -11.97 3.35
CA HIS A 520 14.63 -11.16 2.16
C HIS A 520 15.02 -9.79 2.65
N ILE A 521 16.21 -9.34 2.28
CA ILE A 521 16.74 -8.09 2.81
C ILE A 521 17.20 -7.21 1.64
N TYR A 522 16.59 -6.03 1.51
CA TYR A 522 16.88 -5.11 0.42
C TYR A 522 17.55 -3.86 0.99
N ASN A 523 18.49 -3.28 0.26
CA ASN A 523 19.09 -2.04 0.68
C ASN A 523 19.10 -1.10 -0.50
N PHE A 524 18.64 0.13 -0.26
CA PHE A 524 18.56 1.19 -1.27
C PHE A 524 19.56 2.26 -0.93
N ARG A 525 20.32 2.67 -1.95
CA ARG A 525 21.29 3.75 -1.84
C ARG A 525 20.67 4.99 -2.42
N LEU A 526 20.51 6.00 -1.58
CA LEU A 526 19.77 7.20 -1.93
C LEU A 526 20.60 8.43 -1.62
N ASP A 527 21.27 8.96 -2.63
CA ASP A 527 22.04 10.21 -2.49
C ASP A 527 21.08 11.37 -2.59
N LEU A 528 20.31 11.58 -1.52
CA LEU A 528 19.43 12.74 -1.38
C LEU A 528 20.30 13.99 -1.26
N ASP A 529 19.95 15.04 -1.98
CA ASP A 529 20.52 16.36 -1.86
C ASP A 529 19.28 17.21 -1.59
N VAL A 530 18.99 17.47 -0.31
CA VAL A 530 17.72 18.09 0.06
C VAL A 530 17.84 19.61 -0.19
N ASP A 531 17.31 20.05 -1.33
CA ASP A 531 17.37 21.44 -1.78
C ASP A 531 18.82 21.96 -1.81
N GLY A 532 19.76 21.05 -2.03
CA GLY A 532 21.18 21.37 -1.97
C GLY A 532 22.00 20.23 -1.47
N GLU A 533 23.30 20.34 -1.71
CA GLU A 533 24.31 19.38 -1.31
C GLU A 533 24.43 19.20 0.20
N ASN A 534 24.52 20.33 0.88
CA ASN A 534 24.93 20.33 2.28
C ASN A 534 23.75 20.15 3.20
N ASN A 535 23.71 18.98 3.84
CA ASN A 535 22.61 18.53 4.67
C ASN A 535 23.13 17.99 6.02
N SER A 536 22.20 17.81 6.97
CA SER A 536 22.45 17.22 8.26
C SER A 536 21.36 16.23 8.62
N LEU A 537 21.71 15.25 9.43
CA LEU A 537 20.76 14.23 9.88
C LEU A 537 20.17 14.66 11.21
N VAL A 538 18.84 14.72 11.29
CA VAL A 538 18.16 15.22 12.50
C VAL A 538 17.17 14.19 13.00
N ALA A 539 17.21 13.89 14.31
CA ALA A 539 16.28 12.96 14.94
C ALA A 539 15.20 13.75 15.66
N MET A 540 13.95 13.31 15.50
CA MET A 540 12.84 13.80 16.28
C MET A 540 12.15 12.62 16.89
N ASP A 541 12.23 12.47 18.21
CA ASP A 541 11.64 11.35 18.91
C ASP A 541 10.40 11.84 19.67
N PRO A 542 9.19 11.44 19.23
CA PRO A 542 8.02 11.81 20.00
C PRO A 542 8.03 11.10 21.35
N VAL A 543 7.83 11.85 22.43
CA VAL A 543 7.93 11.30 23.79
C VAL A 543 6.78 11.83 24.65
N VAL A 544 6.43 11.08 25.68
CA VAL A 544 5.50 11.55 26.71
C VAL A 544 6.30 12.19 27.85
N LYS A 545 6.03 13.46 28.15
CA LYS A 545 6.68 14.16 29.25
C LYS A 545 5.67 14.64 30.30
N PRO A 546 6.10 14.78 31.55
CA PRO A 546 5.19 15.35 32.55
C PRO A 546 4.69 16.75 32.16
N ASN A 547 3.44 17.03 32.49
CA ASN A 547 2.88 18.34 32.28
C ASN A 547 3.39 19.33 33.34
N THR A 548 3.97 20.43 32.88
CA THR A 548 4.43 21.53 33.74
C THR A 548 3.65 22.82 33.50
N ALA A 549 2.59 22.76 32.69
CA ALA A 549 1.79 23.95 32.36
C ALA A 549 0.56 24.15 33.23
N GLY A 550 0.28 23.21 34.13
CA GLY A 550 -0.92 23.29 34.99
C GLY A 550 -2.14 22.64 34.37
N GLY A 551 -3.23 22.65 35.14
CA GLY A 551 -4.48 22.05 34.71
C GLY A 551 -4.46 20.56 34.96
N PRO A 552 -5.52 19.85 34.57
CA PRO A 552 -5.69 18.47 35.00
C PRO A 552 -4.76 17.41 34.38
N ARG A 553 -4.14 17.69 33.24
CA ARG A 553 -3.32 16.65 32.59
C ARG A 553 -2.06 16.38 33.41
N THR A 554 -1.71 15.10 33.54
CA THR A 554 -0.44 14.70 34.15
C THR A 554 0.68 14.62 33.11
N SER A 555 0.33 14.51 31.82
CA SER A 555 1.35 14.28 30.78
C SER A 555 1.03 15.00 29.45
N THR A 556 2.07 15.13 28.62
CA THR A 556 1.97 15.85 27.37
C THR A 556 2.72 15.10 26.28
N MET A 557 2.44 15.45 25.03
CA MET A 557 3.15 14.92 23.88
C MET A 557 4.14 15.94 23.36
N GLN A 558 5.43 15.62 23.48
CA GLN A 558 6.49 16.53 23.06
C GLN A 558 7.48 15.73 22.17
N VAL A 559 8.48 16.41 21.67
CA VAL A 559 9.49 15.78 20.84
C VAL A 559 10.87 16.10 21.39
N ASN A 560 11.72 15.07 21.49
CA ASN A 560 13.18 15.28 21.67
C ASN A 560 13.84 15.39 20.30
N GLN A 561 14.40 16.55 19.98
CA GLN A 561 15.03 16.79 18.70
C GLN A 561 16.54 16.91 18.91
N TYR A 562 17.34 16.22 18.10
CA TYR A 562 18.80 16.33 18.21
C TYR A 562 19.45 15.97 16.92
N ASN A 563 20.61 16.57 16.65
CA ASN A 563 21.36 16.26 15.43
C ASN A 563 22.19 15.01 15.62
N ILE A 564 22.41 14.29 14.51
CA ILE A 564 23.29 13.13 14.51
C ILE A 564 24.49 13.49 13.65
N GLY A 565 25.60 13.81 14.33
CA GLY A 565 26.75 14.46 13.75
C GLY A 565 27.85 13.56 13.21
N ASN A 566 27.84 12.28 13.57
CA ASN A 566 28.82 11.37 12.98
C ASN A 566 28.22 10.06 12.49
N GLN A 567 28.95 9.46 11.54
CA GLN A 567 28.51 8.28 10.78
C GLN A 567 28.19 7.07 11.63
N GLN A 568 28.91 6.92 12.75
CA GLN A 568 28.83 5.71 13.56
C GLN A 568 27.49 5.68 14.29
N ASP A 569 27.09 6.84 14.79
CA ASP A 569 25.78 6.98 15.39
C ASP A 569 24.66 6.96 14.35
N ALA A 570 24.95 7.39 13.12
CA ALA A 570 23.94 7.39 12.05
C ALA A 570 23.51 5.99 11.62
N ALA A 571 24.40 5.00 11.76
CA ALA A 571 24.06 3.61 11.47
C ALA A 571 23.21 3.07 12.59
N GLN A 572 21.90 2.93 12.35
CA GLN A 572 20.98 2.63 13.44
C GLN A 572 19.77 1.77 13.08
N LYS A 573 19.20 1.14 14.10
CA LYS A 573 17.89 0.51 14.02
C LYS A 573 16.86 1.61 13.77
N PHE A 574 15.81 1.30 13.00
CA PHE A 574 14.76 2.28 12.74
C PHE A 574 13.54 1.94 13.58
N ASP A 575 13.15 2.88 14.44
CA ASP A 575 11.93 2.74 15.21
C ASP A 575 10.90 3.55 14.43
N PRO A 576 9.86 2.87 13.90
CA PRO A 576 8.87 3.59 13.06
C PRO A 576 7.98 4.58 13.82
N GLY A 577 8.10 4.63 15.15
CA GLY A 577 7.46 5.65 15.98
C GLY A 577 8.30 6.91 16.07
N THR A 578 9.50 6.91 15.52
CA THR A 578 10.36 8.09 15.48
C THR A 578 10.37 8.71 14.11
N ILE A 579 10.92 9.92 14.04
CA ILE A 579 11.09 10.63 12.81
C ILE A 579 12.58 10.87 12.60
N ARG A 580 13.06 10.58 11.39
CA ARG A 580 14.44 10.83 10.98
C ARG A 580 14.45 11.68 9.74
N LEU A 581 15.06 12.87 9.84
CA LEU A 581 15.07 13.80 8.75
C LEU A 581 16.46 14.00 8.20
N LEU A 582 16.56 14.14 6.88
CA LEU A 582 17.71 14.79 6.26
C LEU A 582 17.32 16.21 5.97
N SER A 583 17.96 17.16 6.67
CA SER A 583 17.56 18.55 6.63
C SER A 583 18.64 19.37 5.97
N ASN A 584 18.25 20.46 5.36
CA ASN A 584 19.19 21.44 4.83
C ASN A 584 19.24 22.58 5.86
N PRO A 585 20.33 22.65 6.66
CA PRO A 585 20.38 23.70 7.70
C PRO A 585 20.63 25.09 7.12
N ASN A 586 20.79 25.20 5.80
CA ASN A 586 21.08 26.47 5.15
C ASN A 586 19.84 27.11 4.54
N LYS A 587 18.72 26.37 4.47
CA LYS A 587 17.51 26.84 3.79
C LYS A 587 16.29 26.49 4.61
N GLU A 588 15.36 27.43 4.72
CA GLU A 588 14.16 27.25 5.53
C GLU A 588 12.93 27.50 4.71
N ASN A 589 11.82 26.94 5.18
CA ASN A 589 10.53 27.25 4.57
C ASN A 589 10.02 28.58 5.15
N ARG A 590 8.81 28.97 4.75
CA ARG A 590 8.22 30.26 5.13
C ARG A 590 8.05 30.46 6.65
N MET A 591 7.96 29.36 7.39
CA MET A 591 7.82 29.39 8.85
C MET A 591 9.17 29.31 9.61
N GLY A 592 10.30 29.35 8.89
CA GLY A 592 11.64 29.25 9.51
C GLY A 592 12.08 27.87 9.92
N ASN A 593 11.43 26.83 9.38
CA ASN A 593 11.84 25.47 9.63
C ASN A 593 12.77 25.01 8.50
N PRO A 594 13.86 24.29 8.85
CA PRO A 594 14.78 23.76 7.84
C PRO A 594 14.06 22.85 6.85
N VAL A 595 14.29 23.05 5.58
CA VAL A 595 13.71 22.20 4.54
C VAL A 595 14.31 20.81 4.66
N SER A 596 13.45 19.80 4.64
CA SER A 596 13.83 18.46 5.02
C SER A 596 13.06 17.40 4.24
N TYR A 597 13.63 16.20 4.20
CA TYR A 597 12.88 14.98 3.85
C TYR A 597 12.94 14.00 5.01
N GLN A 598 11.79 13.37 5.27
CA GLN A 598 11.63 12.38 6.28
C GLN A 598 11.91 11.02 5.64
N ILE A 599 12.80 10.26 6.27
CA ILE A 599 13.26 8.98 5.76
C ILE A 599 12.57 7.87 6.54
N ILE A 600 11.82 7.02 5.84
CA ILE A 600 11.07 5.94 6.46
C ILE A 600 11.45 4.62 5.82
N PRO A 601 12.47 3.95 6.39
CA PRO A 601 12.94 2.68 5.84
C PRO A 601 11.94 1.53 6.03
N TYR A 602 11.00 1.70 6.94
CA TYR A 602 9.96 0.68 7.17
C TYR A 602 8.60 1.33 7.21
N ALA A 603 7.89 1.31 6.07
CA ALA A 603 6.53 1.79 5.95
C ALA A 603 5.53 0.62 5.80
N GLY A 604 5.97 -0.58 6.13
CA GLY A 604 5.08 -1.74 6.17
C GLY A 604 5.50 -2.86 5.26
N GLY A 605 4.69 -3.91 5.30
CA GLY A 605 4.91 -5.06 4.49
C GLY A 605 3.91 -6.13 4.81
N THR A 606 3.88 -7.15 3.95
CA THR A 606 2.89 -8.18 3.99
C THR A 606 3.44 -9.49 4.54
N HIS A 607 4.76 -9.62 4.67
CA HIS A 607 5.40 -10.70 5.43
C HIS A 607 5.91 -10.16 6.78
N PRO A 608 6.23 -11.05 7.72
CA PRO A 608 6.79 -10.51 8.98
C PRO A 608 8.08 -9.71 8.73
N VAL A 609 8.28 -8.67 9.54
CA VAL A 609 9.39 -7.73 9.34
C VAL A 609 10.62 -8.28 10.06
N ALA A 610 11.76 -8.07 9.44
CA ALA A 610 13.05 -8.37 10.04
C ALA A 610 13.45 -7.14 10.87
N LYS A 611 13.65 -7.35 12.17
CA LYS A 611 14.19 -6.34 13.09
C LYS A 611 15.72 -6.14 12.86
N GLY A 612 16.34 -7.13 12.25
CA GLY A 612 17.71 -7.06 11.77
C GLY A 612 18.06 -8.41 11.17
N ALA A 613 19.30 -8.85 11.34
CA ALA A 613 19.74 -10.11 10.78
C ALA A 613 19.34 -11.24 11.72
N GLN A 614 18.75 -12.33 11.18
CA GLN A 614 18.40 -13.50 11.98
C GLN A 614 19.59 -14.47 12.05
N PHE A 615 20.71 -13.93 12.54
CA PHE A 615 22.01 -14.61 12.63
C PHE A 615 22.70 -14.17 13.92
N ALA A 616 23.30 -15.11 14.65
CA ALA A 616 24.20 -14.73 15.75
C ALA A 616 25.33 -13.84 15.21
N PRO A 617 25.82 -12.91 16.03
CA PRO A 617 26.87 -12.00 15.59
C PRO A 617 28.24 -12.63 15.37
N ASP A 618 28.40 -13.93 15.67
CA ASP A 618 29.64 -14.62 15.29
C ASP A 618 29.55 -15.41 13.97
N GLU A 619 28.42 -15.30 13.28
CA GLU A 619 28.26 -15.92 11.95
C GLU A 619 29.05 -15.15 10.92
N TRP A 620 29.65 -15.87 9.97
CA TRP A 620 30.45 -15.20 8.94
C TRP A 620 29.62 -14.25 8.02
N ILE A 621 28.41 -14.68 7.69
CA ILE A 621 27.49 -13.86 6.88
C ILE A 621 27.19 -12.53 7.61
N TYR A 622 26.99 -12.59 8.92
CA TYR A 622 26.75 -11.42 9.74
C TYR A 622 27.95 -10.47 9.69
N HIS A 623 29.16 -11.02 9.85
CA HIS A 623 30.40 -10.22 9.82
C HIS A 623 30.62 -9.57 8.44
N ARG A 624 30.37 -10.33 7.39
CA ARG A 624 30.63 -9.87 6.03
C ARG A 624 29.64 -8.80 5.56
N LEU A 625 28.40 -8.88 6.05
CA LEU A 625 27.28 -8.05 5.57
C LEU A 625 26.61 -7.30 6.73
N SER A 626 27.30 -6.27 7.23
CA SER A 626 26.78 -5.43 8.32
C SER A 626 25.44 -4.75 7.93
N PHE A 627 25.27 -4.47 6.62
CA PHE A 627 24.07 -3.75 6.14
C PHE A 627 22.77 -4.44 6.55
N MET A 628 22.84 -5.76 6.77
CA MET A 628 21.66 -6.53 7.16
C MET A 628 21.05 -6.13 8.51
N ASP A 629 21.85 -5.58 9.42
CA ASP A 629 21.42 -5.51 10.83
C ASP A 629 20.98 -4.13 11.34
N LYS A 630 21.06 -3.11 10.48
CA LYS A 630 20.54 -1.80 10.79
C LYS A 630 19.72 -1.32 9.59
N GLN A 631 18.69 -0.52 9.86
CA GLN A 631 17.78 -0.09 8.80
C GLN A 631 18.11 1.28 8.19
N LEU A 632 18.86 2.11 8.92
CA LEU A 632 19.24 3.43 8.44
C LEU A 632 20.75 3.58 8.58
N TRP A 633 21.37 4.06 7.50
CA TRP A 633 22.79 4.38 7.44
C TRP A 633 22.88 5.72 6.75
N VAL A 634 23.83 6.57 7.17
CA VAL A 634 24.10 7.81 6.47
C VAL A 634 25.62 7.96 6.37
N THR A 635 26.12 8.19 5.16
CA THR A 635 27.56 8.27 4.90
C THR A 635 27.85 9.55 4.16
N ARG A 636 29.12 9.92 4.09
CA ARG A 636 29.54 11.05 3.27
C ARG A 636 29.62 10.60 1.81
N TYR A 637 29.13 11.45 0.89
CA TYR A 637 29.19 11.17 -0.53
C TYR A 637 30.60 10.81 -1.01
N HIS A 638 30.70 9.68 -1.70
CA HIS A 638 31.93 9.24 -2.39
C HIS A 638 31.50 8.44 -3.63
N PRO A 639 31.93 8.83 -4.85
CA PRO A 639 31.42 8.18 -6.07
C PRO A 639 31.75 6.69 -6.19
N GLY A 640 32.79 6.24 -5.49
CA GLY A 640 33.13 4.83 -5.40
C GLY A 640 32.52 4.01 -4.29
N GLU A 641 31.59 4.58 -3.51
CA GLU A 641 30.94 3.80 -2.44
C GLU A 641 29.48 3.64 -2.85
N ARG A 642 29.20 2.49 -3.44
CA ARG A 642 27.93 2.25 -4.13
C ARG A 642 27.13 1.06 -3.64
N PHE A 643 27.78 0.10 -3.01
CA PHE A 643 27.16 -1.19 -2.77
C PHE A 643 27.24 -1.52 -1.30
N PRO A 644 26.09 -1.82 -0.66
CA PRO A 644 26.10 -2.08 0.77
C PRO A 644 26.87 -3.34 1.18
N GLU A 645 26.95 -4.31 0.27
CA GLU A 645 27.72 -5.54 0.44
C GLU A 645 29.18 -5.46 0.01
N GLY A 646 29.59 -4.31 -0.54
CA GLY A 646 30.93 -4.12 -1.08
C GLY A 646 30.99 -4.44 -2.57
N LYS A 647 32.06 -3.98 -3.20
CA LYS A 647 32.23 -4.15 -4.65
C LYS A 647 32.38 -5.61 -5.07
N TYR A 648 33.19 -6.40 -4.35
CA TYR A 648 33.43 -7.81 -4.70
C TYR A 648 33.09 -8.73 -3.56
N PRO A 649 31.78 -8.97 -3.36
CA PRO A 649 31.33 -9.74 -2.21
C PRO A 649 31.44 -11.26 -2.30
N ASN A 650 31.79 -11.82 -3.46
CA ASN A 650 31.90 -13.27 -3.58
C ASN A 650 33.14 -13.75 -2.77
N ARG A 651 32.86 -14.59 -1.77
CA ARG A 651 33.87 -15.11 -0.85
C ARG A 651 34.64 -14.01 -0.12
N SER A 652 33.97 -12.89 0.14
CA SER A 652 34.59 -11.77 0.84
C SER A 652 34.97 -12.24 2.26
N THR A 653 36.12 -11.77 2.74
CA THR A 653 36.62 -12.16 4.06
C THR A 653 36.27 -11.14 5.14
N HIS A 654 35.90 -9.94 4.71
CA HIS A 654 35.46 -8.90 5.64
C HIS A 654 34.49 -7.96 4.92
N ASP A 655 33.84 -7.09 5.67
CA ASP A 655 32.85 -6.16 5.11
C ASP A 655 33.57 -5.03 4.38
N THR A 656 33.47 -4.99 3.04
CA THR A 656 34.01 -3.85 2.26
C THR A 656 32.92 -2.92 1.78
N GLY A 657 31.71 -3.13 2.26
CA GLY A 657 30.58 -2.26 1.97
C GLY A 657 30.30 -1.28 3.11
N LEU A 658 29.05 -1.25 3.54
CA LEU A 658 28.59 -0.25 4.52
C LEU A 658 29.33 -0.33 5.88
N GLY A 659 29.78 -1.53 6.25
CA GLY A 659 30.66 -1.72 7.44
C GLY A 659 31.92 -0.87 7.33
N GLN A 660 32.51 -0.81 6.14
CA GLN A 660 33.70 0.00 5.85
C GLN A 660 33.30 1.47 5.63
N TYR A 661 32.27 1.73 4.82
CA TYR A 661 31.93 3.12 4.51
C TYR A 661 31.56 3.96 5.74
N SER A 662 30.95 3.35 6.75
CA SER A 662 30.42 4.08 7.91
C SER A 662 31.35 3.98 9.13
N LYS A 663 32.48 3.33 8.95
CA LYS A 663 33.40 3.00 10.03
C LYS A 663 34.02 4.23 10.69
N ASP A 664 34.51 5.16 9.88
CA ASP A 664 35.32 6.26 10.39
C ASP A 664 34.48 7.40 10.96
N ASN A 665 35.09 8.12 11.91
CA ASN A 665 34.49 9.26 12.56
C ASN A 665 34.82 10.47 11.70
N GLU A 666 33.97 10.72 10.71
CA GLU A 666 33.99 11.96 9.95
C GLU A 666 32.61 12.58 10.15
N SER A 667 32.52 13.89 9.96
CA SER A 667 31.31 14.63 10.27
C SER A 667 30.19 14.42 9.23
N LEU A 668 28.97 14.23 9.72
CA LEU A 668 27.77 14.40 8.86
C LEU A 668 27.12 15.77 9.00
N ASP A 669 27.78 16.72 9.67
CA ASP A 669 27.17 18.02 9.86
C ASP A 669 27.34 18.91 8.64
N ASN A 670 26.21 19.33 8.06
CA ASN A 670 26.20 20.28 6.94
C ASN A 670 27.13 19.87 5.80
N THR A 671 26.91 18.67 5.26
CA THR A 671 27.81 18.13 4.25
C THR A 671 26.99 17.22 3.33
N ASP A 672 27.63 16.75 2.26
CA ASP A 672 26.95 15.92 1.27
C ASP A 672 26.79 14.50 1.84
N ALA A 673 25.54 14.17 2.15
CA ALA A 673 25.21 12.88 2.73
C ALA A 673 24.58 11.95 1.71
N VAL A 674 24.71 10.65 1.99
CA VAL A 674 24.07 9.58 1.23
C VAL A 674 23.34 8.71 2.26
N VAL A 675 22.05 8.49 2.02
CA VAL A 675 21.22 7.71 2.88
C VAL A 675 21.13 6.29 2.33
N TRP A 676 21.19 5.29 3.19
CA TRP A 676 21.00 3.90 2.77
C TRP A 676 19.92 3.32 3.65
N MET A 677 18.93 2.66 3.05
CA MET A 677 17.82 2.14 3.80
C MET A 677 17.84 0.65 3.64
N THR A 678 17.83 -0.08 4.74
CA THR A 678 17.72 -1.55 4.70
C THR A 678 16.34 -1.89 5.15
N THR A 679 15.63 -2.68 4.35
CA THR A 679 14.33 -3.19 4.77
C THR A 679 14.27 -4.68 4.49
N GLY A 680 13.72 -5.44 5.42
CA GLY A 680 13.64 -6.85 5.17
C GLY A 680 12.50 -7.56 5.84
N THR A 681 12.30 -8.79 5.39
CA THR A 681 11.26 -9.65 5.93
C THR A 681 11.90 -10.93 6.45
N THR A 682 11.23 -11.60 7.37
CA THR A 682 11.54 -12.96 7.78
C THR A 682 10.43 -13.83 7.20
N HIS A 683 10.79 -14.64 6.23
CA HIS A 683 9.84 -15.41 5.48
C HIS A 683 9.70 -16.81 6.10
N VAL A 684 8.63 -17.00 6.86
CA VAL A 684 8.19 -18.33 7.29
C VAL A 684 7.09 -18.75 6.33
N ALA A 685 7.28 -19.90 5.71
CA ALA A 685 6.48 -20.35 4.60
C ALA A 685 5.10 -20.93 4.99
N ARG A 686 4.20 -20.94 4.03
CA ARG A 686 2.91 -21.59 4.18
C ARG A 686 2.46 -22.23 2.87
N ALA A 687 1.46 -23.11 2.97
CA ALA A 687 0.96 -23.87 1.83
C ALA A 687 0.42 -22.98 0.70
N GLU A 688 -0.08 -21.81 1.06
CA GLU A 688 -0.62 -20.84 0.10
C GLU A 688 0.46 -20.30 -0.86
N GLU A 689 1.72 -20.55 -0.55
CA GLU A 689 2.85 -20.04 -1.36
C GLU A 689 3.49 -21.09 -2.26
N TRP A 690 2.85 -22.25 -2.40
CA TRP A 690 3.43 -23.40 -3.10
C TRP A 690 2.37 -23.98 -4.06
N PRO A 691 2.69 -24.21 -5.34
CA PRO A 691 4.03 -24.20 -5.93
C PRO A 691 4.58 -22.84 -6.35
N ILE A 692 3.75 -21.82 -6.29
CA ILE A 692 4.20 -20.46 -6.66
C ILE A 692 3.68 -19.46 -5.63
N MET A 693 4.52 -18.46 -5.32
CA MET A 693 4.27 -17.55 -4.20
C MET A 693 3.54 -16.30 -4.64
N PRO A 694 2.32 -16.08 -4.12
CA PRO A 694 1.68 -14.80 -4.43
C PRO A 694 2.54 -13.64 -3.99
N THR A 695 2.58 -12.60 -4.82
CA THR A 695 3.51 -11.48 -4.62
C THR A 695 3.33 -10.85 -3.25
N GLU A 696 4.42 -10.75 -2.50
CA GLU A 696 4.46 -10.12 -1.18
C GLU A 696 5.24 -8.82 -1.30
N TRP A 697 4.85 -7.80 -0.56
CA TRP A 697 5.44 -6.46 -0.73
C TRP A 697 5.97 -5.89 0.57
N VAL A 698 7.01 -5.07 0.45
CA VAL A 698 7.48 -4.19 1.53
C VAL A 698 7.51 -2.76 0.98
N HIS A 699 7.32 -1.78 1.88
CA HIS A 699 7.15 -0.38 1.51
C HIS A 699 8.13 0.48 2.25
N THR A 700 8.65 1.49 1.56
CA THR A 700 9.47 2.52 2.18
C THR A 700 9.00 3.86 1.64
N LEU A 701 9.37 4.95 2.32
CA LEU A 701 8.90 6.28 1.94
C LEU A 701 9.95 7.34 2.25
N LEU A 702 9.93 8.37 1.39
CA LEU A 702 10.67 9.61 1.57
C LEU A 702 9.61 10.71 1.45
N LYS A 703 9.38 11.46 2.53
CA LYS A 703 8.31 12.46 2.56
C LYS A 703 8.89 13.87 2.76
N PRO A 704 8.43 14.84 1.98
CA PRO A 704 8.87 16.21 2.25
C PRO A 704 8.37 16.64 3.64
N TRP A 705 9.26 17.27 4.41
CA TRP A 705 9.02 17.65 5.78
C TRP A 705 9.43 19.11 5.92
N ASN A 706 8.44 20.01 5.90
CA ASN A 706 8.68 21.45 5.79
C ASN A 706 9.59 21.83 4.65
N PHE A 707 9.60 21.00 3.59
CA PHE A 707 10.28 21.33 2.35
C PHE A 707 9.48 22.39 1.65
N PHE A 708 8.14 22.27 1.72
CA PHE A 708 7.23 23.24 1.13
C PHE A 708 6.67 24.15 2.22
N ASP A 709 5.86 25.11 1.81
CA ASP A 709 5.21 26.05 2.73
C ASP A 709 3.74 25.74 3.01
N GLU A 710 3.18 24.82 2.26
CA GLU A 710 1.76 24.51 2.32
C GLU A 710 1.52 23.22 1.54
N THR A 711 0.28 22.75 1.60
CA THR A 711 -0.18 21.61 0.79
C THR A 711 0.42 21.77 -0.64
N PRO A 712 1.20 20.80 -1.10
CA PRO A 712 1.87 21.03 -2.40
C PRO A 712 1.02 20.84 -3.64
N THR A 713 -0.15 20.19 -3.48
CA THR A 713 -1.07 19.88 -4.58
C THR A 713 -2.29 20.81 -4.68
N LEU A 714 -2.31 21.92 -3.93
CA LEU A 714 -3.39 22.91 -4.06
C LEU A 714 -3.40 23.60 -5.41
N GLY A 715 -2.21 23.80 -5.97
CA GLY A 715 -2.08 24.38 -7.29
C GLY A 715 -1.48 25.76 -7.16
N ALA A 716 -1.09 26.31 -8.30
CA ALA A 716 -0.52 27.66 -8.35
C ALA A 716 -1.61 28.67 -8.01
N LEU A 717 -1.19 29.78 -7.42
CA LEU A 717 -2.10 30.89 -7.14
C LEU A 717 -2.52 31.60 -8.43
N LYS A 718 -3.80 31.96 -8.54
CA LYS A 718 -4.24 32.91 -9.56
C LYS A 718 -3.57 34.28 -9.34
N HIS B 1 -42.51 14.36 -26.03
CA HIS B 1 -41.72 15.23 -25.11
C HIS B 1 -40.29 14.71 -25.01
N MET B 2 -39.32 15.63 -25.03
CA MET B 2 -37.92 15.25 -25.00
C MET B 2 -37.09 16.25 -24.20
N VAL B 3 -36.01 15.73 -23.59
CA VAL B 3 -35.20 16.48 -22.62
C VAL B 3 -33.79 16.62 -23.16
N PRO B 4 -33.04 17.65 -22.72
CA PRO B 4 -31.65 17.79 -23.17
C PRO B 4 -30.76 16.70 -22.56
N MET B 5 -30.18 15.87 -23.41
CA MET B 5 -29.49 14.66 -22.97
C MET B 5 -28.40 14.92 -21.95
N ASP B 6 -27.53 15.90 -22.26
CA ASP B 6 -26.35 16.19 -21.45
C ASP B 6 -26.72 16.60 -20.03
N LYS B 7 -27.63 17.57 -19.91
CA LYS B 7 -28.08 18.05 -18.61
C LYS B 7 -28.78 16.96 -17.79
N THR B 8 -29.73 16.26 -18.40
CA THR B 8 -30.50 15.20 -17.72
C THR B 8 -29.61 14.05 -17.22
N LEU B 9 -28.67 13.61 -18.04
CA LEU B 9 -27.76 12.53 -17.65
C LEU B 9 -26.84 12.97 -16.50
N LYS B 10 -26.38 14.23 -16.53
CA LYS B 10 -25.58 14.78 -15.43
C LYS B 10 -26.36 14.91 -14.11
N GLU B 11 -27.62 15.35 -14.17
CA GLU B 11 -28.52 15.35 -12.98
C GLU B 11 -28.50 13.95 -12.38
N PHE B 12 -28.75 12.97 -13.24
CA PHE B 12 -28.81 11.54 -12.90
C PHE B 12 -27.51 10.96 -12.36
N GLY B 13 -26.37 11.61 -12.61
CA GLY B 13 -25.08 11.17 -12.07
C GLY B 13 -24.28 10.29 -13.02
N ALA B 14 -24.66 10.25 -14.29
CA ALA B 14 -23.88 9.54 -15.31
C ALA B 14 -22.75 10.41 -15.85
N ASP B 15 -21.64 9.78 -16.22
CA ASP B 15 -20.54 10.40 -16.97
C ASP B 15 -20.97 10.37 -18.46
N VAL B 16 -20.87 11.49 -19.16
CA VAL B 16 -21.27 11.60 -20.57
C VAL B 16 -20.07 12.01 -21.41
N GLN B 17 -19.62 11.14 -22.33
CA GLN B 17 -18.52 11.46 -23.24
C GLN B 17 -19.03 11.44 -24.68
N TRP B 18 -18.67 12.49 -25.42
CA TRP B 18 -19.02 12.60 -26.81
C TRP B 18 -17.77 12.47 -27.63
N ASP B 19 -17.80 11.57 -28.61
CA ASP B 19 -16.71 11.39 -29.57
C ASP B 19 -17.18 11.86 -30.95
N ASP B 20 -16.66 13.01 -31.36
CA ASP B 20 -17.05 13.64 -32.61
C ASP B 20 -16.59 12.88 -33.85
N TYR B 21 -15.47 12.20 -33.76
CA TYR B 21 -14.96 11.43 -34.88
C TYR B 21 -15.84 10.18 -35.09
N ALA B 22 -16.14 9.49 -34.01
CA ALA B 22 -16.94 8.25 -34.07
C ALA B 22 -18.44 8.54 -34.11
N GLN B 23 -18.86 9.79 -33.84
CA GLN B 23 -20.26 10.17 -33.68
C GLN B 23 -20.94 9.26 -32.64
N LEU B 24 -20.29 9.17 -31.47
CA LEU B 24 -20.62 8.17 -30.46
C LEU B 24 -20.62 8.80 -29.08
N PHE B 25 -21.73 8.61 -28.37
CA PHE B 25 -21.79 8.86 -26.94
C PHE B 25 -21.38 7.61 -26.15
N THR B 26 -20.56 7.81 -25.13
CA THR B 26 -20.29 6.78 -24.14
C THR B 26 -20.83 7.31 -22.82
N LEU B 27 -21.73 6.55 -22.21
CA LEU B 27 -22.37 6.94 -20.96
C LEU B 27 -22.07 5.88 -19.90
N ILE B 28 -21.62 6.33 -18.72
CA ILE B 28 -21.20 5.42 -17.65
C ILE B 28 -21.88 5.80 -16.35
N LYS B 29 -22.58 4.85 -15.73
CA LYS B 29 -23.00 4.98 -14.34
C LYS B 29 -23.04 3.67 -13.61
N ASP B 30 -22.15 3.54 -12.61
CA ASP B 30 -22.12 2.34 -11.78
C ASP B 30 -21.80 1.16 -12.72
N GLY B 31 -22.59 0.09 -12.69
CA GLY B 31 -22.33 -1.08 -13.49
C GLY B 31 -22.70 -0.99 -14.98
N ALA B 32 -23.24 0.14 -15.42
CA ALA B 32 -23.72 0.32 -16.81
C ALA B 32 -22.69 1.08 -17.62
N TYR B 33 -22.28 0.44 -18.71
CA TYR B 33 -21.40 1.06 -19.71
C TYR B 33 -22.19 1.06 -21.02
N VAL B 34 -22.57 2.25 -21.48
CA VAL B 34 -23.54 2.43 -22.57
C VAL B 34 -22.89 3.11 -23.75
N LYS B 35 -23.13 2.58 -24.95
CA LYS B 35 -22.72 3.23 -26.21
C LYS B 35 -23.98 3.56 -27.02
N VAL B 36 -24.09 4.79 -27.50
CA VAL B 36 -25.24 5.17 -28.32
C VAL B 36 -24.84 6.22 -29.34
N LYS B 37 -25.23 5.99 -30.59
CA LYS B 37 -25.03 6.95 -31.69
C LYS B 37 -26.31 7.72 -31.96
N PRO B 38 -26.20 9.04 -32.22
CA PRO B 38 -27.37 9.83 -32.65
C PRO B 38 -28.05 9.15 -33.82
N GLY B 39 -29.38 9.12 -33.78
CA GLY B 39 -30.16 8.52 -34.85
C GLY B 39 -30.23 7.00 -34.87
N ALA B 40 -29.40 6.31 -34.07
CA ALA B 40 -29.39 4.86 -34.06
C ALA B 40 -30.66 4.37 -33.34
N GLN B 41 -31.21 3.27 -33.83
CA GLN B 41 -32.42 2.68 -33.23
C GLN B 41 -32.05 1.59 -32.20
N THR B 42 -30.74 1.44 -31.96
CA THR B 42 -30.18 0.52 -30.99
C THR B 42 -29.12 1.24 -30.16
N ALA B 43 -29.07 0.95 -28.87
CA ALA B 43 -27.91 1.31 -28.02
C ALA B 43 -27.25 0.02 -27.54
N ILE B 44 -26.03 0.14 -27.03
CA ILE B 44 -25.33 -1.01 -26.46
C ILE B 44 -25.18 -0.79 -24.96
N VAL B 45 -25.63 -1.77 -24.16
CA VAL B 45 -25.51 -1.71 -22.69
C VAL B 45 -24.71 -2.94 -22.26
N ASN B 46 -23.49 -2.73 -21.72
CA ASN B 46 -22.64 -3.82 -21.28
C ASN B 46 -22.46 -4.90 -22.37
N GLY B 47 -22.26 -4.43 -23.60
CA GLY B 47 -21.99 -5.28 -24.74
C GLY B 47 -23.21 -5.88 -25.43
N GLN B 48 -24.41 -5.56 -24.94
CA GLN B 48 -25.66 -6.16 -25.44
C GLN B 48 -26.56 -5.13 -26.08
N PRO B 49 -27.22 -5.50 -27.20
CA PRO B 49 -28.05 -4.51 -27.89
C PRO B 49 -29.36 -4.28 -27.20
N LEU B 50 -29.78 -3.02 -27.20
CA LEU B 50 -31.06 -2.59 -26.67
C LEU B 50 -31.76 -1.78 -27.74
N ALA B 51 -32.98 -2.20 -28.08
CA ALA B 51 -33.82 -1.44 -29.02
C ALA B 51 -34.28 -0.16 -28.37
N LEU B 52 -34.20 0.92 -29.13
CA LEU B 52 -34.69 2.23 -28.76
C LEU B 52 -35.83 2.57 -29.74
N GLN B 53 -36.98 2.90 -29.19
CA GLN B 53 -38.09 3.33 -30.02
C GLN B 53 -37.80 4.77 -30.53
N VAL B 54 -37.43 5.66 -29.60
CA VAL B 54 -36.98 7.04 -29.86
C VAL B 54 -35.42 7.21 -29.88
N PRO B 55 -34.79 7.29 -31.06
CA PRO B 55 -33.34 7.53 -31.12
C PRO B 55 -32.87 8.83 -30.50
N VAL B 56 -31.60 8.87 -30.10
CA VAL B 56 -30.99 10.11 -29.64
C VAL B 56 -31.01 11.05 -30.85
N VAL B 57 -31.43 12.29 -30.62
CA VAL B 57 -31.56 13.30 -31.68
C VAL B 57 -30.50 14.36 -31.45
N MET B 58 -29.70 14.62 -32.47
CA MET B 58 -28.76 15.73 -32.47
C MET B 58 -29.40 16.86 -33.28
N LYS B 59 -29.28 18.09 -32.78
CA LYS B 59 -29.82 19.27 -33.47
C LYS B 59 -29.08 20.53 -33.01
N ASP B 60 -28.39 21.17 -33.95
CA ASP B 60 -27.53 22.34 -33.68
C ASP B 60 -26.47 22.02 -32.62
N ASN B 61 -25.71 20.96 -32.88
CA ASN B 61 -24.68 20.44 -31.95
C ASN B 61 -25.21 20.17 -30.52
N LYS B 62 -26.48 19.75 -30.42
CA LYS B 62 -27.12 19.49 -29.12
C LYS B 62 -28.00 18.23 -29.11
N ALA B 63 -27.71 17.32 -28.19
CA ALA B 63 -28.38 16.03 -28.13
C ALA B 63 -29.61 16.11 -27.26
N TRP B 64 -30.67 15.44 -27.70
CA TRP B 64 -31.92 15.32 -26.95
C TRP B 64 -32.32 13.85 -26.91
N VAL B 65 -32.91 13.44 -25.79
CA VAL B 65 -33.51 12.09 -25.66
C VAL B 65 -34.93 12.19 -25.12
N SER B 66 -35.69 11.12 -25.31
CA SER B 66 -36.99 10.99 -24.67
C SER B 66 -36.86 11.02 -23.17
N ASP B 67 -37.96 11.38 -22.50
CA ASP B 67 -37.99 11.43 -21.05
C ASP B 67 -38.10 10.05 -20.39
N THR B 68 -38.26 8.99 -21.19
CA THR B 68 -38.10 7.62 -20.68
C THR B 68 -36.69 7.01 -20.94
N PHE B 69 -35.81 7.73 -21.63
CA PHE B 69 -34.51 7.18 -22.06
C PHE B 69 -33.71 6.66 -20.87
N ILE B 70 -33.60 7.47 -19.83
CA ILE B 70 -32.79 7.11 -18.67
C ILE B 70 -33.28 5.81 -18.06
N ASN B 71 -34.59 5.70 -17.83
CA ASN B 71 -35.14 4.47 -17.28
C ASN B 71 -35.02 3.29 -18.27
N ASP B 72 -35.27 3.54 -19.55
CA ASP B 72 -35.22 2.47 -20.57
C ASP B 72 -33.84 1.82 -20.67
N VAL B 73 -32.79 2.65 -20.59
CA VAL B 73 -31.42 2.20 -20.77
C VAL B 73 -30.79 1.63 -19.50
N PHE B 74 -30.74 2.46 -18.46
CA PHE B 74 -30.05 2.12 -17.21
C PHE B 74 -30.79 1.10 -16.35
N GLN B 75 -32.11 1.05 -16.44
CA GLN B 75 -32.91 0.03 -15.74
C GLN B 75 -33.43 -1.05 -16.70
N SER B 76 -32.71 -1.31 -17.79
CA SER B 76 -33.16 -2.26 -18.80
C SER B 76 -33.16 -3.71 -18.32
N GLY B 77 -32.19 -4.06 -17.46
CA GLY B 77 -31.89 -5.46 -17.13
C GLY B 77 -30.60 -5.96 -17.76
N LEU B 78 -30.13 -5.29 -18.81
CA LEU B 78 -28.86 -5.65 -19.42
C LEU B 78 -27.65 -5.29 -18.52
N ASP B 79 -27.82 -4.36 -17.60
CA ASP B 79 -26.83 -4.18 -16.50
C ASP B 79 -27.18 -5.20 -15.43
N GLN B 80 -26.39 -6.24 -15.30
CA GLN B 80 -26.71 -7.34 -14.40
C GLN B 80 -26.08 -7.18 -13.00
N THR B 81 -25.50 -6.02 -12.71
CA THR B 81 -24.75 -5.83 -11.47
C THR B 81 -25.62 -6.09 -10.22
N PHE B 82 -26.83 -5.53 -10.21
CA PHE B 82 -27.76 -5.68 -9.09
C PHE B 82 -28.85 -6.70 -9.41
N GLN B 83 -29.12 -7.59 -8.47
CA GLN B 83 -30.15 -8.62 -8.63
C GLN B 83 -31.09 -8.56 -7.43
N VAL B 84 -32.33 -9.01 -7.63
CA VAL B 84 -33.34 -8.97 -6.58
C VAL B 84 -33.18 -10.15 -5.67
N GLU B 85 -33.22 -9.87 -4.38
CA GLU B 85 -33.03 -10.90 -3.37
C GLU B 85 -34.31 -11.74 -3.22
N LYS B 86 -34.22 -13.05 -3.38
CA LYS B 86 -35.41 -13.90 -3.28
C LYS B 86 -35.96 -13.93 -1.85
N ARG B 87 -35.18 -14.47 -0.92
CA ARG B 87 -35.56 -14.52 0.51
C ARG B 87 -34.65 -13.58 1.31
N PRO B 88 -35.24 -12.65 2.09
CA PRO B 88 -34.43 -11.66 2.79
C PRO B 88 -33.44 -12.26 3.79
N HIS B 89 -32.22 -11.75 3.76
CA HIS B 89 -31.16 -12.22 4.62
C HIS B 89 -31.51 -11.70 6.03
N PRO B 90 -31.32 -12.54 7.07
CA PRO B 90 -31.66 -12.11 8.45
C PRO B 90 -30.83 -10.94 9.03
N LEU B 91 -29.69 -10.63 8.41
CA LEU B 91 -28.87 -9.48 8.81
C LEU B 91 -29.14 -8.21 8.02
N ASN B 92 -30.09 -8.23 7.08
CA ASN B 92 -30.50 -7.00 6.42
C ASN B 92 -30.82 -5.93 7.46
N ALA B 93 -30.31 -4.73 7.26
CA ALA B 93 -30.57 -3.61 8.15
C ALA B 93 -32.05 -3.31 8.17
N LEU B 94 -32.47 -2.58 9.19
CA LEU B 94 -33.82 -2.07 9.26
C LEU B 94 -34.15 -1.25 8.01
N THR B 95 -35.30 -1.57 7.40
CA THR B 95 -35.83 -0.76 6.31
C THR B 95 -36.42 0.54 6.84
N ALA B 96 -36.71 1.44 5.93
CA ALA B 96 -37.40 2.69 6.27
C ALA B 96 -38.71 2.37 7.02
N ASP B 97 -39.47 1.39 6.52
CA ASP B 97 -40.75 1.01 7.12
C ASP B 97 -40.55 0.42 8.51
N GLU B 98 -39.54 -0.43 8.67
CA GLU B 98 -39.20 -0.97 9.98
C GLU B 98 -38.72 0.10 10.98
N ILE B 99 -37.95 1.08 10.51
CA ILE B 99 -37.56 2.20 11.35
C ILE B 99 -38.80 2.97 11.84
N LYS B 100 -39.67 3.35 10.89
CA LYS B 100 -40.91 4.09 11.24
C LYS B 100 -41.81 3.32 12.21
N GLN B 101 -41.85 2.00 12.05
CA GLN B 101 -42.62 1.10 12.91
C GLN B 101 -42.06 1.04 14.34
N ALA B 102 -40.74 0.92 14.46
CA ALA B 102 -40.09 0.94 15.76
C ALA B 102 -40.34 2.26 16.48
N VAL B 103 -40.33 3.37 15.75
CA VAL B 103 -40.52 4.68 16.34
C VAL B 103 -41.98 4.87 16.76
N GLU B 104 -42.92 4.33 15.97
CA GLU B 104 -44.35 4.29 16.39
C GLU B 104 -44.58 3.44 17.64
N ILE B 105 -43.95 2.28 17.72
CA ILE B 105 -44.14 1.37 18.86
C ILE B 105 -43.68 2.00 20.19
N VAL B 106 -42.50 2.63 20.21
CA VAL B 106 -42.05 3.32 21.44
C VAL B 106 -42.85 4.58 21.74
N LYS B 107 -43.27 5.30 20.70
CA LYS B 107 -44.12 6.48 20.89
C LYS B 107 -45.51 6.11 21.50
N ALA B 108 -45.92 4.84 21.38
CA ALA B 108 -47.17 4.35 22.00
C ALA B 108 -47.08 3.99 23.48
N SER B 109 -45.94 4.25 24.12
CA SER B 109 -45.88 4.21 25.60
C SER B 109 -46.06 5.59 26.19
N ALA B 110 -46.66 5.62 27.39
CA ALA B 110 -46.89 6.87 28.14
C ALA B 110 -45.61 7.58 28.58
N ASP B 111 -44.47 6.89 28.47
CA ASP B 111 -43.18 7.45 28.89
C ASP B 111 -42.52 8.32 27.82
N PHE B 112 -42.95 8.20 26.57
CA PHE B 112 -42.28 8.94 25.49
C PHE B 112 -42.57 10.44 25.63
N LYS B 113 -41.55 11.27 25.45
CA LYS B 113 -41.74 12.71 25.55
C LYS B 113 -41.28 13.42 24.26
N PRO B 114 -41.91 14.53 23.90
CA PRO B 114 -41.63 15.19 22.58
C PRO B 114 -40.20 15.70 22.36
N ASN B 115 -39.42 15.84 23.42
CA ASN B 115 -38.04 16.19 23.28
C ASN B 115 -37.15 14.92 23.14
N THR B 116 -37.76 13.72 23.16
CA THR B 116 -37.00 12.48 23.14
C THR B 116 -36.40 12.27 21.78
N ARG B 117 -35.13 11.89 21.78
CA ARG B 117 -34.37 11.68 20.56
C ARG B 117 -33.88 10.25 20.53
N PHE B 118 -33.40 9.82 19.36
CA PHE B 118 -32.99 8.45 19.16
C PHE B 118 -31.50 8.46 18.82
N THR B 119 -30.69 7.95 19.74
CA THR B 119 -29.23 7.85 19.50
C THR B 119 -28.95 6.71 18.52
N GLU B 120 -29.71 5.62 18.62
CA GLU B 120 -29.57 4.50 17.71
C GLU B 120 -30.86 3.67 17.56
N ILE B 121 -31.21 3.34 16.31
CA ILE B 121 -32.28 2.38 16.00
C ILE B 121 -31.71 1.35 15.04
N SER B 122 -31.50 0.12 15.50
CA SER B 122 -30.78 -0.88 14.73
C SER B 122 -31.36 -2.23 14.98
N LEU B 123 -31.14 -3.13 14.02
CA LEU B 123 -31.53 -4.51 14.14
C LEU B 123 -30.89 -5.10 15.38
N LEU B 124 -31.67 -5.88 16.13
CA LEU B 124 -31.13 -6.56 17.32
C LEU B 124 -30.45 -7.78 16.76
N PRO B 125 -29.19 -8.06 17.22
CA PRO B 125 -28.44 -9.20 16.64
C PRO B 125 -29.25 -10.51 16.73
N PRO B 126 -29.66 -11.09 15.59
CA PRO B 126 -30.31 -12.41 15.63
C PRO B 126 -29.28 -13.48 16.05
N ASP B 127 -29.77 -14.65 16.45
CA ASP B 127 -28.91 -15.70 16.91
C ASP B 127 -27.86 -16.08 15.84
N LYS B 128 -26.58 -16.06 16.22
CA LYS B 128 -25.45 -16.33 15.30
C LYS B 128 -25.54 -17.69 14.63
N GLU B 129 -25.80 -18.74 15.41
CA GLU B 129 -25.91 -20.08 14.84
C GLU B 129 -26.96 -20.13 13.74
N ALA B 130 -28.11 -19.49 13.97
CA ALA B 130 -29.21 -19.48 13.00
C ALA B 130 -28.83 -18.69 11.75
N VAL B 131 -28.11 -17.57 11.93
CA VAL B 131 -27.68 -16.75 10.80
C VAL B 131 -26.74 -17.53 9.91
N TRP B 132 -25.76 -18.22 10.50
CA TRP B 132 -24.85 -19.06 9.72
C TRP B 132 -25.60 -20.18 9.01
N ALA B 133 -26.58 -20.79 9.68
CA ALA B 133 -27.44 -21.81 9.07
C ALA B 133 -28.24 -21.26 7.86
N PHE B 134 -28.69 -20.01 7.94
CA PHE B 134 -29.32 -19.38 6.79
C PHE B 134 -28.31 -19.24 5.64
N ALA B 135 -27.13 -18.72 5.94
CA ALA B 135 -26.12 -18.43 4.92
C ALA B 135 -25.57 -19.70 4.25
N LEU B 136 -25.35 -20.75 5.03
CA LEU B 136 -24.73 -21.98 4.56
C LEU B 136 -25.71 -23.11 4.18
N GLU B 137 -26.87 -23.18 4.82
CA GLU B 137 -27.85 -24.25 4.55
C GLU B 137 -29.20 -23.75 4.04
N ASN B 138 -29.37 -22.43 3.93
CA ASN B 138 -30.68 -21.82 3.65
C ASN B 138 -31.79 -22.24 4.63
N LYS B 139 -31.41 -22.45 5.89
CA LYS B 139 -32.36 -22.72 6.95
C LYS B 139 -33.01 -21.39 7.36
N PRO B 140 -34.35 -21.26 7.26
CA PRO B 140 -34.96 -20.00 7.70
C PRO B 140 -34.77 -19.73 9.19
N VAL B 141 -34.69 -18.45 9.53
CA VAL B 141 -34.54 -18.00 10.91
C VAL B 141 -35.96 -17.90 11.48
N ASP B 142 -36.25 -18.71 12.50
CA ASP B 142 -37.60 -18.74 13.09
C ASP B 142 -37.91 -17.56 14.01
N GLN B 143 -36.90 -16.97 14.65
CA GLN B 143 -37.12 -15.91 15.64
C GLN B 143 -37.62 -14.62 14.97
N PRO B 144 -38.48 -13.83 15.67
CA PRO B 144 -38.97 -12.56 15.10
C PRO B 144 -37.89 -11.47 14.97
N ARG B 145 -37.97 -10.67 13.90
CA ARG B 145 -37.18 -9.44 13.71
C ARG B 145 -37.40 -8.47 14.87
N LYS B 146 -36.32 -8.02 15.50
CA LYS B 146 -36.40 -7.04 16.57
C LYS B 146 -35.47 -5.87 16.32
N ALA B 147 -35.82 -4.70 16.84
CA ALA B 147 -34.97 -3.52 16.79
C ALA B 147 -34.59 -3.11 18.20
N ASP B 148 -33.32 -2.76 18.38
CA ASP B 148 -32.84 -2.04 19.54
C ASP B 148 -33.16 -0.58 19.28
N VAL B 149 -33.82 0.08 20.23
CA VAL B 149 -34.16 1.49 20.12
C VAL B 149 -33.58 2.24 21.33
N ILE B 150 -32.54 3.03 21.09
CA ILE B 150 -31.85 3.69 22.19
C ILE B 150 -32.27 5.13 22.16
N MET B 151 -32.90 5.57 23.25
CA MET B 151 -33.44 6.91 23.35
C MET B 151 -32.68 7.79 24.34
N LEU B 152 -32.65 9.07 24.03
CA LEU B 152 -32.12 10.07 24.93
C LEU B 152 -33.28 10.94 25.35
N ASP B 153 -33.70 10.75 26.61
CA ASP B 153 -34.82 11.51 27.20
C ASP B 153 -34.22 12.64 28.01
N GLY B 154 -34.04 13.78 27.36
CA GLY B 154 -33.29 14.88 27.95
C GLY B 154 -31.81 14.46 28.01
N LYS B 155 -31.37 14.10 29.22
CA LYS B 155 -30.04 13.55 29.45
C LYS B 155 -29.97 12.05 29.76
N HIS B 156 -31.13 11.39 29.89
CA HIS B 156 -31.19 10.00 30.35
C HIS B 156 -31.31 9.05 29.17
N ILE B 157 -30.55 7.96 29.23
CA ILE B 157 -30.54 6.98 28.19
C ILE B 157 -31.55 5.92 28.58
N ILE B 158 -32.35 5.49 27.60
CA ILE B 158 -33.28 4.39 27.80
C ILE B 158 -33.10 3.40 26.64
N GLU B 159 -32.94 2.13 26.95
CA GLU B 159 -32.83 1.12 25.93
C GLU B 159 -34.19 0.43 25.83
N ALA B 160 -34.82 0.53 24.66
CA ALA B 160 -36.04 -0.25 24.36
C ALA B 160 -35.74 -1.32 23.32
N VAL B 161 -36.43 -2.45 23.44
CA VAL B 161 -36.43 -3.49 22.42
C VAL B 161 -37.87 -3.60 21.90
N VAL B 162 -38.02 -3.60 20.58
CA VAL B 162 -39.34 -3.76 19.93
C VAL B 162 -39.32 -4.99 19.04
N ASP B 163 -40.42 -5.73 19.08
CA ASP B 163 -40.63 -6.89 18.21
C ASP B 163 -41.37 -6.36 16.98
N LEU B 164 -40.76 -6.49 15.80
CA LEU B 164 -41.34 -5.93 14.58
C LEU B 164 -42.34 -6.86 13.91
N GLN B 165 -42.13 -8.17 14.02
CA GLN B 165 -43.06 -9.17 13.48
C GLN B 165 -44.45 -9.00 14.13
N ASN B 166 -44.46 -8.88 15.46
CA ASN B 166 -45.68 -8.83 16.27
C ASN B 166 -46.14 -7.42 16.65
N ASN B 167 -45.32 -6.42 16.31
CA ASN B 167 -45.65 -5.00 16.49
C ASN B 167 -45.84 -4.60 17.98
N LYS B 168 -44.93 -5.04 18.84
CA LYS B 168 -45.04 -4.76 20.28
C LYS B 168 -43.72 -4.37 20.94
N LEU B 169 -43.84 -3.65 22.05
CA LEU B 169 -42.71 -3.28 22.88
C LEU B 169 -42.35 -4.44 23.78
N LEU B 170 -41.11 -4.94 23.70
CA LEU B 170 -40.67 -6.05 24.57
C LEU B 170 -39.97 -5.60 25.87
N SER B 171 -39.37 -4.41 25.87
CA SER B 171 -38.67 -3.92 27.07
C SER B 171 -38.38 -2.43 26.98
N TRP B 172 -38.19 -1.81 28.14
CA TRP B 172 -38.02 -0.37 28.29
C TRP B 172 -37.18 -0.13 29.55
N GLN B 173 -35.87 0.10 29.38
CA GLN B 173 -34.92 0.00 30.50
C GLN B 173 -34.08 1.27 30.60
N PRO B 174 -34.29 2.07 31.66
CA PRO B 174 -33.38 3.18 31.93
C PRO B 174 -31.98 2.66 32.25
N ILE B 175 -30.97 3.35 31.73
CA ILE B 175 -29.58 2.95 31.94
C ILE B 175 -28.99 4.01 32.86
N LYS B 176 -28.81 3.59 34.11
CA LYS B 176 -28.33 4.45 35.19
C LYS B 176 -26.92 4.93 34.91
N ASP B 177 -26.71 6.23 34.96
CA ASP B 177 -25.37 6.87 34.88
C ASP B 177 -24.81 7.03 33.46
N ALA B 178 -25.40 6.36 32.47
CA ALA B 178 -24.97 6.51 31.07
C ALA B 178 -25.27 7.91 30.53
N HIS B 179 -24.29 8.52 29.86
CA HIS B 179 -24.52 9.72 29.08
C HIS B 179 -24.73 9.33 27.60
N GLY B 180 -25.56 10.08 26.92
CA GLY B 180 -25.77 9.91 25.48
C GLY B 180 -24.69 10.53 24.64
N MET B 181 -24.53 9.97 23.42
CA MET B 181 -23.70 10.58 22.40
C MET B 181 -24.19 11.97 21.98
N VAL B 182 -23.33 12.71 21.27
CA VAL B 182 -23.65 13.97 20.69
C VAL B 182 -24.59 13.74 19.50
N LEU B 183 -25.70 14.48 19.46
CA LEU B 183 -26.68 14.36 18.39
C LEU B 183 -26.64 15.59 17.52
N LEU B 184 -27.17 15.46 16.31
CA LEU B 184 -27.05 16.53 15.34
C LEU B 184 -27.58 17.88 15.84
N ASP B 185 -28.70 17.87 16.57
CA ASP B 185 -29.28 19.15 17.05
C ASP B 185 -28.43 19.85 18.12
N ASP B 186 -27.49 19.14 18.74
CA ASP B 186 -26.57 19.73 19.70
C ASP B 186 -25.62 20.72 19.05
N PHE B 187 -25.28 20.51 17.78
CA PHE B 187 -24.43 21.44 17.06
C PHE B 187 -25.12 22.78 16.92
N ALA B 188 -26.39 22.77 16.53
CA ALA B 188 -27.17 24.01 16.42
C ALA B 188 -27.45 24.65 17.77
N SER B 189 -27.72 23.83 18.77
CA SER B 189 -28.00 24.32 20.14
C SER B 189 -26.81 25.08 20.71
N VAL B 190 -25.63 24.49 20.60
CA VAL B 190 -24.41 25.15 21.05
C VAL B 190 -24.20 26.47 20.35
N GLN B 191 -24.37 26.51 19.02
CA GLN B 191 -24.17 27.74 18.27
C GLN B 191 -25.19 28.82 18.69
N ASN B 192 -26.44 28.42 18.83
CA ASN B 192 -27.52 29.30 19.32
C ASN B 192 -27.29 29.84 20.74
N ILE B 193 -26.89 28.96 21.64
CA ILE B 193 -26.63 29.32 23.03
C ILE B 193 -25.50 30.34 23.10
N ILE B 194 -24.41 30.10 22.37
CA ILE B 194 -23.32 31.07 22.28
C ILE B 194 -23.77 32.40 21.67
N ASN B 195 -24.56 32.35 20.60
CA ASN B 195 -25.07 33.58 19.96
C ASN B 195 -25.92 34.43 20.90
N ASN B 196 -26.61 33.79 21.83
CA ASN B 196 -27.47 34.49 22.81
C ASN B 196 -26.78 34.90 24.12
N SER B 197 -25.49 34.56 24.31
CA SER B 197 -24.79 34.85 25.57
C SER B 197 -24.16 36.23 25.55
N GLU B 198 -24.66 37.08 26.43
CA GLU B 198 -24.06 38.40 26.64
C GLU B 198 -22.60 38.24 27.11
N GLU B 199 -22.38 37.34 28.06
CA GLU B 199 -21.06 37.12 28.64
C GLU B 199 -20.07 36.64 27.57
N PHE B 200 -20.50 35.68 26.76
CA PHE B 200 -19.64 35.17 25.69
C PHE B 200 -19.28 36.25 24.67
N ALA B 201 -20.24 37.08 24.28
CA ALA B 201 -19.96 38.16 23.32
C ALA B 201 -18.94 39.16 23.85
N ALA B 202 -19.00 39.43 25.17
CA ALA B 202 -18.03 40.31 25.83
C ALA B 202 -16.62 39.69 25.82
N ALA B 203 -16.55 38.39 26.18
CA ALA B 203 -15.28 37.64 26.16
C ALA B 203 -14.62 37.66 24.78
N VAL B 204 -15.43 37.41 23.77
CA VAL B 204 -15.00 37.47 22.37
C VAL B 204 -14.54 38.87 21.97
N LYS B 205 -15.26 39.91 22.40
CA LYS B 205 -14.85 41.29 22.08
C LYS B 205 -13.46 41.66 22.62
N LYS B 206 -13.15 41.21 23.84
CA LYS B 206 -11.82 41.42 24.45
C LYS B 206 -10.66 40.80 23.65
N ARG B 207 -10.96 39.73 22.91
CA ARG B 207 -9.96 39.06 22.07
C ARG B 207 -9.90 39.57 20.63
N GLY B 208 -10.33 40.82 20.40
CA GLY B 208 -10.19 41.45 19.09
C GLY B 208 -11.33 41.28 18.10
N ILE B 209 -12.31 40.44 18.40
CA ILE B 209 -13.40 40.17 17.44
C ILE B 209 -14.45 41.28 17.49
N THR B 210 -14.57 42.02 16.39
CA THR B 210 -15.52 43.14 16.27
C THR B 210 -16.98 42.69 16.03
N ASP B 211 -17.18 41.58 15.32
CA ASP B 211 -18.53 41.02 15.02
C ASP B 211 -18.71 39.59 15.57
N ALA B 212 -19.40 39.48 16.70
CA ALA B 212 -19.65 38.19 17.36
C ALA B 212 -20.53 37.22 16.54
N LYS B 213 -21.33 37.73 15.61
CA LYS B 213 -22.12 36.86 14.73
C LYS B 213 -21.26 36.06 13.75
N LYS B 214 -19.99 36.42 13.57
CA LYS B 214 -19.05 35.64 12.73
C LYS B 214 -18.30 34.52 13.45
N VAL B 215 -18.67 34.25 14.72
CA VAL B 215 -18.04 33.19 15.50
C VAL B 215 -18.70 31.85 15.21
N ILE B 216 -17.87 30.87 14.85
CA ILE B 216 -18.33 29.50 14.59
C ILE B 216 -17.90 28.63 15.75
N THR B 217 -18.85 27.90 16.32
CA THR B 217 -18.60 27.01 17.42
C THR B 217 -18.40 25.58 16.94
N THR B 218 -17.69 24.77 17.73
CA THR B 218 -17.57 23.34 17.48
C THR B 218 -17.79 22.64 18.82
N PRO B 219 -18.66 21.63 18.89
CA PRO B 219 -18.94 20.94 20.15
C PRO B 219 -17.98 19.78 20.41
N LEU B 220 -17.44 19.73 21.64
CA LEU B 220 -16.54 18.65 22.07
C LEU B 220 -17.04 18.00 23.32
N THR B 221 -16.85 16.69 23.42
CA THR B 221 -17.14 16.04 24.67
C THR B 221 -16.03 16.40 25.68
N VAL B 222 -16.41 16.36 26.94
CA VAL B 222 -15.55 16.91 28.03
C VAL B 222 -14.71 15.85 28.73
N GLY B 223 -15.01 14.58 28.53
CA GLY B 223 -14.27 13.50 29.18
C GLY B 223 -14.57 13.46 30.66
N TYR B 224 -13.62 12.93 31.41
CA TYR B 224 -13.77 12.77 32.87
C TYR B 224 -12.42 12.99 33.54
N PHE B 225 -12.41 13.80 34.60
CA PHE B 225 -11.17 14.15 35.32
C PHE B 225 -11.35 14.11 36.86
N ASP B 226 -12.30 13.29 37.35
CA ASP B 226 -12.59 13.17 38.79
C ASP B 226 -12.67 14.57 39.43
N GLY B 227 -13.40 15.47 38.77
CA GLY B 227 -13.64 16.79 39.29
C GLY B 227 -12.58 17.84 39.09
N LYS B 228 -11.37 17.48 38.60
CA LYS B 228 -10.33 18.50 38.35
C LYS B 228 -10.67 19.52 37.29
N ASP B 229 -11.58 19.14 36.36
CA ASP B 229 -12.10 20.07 35.36
C ASP B 229 -13.21 20.98 35.92
N GLY B 230 -13.70 20.64 37.11
CA GLY B 230 -14.70 21.44 37.83
C GLY B 230 -16.10 21.26 37.27
N LEU B 231 -16.40 20.05 36.78
CA LEU B 231 -17.63 19.80 36.02
C LEU B 231 -18.41 18.70 36.70
N LYS B 232 -19.69 18.97 36.94
CA LYS B 232 -20.54 18.05 37.67
C LYS B 232 -20.79 16.83 36.78
N GLN B 233 -20.75 15.65 37.36
CA GLN B 233 -20.81 14.38 36.61
C GLN B 233 -22.20 14.00 36.05
N ASP B 234 -23.26 14.42 36.73
CA ASP B 234 -24.63 14.05 36.31
C ASP B 234 -25.22 14.90 35.16
N ALA B 235 -24.61 16.07 34.86
CA ALA B 235 -25.15 17.01 33.89
C ALA B 235 -24.74 16.65 32.44
N ARG B 236 -25.63 16.92 31.48
CA ARG B 236 -25.32 16.78 30.05
C ARG B 236 -24.55 18.02 29.56
N LEU B 237 -23.24 17.87 29.44
CA LEU B 237 -22.37 18.98 29.10
C LEU B 237 -21.62 18.75 27.80
N LEU B 238 -21.32 19.84 27.12
CA LEU B 238 -20.35 19.85 26.06
C LEU B 238 -19.48 21.07 26.21
N LYS B 239 -18.21 20.93 25.80
CA LYS B 239 -17.33 22.09 25.65
C LYS B 239 -17.36 22.60 24.23
N VAL B 240 -17.07 23.89 24.11
CA VAL B 240 -17.26 24.63 22.90
C VAL B 240 -16.02 25.46 22.62
N ILE B 241 -15.38 25.16 21.50
CA ILE B 241 -14.21 25.86 20.99
C ILE B 241 -14.69 26.72 19.83
N SER B 242 -14.09 27.89 19.67
CA SER B 242 -14.56 28.85 18.69
C SER B 242 -13.51 29.30 17.70
N TYR B 243 -14.01 29.65 16.52
CA TYR B 243 -13.24 30.08 15.38
C TYR B 243 -13.94 31.29 14.75
N LEU B 244 -13.18 32.09 14.00
CA LEU B 244 -13.69 33.26 13.32
C LEU B 244 -13.91 32.97 11.84
N ASP B 245 -15.11 33.23 11.36
CA ASP B 245 -15.43 33.12 9.94
C ASP B 245 -14.97 34.39 9.25
N VAL B 246 -13.96 34.25 8.39
CA VAL B 246 -13.45 35.37 7.59
C VAL B 246 -13.85 35.28 6.13
N GLY B 247 -14.72 34.32 5.77
CA GLY B 247 -15.24 34.21 4.41
C GLY B 247 -14.34 33.45 3.44
N ASP B 248 -13.43 32.64 3.96
CA ASP B 248 -12.52 31.84 3.11
C ASP B 248 -12.96 30.39 3.01
N GLY B 249 -14.08 30.04 3.63
CA GLY B 249 -14.59 28.66 3.67
C GLY B 249 -13.87 27.75 4.64
N ASN B 250 -12.91 28.31 5.38
CA ASN B 250 -12.05 27.54 6.26
C ASN B 250 -11.97 28.23 7.61
N TYR B 251 -13.02 28.12 8.41
CA TYR B 251 -13.01 28.73 9.74
C TYR B 251 -11.96 28.07 10.64
N TRP B 252 -11.65 26.80 10.36
CA TRP B 252 -10.62 26.06 11.09
C TRP B 252 -9.26 26.74 11.14
N ALA B 253 -8.99 27.60 10.15
CA ALA B 253 -7.76 28.35 10.07
C ALA B 253 -7.73 29.62 10.93
N HIS B 254 -8.76 29.87 11.75
CA HIS B 254 -8.86 31.15 12.50
C HIS B 254 -9.30 30.88 13.92
N PRO B 255 -8.46 30.17 14.69
CA PRO B 255 -8.83 29.84 16.04
C PRO B 255 -8.88 31.08 16.96
N ILE B 256 -9.83 31.07 17.88
CA ILE B 256 -9.91 32.04 18.98
C ILE B 256 -9.36 31.26 20.18
N GLU B 257 -8.07 31.44 20.41
CA GLU B 257 -7.36 30.57 21.35
C GLU B 257 -7.58 30.95 22.80
N ASN B 258 -7.65 29.93 23.66
CA ASN B 258 -7.80 30.08 25.11
C ASN B 258 -9.17 30.63 25.55
N LEU B 259 -10.22 30.36 24.78
CA LEU B 259 -11.62 30.64 25.17
C LEU B 259 -12.44 29.36 25.00
N VAL B 260 -12.95 28.83 26.10
CA VAL B 260 -13.75 27.62 26.13
C VAL B 260 -15.06 27.90 26.87
N ALA B 261 -16.19 27.62 26.25
CA ALA B 261 -17.47 27.68 26.98
C ALA B 261 -17.92 26.27 27.29
N VAL B 262 -18.45 26.07 28.48
CA VAL B 262 -19.07 24.81 28.86
C VAL B 262 -20.56 25.06 28.79
N VAL B 263 -21.27 24.23 28.01
CA VAL B 263 -22.70 24.37 27.80
C VAL B 263 -23.42 23.20 28.45
N ASP B 264 -24.47 23.52 29.21
CA ASP B 264 -25.40 22.52 29.74
C ASP B 264 -26.54 22.47 28.74
N LEU B 265 -26.72 21.30 28.15
CA LEU B 265 -27.69 21.11 27.08
C LEU B 265 -29.15 20.97 27.59
N GLU B 266 -29.35 20.57 28.84
CA GLU B 266 -30.70 20.54 29.44
C GLU B 266 -31.17 21.97 29.75
N GLN B 267 -30.36 22.72 30.47
CA GLN B 267 -30.66 24.14 30.75
C GLN B 267 -30.56 25.06 29.54
N LYS B 268 -29.88 24.63 28.48
CA LYS B 268 -29.59 25.48 27.32
C LYS B 268 -28.93 26.80 27.73
N LYS B 269 -27.89 26.69 28.52
CA LYS B 269 -27.14 27.86 28.98
C LYS B 269 -25.64 27.53 29.09
N ILE B 270 -24.79 28.57 28.94
CA ILE B 270 -23.37 28.48 29.27
C ILE B 270 -23.24 28.46 30.77
N VAL B 271 -22.69 27.38 31.33
CA VAL B 271 -22.54 27.27 32.78
C VAL B 271 -21.14 27.63 33.28
N LYS B 272 -20.21 27.86 32.35
CA LYS B 272 -18.82 28.20 32.68
C LYS B 272 -18.11 28.70 31.44
N ILE B 273 -17.36 29.79 31.57
CA ILE B 273 -16.50 30.30 30.53
C ILE B 273 -15.06 30.23 31.09
N GLU B 274 -14.20 29.42 30.46
CA GLU B 274 -12.79 29.33 30.83
C GLU B 274 -11.99 30.21 29.89
N GLU B 275 -11.19 31.10 30.46
CA GLU B 275 -10.52 32.14 29.69
C GLU B 275 -9.04 32.14 30.02
N GLY B 276 -8.19 32.10 28.99
CA GLY B 276 -6.75 32.14 29.17
C GLY B 276 -6.23 33.38 28.48
N PRO B 277 -4.90 33.46 28.27
CA PRO B 277 -4.33 34.67 27.66
C PRO B 277 -4.85 34.96 26.27
N VAL B 278 -4.81 36.24 25.92
CA VAL B 278 -5.31 36.71 24.64
C VAL B 278 -4.27 36.48 23.55
N VAL B 279 -4.67 35.76 22.49
CA VAL B 279 -3.84 35.52 21.32
C VAL B 279 -4.62 36.01 20.11
N PRO B 280 -4.09 37.00 19.39
CA PRO B 280 -4.79 37.51 18.22
C PRO B 280 -5.19 36.40 17.24
N VAL B 281 -6.40 36.51 16.68
CA VAL B 281 -6.88 35.50 15.76
C VAL B 281 -6.04 35.55 14.49
N PRO B 282 -5.55 34.38 14.02
CA PRO B 282 -4.89 34.36 12.73
C PRO B 282 -5.93 34.68 11.66
N MET B 283 -5.69 35.72 10.87
CA MET B 283 -6.72 36.31 10.00
C MET B 283 -6.56 35.98 8.52
N THR B 284 -5.35 35.62 8.07
CA THR B 284 -5.07 35.44 6.65
C THR B 284 -5.99 34.38 6.02
N ALA B 285 -6.50 34.67 4.84
CA ALA B 285 -7.41 33.75 4.14
C ALA B 285 -6.61 32.50 3.75
N ARG B 286 -7.15 31.34 4.09
N ARG B 286 -7.15 31.34 4.09
CA ARG B 286 -6.52 30.05 3.79
CA ARG B 286 -6.52 30.05 3.77
C ARG B 286 -7.55 29.08 3.23
C ARG B 286 -7.56 29.08 3.23
N PRO B 287 -8.17 29.41 2.09
CA PRO B 287 -9.14 28.49 1.46
C PRO B 287 -8.48 27.18 1.01
N PHE B 288 -9.20 26.08 1.14
CA PHE B 288 -8.74 24.79 0.61
C PHE B 288 -9.55 24.34 -0.62
N ASP B 289 -10.53 25.13 -1.08
CA ASP B 289 -11.46 24.66 -2.12
C ASP B 289 -11.06 25.04 -3.54
N GLY B 290 -9.90 25.66 -3.68
CA GLY B 290 -9.39 26.05 -4.97
C GLY B 290 -9.82 27.40 -5.49
N ARG B 291 -10.57 28.18 -4.72
CA ARG B 291 -11.10 29.46 -5.20
C ARG B 291 -9.99 30.44 -5.63
N ASP B 292 -8.84 30.34 -4.97
CA ASP B 292 -7.67 31.19 -5.25
C ASP B 292 -6.60 30.50 -6.11
N ARG B 293 -6.93 29.33 -6.68
CA ARG B 293 -5.94 28.51 -7.41
C ARG B 293 -6.30 28.36 -8.88
N VAL B 294 -5.28 28.15 -9.70
CA VAL B 294 -5.46 27.82 -11.10
C VAL B 294 -5.90 26.36 -11.21
N ALA B 295 -6.89 26.10 -12.07
CA ALA B 295 -7.40 24.75 -12.29
C ALA B 295 -6.36 23.92 -13.06
N PRO B 296 -6.16 22.65 -12.64
CA PRO B 296 -5.13 21.88 -13.36
C PRO B 296 -5.55 21.53 -14.81
N ALA B 297 -4.59 21.58 -15.73
CA ALA B 297 -4.73 20.97 -17.06
C ALA B 297 -4.22 19.55 -16.89
N VAL B 298 -5.11 18.58 -17.09
CA VAL B 298 -4.80 17.18 -16.82
C VAL B 298 -5.45 16.31 -17.91
N LYS B 299 -4.69 15.38 -18.48
CA LYS B 299 -5.27 14.50 -19.49
C LYS B 299 -6.15 13.42 -18.84
N PRO B 300 -7.23 13.01 -19.53
CA PRO B 300 -8.13 12.05 -18.94
C PRO B 300 -7.50 10.68 -18.73
N MET B 301 -7.95 10.02 -17.69
CA MET B 301 -7.66 8.61 -17.47
C MET B 301 -8.95 8.01 -16.99
N GLN B 302 -9.37 6.91 -17.61
CA GLN B 302 -10.59 6.23 -17.19
C GLN B 302 -10.28 4.76 -16.99
N ILE B 303 -10.90 4.18 -15.96
CA ILE B 303 -10.87 2.74 -15.74
C ILE B 303 -12.25 2.26 -16.14
N ILE B 304 -12.31 1.41 -17.16
CA ILE B 304 -13.59 1.00 -17.76
C ILE B 304 -13.76 -0.49 -17.74
N GLU B 305 -15.01 -0.90 -17.52
CA GLU B 305 -15.39 -2.30 -17.51
C GLU B 305 -16.58 -2.40 -18.47
N PRO B 306 -16.28 -2.49 -19.78
CA PRO B 306 -17.38 -2.29 -20.76
C PRO B 306 -18.38 -3.44 -20.91
N GLU B 307 -18.10 -4.59 -20.33
CA GLU B 307 -19.09 -5.70 -20.30
C GLU B 307 -19.75 -5.89 -18.91
N GLY B 308 -19.56 -4.91 -18.03
CA GLY B 308 -20.09 -4.95 -16.67
C GLY B 308 -19.04 -5.44 -15.69
N LYS B 309 -19.51 -5.75 -14.48
CA LYS B 309 -18.64 -6.09 -13.35
C LYS B 309 -18.54 -7.59 -13.13
N ASN B 310 -17.50 -8.00 -12.41
CA ASN B 310 -17.35 -9.42 -12.03
C ASN B 310 -18.06 -9.75 -10.73
N TYR B 311 -18.58 -8.75 -10.04
CA TYR B 311 -19.32 -8.95 -8.81
C TYR B 311 -20.80 -8.78 -9.09
N THR B 312 -21.62 -9.44 -8.28
CA THR B 312 -23.07 -9.29 -8.31
C THR B 312 -23.54 -8.92 -6.91
N ILE B 313 -24.44 -7.93 -6.82
CA ILE B 313 -24.98 -7.43 -5.58
C ILE B 313 -26.46 -7.84 -5.54
N THR B 314 -26.77 -8.82 -4.69
CA THR B 314 -28.12 -9.36 -4.59
C THR B 314 -28.69 -8.96 -3.23
N GLY B 315 -29.53 -7.94 -3.22
CA GLY B 315 -29.94 -7.26 -2.00
C GLY B 315 -28.70 -6.60 -1.41
N ASP B 316 -28.28 -7.07 -0.24
CA ASP B 316 -27.04 -6.62 0.37
C ASP B 316 -25.92 -7.66 0.31
N MET B 317 -26.14 -8.77 -0.41
N MET B 317 -26.14 -8.77 -0.39
CA MET B 317 -25.16 -9.87 -0.55
CA MET B 317 -25.15 -9.80 -0.52
C MET B 317 -24.25 -9.65 -1.75
C MET B 317 -24.27 -9.44 -1.71
N ILE B 318 -22.95 -9.52 -1.50
CA ILE B 318 -21.98 -9.32 -2.55
C ILE B 318 -21.33 -10.65 -2.89
N HIS B 319 -21.30 -10.98 -4.17
CA HIS B 319 -20.66 -12.19 -4.66
C HIS B 319 -19.56 -11.75 -5.63
N TRP B 320 -18.37 -12.29 -5.41
CA TRP B 320 -17.19 -11.91 -6.20
C TRP B 320 -16.14 -12.97 -6.15
N ARG B 321 -15.94 -13.65 -7.28
CA ARG B 321 -14.97 -14.74 -7.38
C ARG B 321 -15.30 -15.80 -6.33
N ASN B 322 -14.38 -16.14 -5.45
CA ASN B 322 -14.69 -17.10 -4.37
C ASN B 322 -15.33 -16.51 -3.10
N TRP B 323 -15.46 -15.20 -3.05
CA TRP B 323 -16.00 -14.53 -1.88
C TRP B 323 -17.52 -14.36 -1.93
N ASP B 324 -18.16 -14.55 -0.79
CA ASP B 324 -19.52 -14.11 -0.56
C ASP B 324 -19.61 -13.45 0.79
N PHE B 325 -20.28 -12.32 0.84
CA PHE B 325 -20.53 -11.62 2.09
C PHE B 325 -21.71 -10.70 2.05
N HIS B 326 -22.21 -10.35 3.24
CA HIS B 326 -23.33 -9.46 3.44
C HIS B 326 -22.81 -8.10 3.94
N LEU B 327 -23.30 -7.03 3.35
CA LEU B 327 -22.83 -5.70 3.66
C LEU B 327 -23.99 -4.85 4.14
N SER B 328 -23.91 -4.34 5.36
CA SER B 328 -24.96 -3.49 5.92
C SER B 328 -24.36 -2.27 6.59
N MET B 329 -25.22 -1.30 6.89
CA MET B 329 -24.82 0.00 7.42
C MET B 329 -25.41 0.17 8.83
N ASN B 330 -24.59 0.67 9.76
CA ASN B 330 -24.99 0.96 11.14
C ASN B 330 -24.67 2.42 11.39
N SER B 331 -25.54 3.12 12.14
CA SER B 331 -25.37 4.56 12.35
C SER B 331 -24.15 4.96 13.21
N ARG B 332 -23.71 4.07 14.09
CA ARG B 332 -22.56 4.33 14.95
C ARG B 332 -21.22 4.02 14.23
N VAL B 333 -21.08 2.78 13.75
CA VAL B 333 -19.77 2.30 13.24
C VAL B 333 -19.67 2.18 11.73
N GLY B 334 -20.75 2.48 11.02
CA GLY B 334 -20.75 2.36 9.56
C GLY B 334 -20.89 0.96 9.01
N PRO B 335 -20.06 0.58 8.03
CA PRO B 335 -20.27 -0.70 7.34
C PRO B 335 -19.94 -1.92 8.16
N MET B 336 -20.76 -2.93 7.99
CA MET B 336 -20.60 -4.21 8.66
C MET B 336 -20.56 -5.31 7.61
N PHE B 337 -19.57 -6.19 7.73
CA PHE B 337 -19.26 -7.25 6.76
C PHE B 337 -19.56 -8.54 7.44
N SER B 338 -20.61 -9.23 6.97
CA SER B 338 -21.11 -10.39 7.72
C SER B 338 -21.21 -11.64 6.90
N THR B 339 -21.23 -12.80 7.58
CA THR B 339 -21.32 -14.11 6.95
C THR B 339 -20.38 -14.19 5.74
N VAL B 340 -19.12 -13.90 6.01
CA VAL B 340 -18.08 -13.89 4.99
C VAL B 340 -17.57 -15.31 4.82
N THR B 341 -17.75 -15.87 3.61
CA THR B 341 -17.25 -17.18 3.26
C THR B 341 -16.36 -17.15 2.03
N TYR B 342 -15.53 -18.16 1.91
CA TYR B 342 -14.69 -18.41 0.75
C TYR B 342 -15.05 -19.76 0.16
N ASN B 343 -15.43 -19.74 -1.12
CA ASN B 343 -15.83 -20.96 -1.84
C ASN B 343 -14.58 -21.69 -2.27
N ASP B 344 -14.30 -22.82 -1.61
CA ASP B 344 -13.14 -23.64 -1.87
C ASP B 344 -13.63 -24.86 -2.65
N ASN B 345 -13.55 -24.77 -3.97
CA ASN B 345 -13.93 -25.84 -4.90
C ASN B 345 -15.30 -26.45 -4.60
N GLY B 346 -16.28 -25.57 -4.41
CA GLY B 346 -17.67 -25.91 -4.17
C GLY B 346 -18.16 -25.86 -2.73
N THR B 347 -17.24 -25.93 -1.77
CA THR B 347 -17.61 -25.85 -0.35
C THR B 347 -17.37 -24.44 0.18
N LYS B 348 -18.42 -23.75 0.63
CA LYS B 348 -18.28 -22.44 1.26
C LYS B 348 -17.67 -22.64 2.66
N ARG B 349 -16.50 -22.05 2.89
CA ARG B 349 -15.81 -22.15 4.18
C ARG B 349 -15.99 -20.85 4.93
N LYS B 350 -16.31 -20.95 6.22
CA LYS B 350 -16.44 -19.77 7.07
C LYS B 350 -15.09 -19.09 7.18
N VAL B 351 -15.13 -17.77 7.07
CA VAL B 351 -13.95 -16.94 7.40
C VAL B 351 -14.31 -15.96 8.52
N MET B 352 -15.39 -15.20 8.37
CA MET B 352 -15.74 -14.15 9.35
C MET B 352 -17.23 -13.98 9.51
N TYR B 353 -17.73 -14.12 10.74
CA TYR B 353 -19.15 -13.91 10.99
C TYR B 353 -19.57 -12.44 10.90
N GLU B 354 -18.82 -11.56 11.54
CA GLU B 354 -19.07 -10.12 11.48
C GLU B 354 -17.73 -9.42 11.66
N GLY B 355 -17.49 -8.42 10.82
CA GLY B 355 -16.35 -7.51 10.95
C GLY B 355 -16.82 -6.10 10.71
N SER B 356 -16.28 -5.16 11.50
CA SER B 356 -16.61 -3.76 11.35
C SER B 356 -15.56 -2.93 12.07
N LEU B 357 -15.60 -1.62 11.88
CA LEU B 357 -14.97 -0.73 12.84
C LEU B 357 -15.52 -1.03 14.25
N GLY B 358 -14.63 -1.12 15.23
CA GLY B 358 -15.03 -1.22 16.65
C GLY B 358 -15.26 0.16 17.18
N GLY B 359 -14.21 0.97 17.08
CA GLY B 359 -14.31 2.36 17.45
C GLY B 359 -12.96 3.01 17.20
N MET B 360 -12.91 4.31 17.40
CA MET B 360 -11.69 5.02 17.21
C MET B 360 -11.56 6.22 18.14
N ILE B 361 -10.33 6.70 18.30
CA ILE B 361 -10.07 7.89 19.04
C ILE B 361 -8.94 8.73 18.48
N VAL B 362 -9.13 10.04 18.51
CA VAL B 362 -8.11 11.02 18.16
C VAL B 362 -7.85 11.90 19.38
N PRO B 363 -6.89 11.49 20.25
CA PRO B 363 -6.55 12.27 21.46
C PRO B 363 -5.35 13.21 21.29
N TYR B 364 -5.46 14.40 21.88
CA TYR B 364 -4.46 15.45 21.73
C TYR B 364 -3.47 15.50 22.88
N GLY B 365 -2.37 16.22 22.65
CA GLY B 365 -1.19 16.13 23.51
C GLY B 365 -0.83 17.40 24.26
N ASP B 366 -1.69 18.42 24.17
CA ASP B 366 -1.41 19.78 24.67
C ASP B 366 -2.22 19.98 25.96
N PRO B 367 -1.56 20.49 27.05
CA PRO B 367 -2.24 20.61 28.34
C PRO B 367 -3.07 21.91 28.52
N ASP B 368 -3.06 22.81 27.54
CA ASP B 368 -3.66 24.13 27.68
C ASP B 368 -5.20 24.08 27.73
N ILE B 369 -5.82 25.19 28.14
CA ILE B 369 -7.25 25.16 28.48
C ILE B 369 -8.18 24.70 27.33
N GLY B 370 -7.82 25.05 26.10
CA GLY B 370 -8.56 24.66 24.89
C GLY B 370 -8.32 23.21 24.43
N TRP B 371 -7.37 22.50 25.06
CA TRP B 371 -6.85 21.23 24.54
C TRP B 371 -6.84 20.05 25.50
N TYR B 372 -6.69 20.29 26.81
CA TYR B 372 -6.35 19.19 27.73
C TYR B 372 -7.35 18.04 27.76
N PHE B 373 -8.60 18.37 27.47
CA PHE B 373 -9.74 17.45 27.52
C PHE B 373 -10.05 16.87 26.12
N LYS B 374 -9.34 17.34 25.09
CA LYS B 374 -9.77 17.15 23.70
C LYS B 374 -9.39 15.79 23.22
N ALA B 375 -10.42 14.99 22.96
CA ALA B 375 -10.26 13.66 22.39
C ALA B 375 -11.57 13.27 21.66
N TYR B 376 -11.47 13.11 20.35
CA TYR B 376 -12.61 12.70 19.53
C TYR B 376 -12.77 11.20 19.53
N LEU B 377 -13.85 10.70 20.13
CA LEU B 377 -14.25 9.30 19.99
C LEU B 377 -15.26 9.33 18.85
N ASP B 378 -14.73 9.21 17.64
CA ASP B 378 -15.49 9.65 16.46
C ASP B 378 -16.75 8.83 16.28
N SER B 379 -16.67 7.51 16.40
CA SER B 379 -17.85 6.69 16.23
C SER B 379 -18.75 6.69 17.48
N GLY B 380 -18.17 6.44 18.66
CA GLY B 380 -18.95 6.36 19.88
C GLY B 380 -19.65 7.64 20.30
N ASP B 381 -18.96 8.75 20.22
CA ASP B 381 -19.52 10.05 20.65
C ASP B 381 -20.24 10.83 19.55
N TYR B 382 -19.97 10.56 18.26
CA TYR B 382 -20.56 11.36 17.19
C TYR B 382 -21.38 10.60 16.15
N GLY B 383 -21.22 9.27 16.06
CA GLY B 383 -21.98 8.45 15.10
C GLY B 383 -21.46 8.55 13.69
N MET B 384 -20.43 7.77 13.38
CA MET B 384 -19.76 7.87 12.10
C MET B 384 -20.64 7.44 10.94
N GLY B 385 -21.51 6.44 11.14
CA GLY B 385 -22.47 6.05 10.08
C GLY B 385 -23.39 7.21 9.72
N THR B 386 -23.94 7.87 10.73
CA THR B 386 -24.72 9.08 10.54
C THR B 386 -24.00 10.16 9.78
N LEU B 387 -22.70 10.32 10.05
CA LEU B 387 -21.89 11.36 9.43
C LEU B 387 -21.14 10.89 8.18
N THR B 388 -21.60 9.78 7.59
CA THR B 388 -21.10 9.34 6.31
C THR B 388 -21.04 10.48 5.30
N SER B 389 -19.92 10.57 4.60
CA SER B 389 -19.72 11.57 3.58
C SER B 389 -19.94 10.91 2.21
N PRO B 390 -21.00 11.33 1.50
CA PRO B 390 -21.24 10.75 0.15
C PRO B 390 -19.99 10.81 -0.75
N ILE B 391 -19.73 9.69 -1.40
CA ILE B 391 -18.56 9.54 -2.27
C ILE B 391 -18.64 10.50 -3.46
N ALA B 392 -17.58 11.28 -3.68
CA ALA B 392 -17.48 12.10 -4.88
C ALA B 392 -17.01 11.20 -6.02
N ARG B 393 -17.96 10.90 -6.93
CA ARG B 393 -17.76 9.96 -8.02
C ARG B 393 -16.48 10.26 -8.82
N GLY B 394 -15.63 9.25 -9.02
CA GLY B 394 -14.35 9.42 -9.75
C GLY B 394 -13.17 10.07 -9.02
N LYS B 395 -13.41 10.65 -7.84
CA LYS B 395 -12.36 11.29 -7.07
C LYS B 395 -12.08 10.55 -5.76
N ASP B 396 -13.12 10.39 -4.95
CA ASP B 396 -13.01 9.67 -3.71
C ASP B 396 -12.97 8.16 -3.94
N ALA B 397 -13.40 7.72 -5.13
CA ALA B 397 -13.27 6.35 -5.56
C ALA B 397 -13.01 6.38 -7.05
N PRO B 398 -12.43 5.30 -7.61
CA PRO B 398 -12.11 5.37 -9.04
C PRO B 398 -13.36 5.34 -9.92
N SER B 399 -13.14 5.76 -11.19
CA SER B 399 -14.19 5.89 -12.22
C SER B 399 -14.95 4.59 -12.49
N ASN B 400 -14.39 3.43 -12.13
CA ASN B 400 -15.08 2.14 -12.29
C ASN B 400 -15.81 1.64 -11.06
N ALA B 401 -16.02 2.48 -10.05
CA ALA B 401 -16.76 2.06 -8.86
C ALA B 401 -18.27 2.03 -9.08
N VAL B 402 -18.93 1.19 -8.28
CA VAL B 402 -20.38 1.19 -8.08
C VAL B 402 -20.66 1.84 -6.72
N LEU B 403 -21.56 2.83 -6.68
CA LEU B 403 -21.83 3.57 -5.45
C LEU B 403 -23.18 3.15 -4.88
N LEU B 404 -23.17 2.72 -3.62
CA LEU B 404 -24.39 2.25 -2.94
C LEU B 404 -25.00 3.31 -2.06
N ASN B 405 -26.33 3.34 -2.05
CA ASN B 405 -27.06 4.17 -1.11
C ASN B 405 -27.35 3.30 0.10
N GLU B 406 -27.42 3.93 1.28
CA GLU B 406 -27.71 3.19 2.50
C GLU B 406 -28.68 3.97 3.38
N THR B 407 -29.54 3.23 4.08
CA THR B 407 -30.60 3.83 4.89
C THR B 407 -30.40 3.55 6.38
N ILE B 408 -30.43 4.62 7.17
CA ILE B 408 -30.40 4.53 8.64
C ILE B 408 -31.47 5.45 9.19
N ALA B 409 -31.66 5.41 10.51
CA ALA B 409 -32.55 6.35 11.22
C ALA B 409 -31.78 7.59 11.63
N ASP B 410 -32.34 8.78 11.38
CA ASP B 410 -31.82 10.03 11.96
C ASP B 410 -32.22 10.16 13.44
N TYR B 411 -31.76 11.24 14.09
CA TYR B 411 -31.93 11.37 15.56
C TYR B 411 -33.38 11.61 16.02
N THR B 412 -34.27 12.00 15.10
CA THR B 412 -35.73 12.12 15.37
C THR B 412 -36.50 10.87 15.00
N GLY B 413 -35.82 9.83 14.53
CA GLY B 413 -36.46 8.57 14.20
C GLY B 413 -37.01 8.48 12.78
N VAL B 414 -36.67 9.47 11.95
CA VAL B 414 -37.07 9.54 10.54
C VAL B 414 -35.99 8.82 9.71
N PRO B 415 -36.38 7.89 8.81
CA PRO B 415 -35.39 7.32 7.87
C PRO B 415 -34.64 8.36 7.09
N MET B 416 -33.39 8.03 6.81
CA MET B 416 -32.49 8.94 6.17
C MET B 416 -31.72 8.09 5.14
N GLU B 417 -31.85 8.42 3.86
CA GLU B 417 -31.10 7.68 2.83
C GLU B 417 -29.81 8.44 2.56
N ILE B 418 -28.69 7.78 2.78
CA ILE B 418 -27.39 8.39 2.50
C ILE B 418 -27.01 8.04 1.04
N PRO B 419 -26.92 9.03 0.16
CA PRO B 419 -26.58 8.74 -1.22
C PRO B 419 -25.09 8.44 -1.34
N ARG B 420 -24.71 7.48 -2.19
CA ARG B 420 -23.28 7.20 -2.45
C ARG B 420 -22.52 6.98 -1.13
N ALA B 421 -23.15 6.21 -0.23
CA ALA B 421 -22.62 5.96 1.10
C ALA B 421 -21.39 5.07 1.10
N ILE B 422 -21.35 4.12 0.17
CA ILE B 422 -20.30 3.11 0.08
C ILE B 422 -19.91 2.91 -1.37
N ALA B 423 -18.59 2.87 -1.65
CA ALA B 423 -18.13 2.50 -2.98
C ALA B 423 -17.65 1.05 -3.01
N VAL B 424 -18.01 0.32 -4.08
CA VAL B 424 -17.50 -1.00 -4.34
C VAL B 424 -16.73 -0.95 -5.66
N PHE B 425 -15.50 -1.43 -5.69
CA PHE B 425 -14.75 -1.44 -6.93
C PHE B 425 -13.70 -2.52 -7.00
N GLU B 426 -13.55 -3.09 -8.20
CA GLU B 426 -12.48 -4.02 -8.49
C GLU B 426 -11.29 -3.19 -8.94
N ARG B 427 -10.09 -3.56 -8.52
CA ARG B 427 -8.89 -2.88 -9.02
C ARG B 427 -7.77 -3.86 -9.32
N TYR B 428 -6.99 -3.49 -10.34
CA TYR B 428 -5.76 -4.14 -10.68
C TYR B 428 -4.78 -3.84 -9.57
N ALA B 429 -4.03 -4.84 -9.10
CA ALA B 429 -3.11 -4.69 -7.99
C ALA B 429 -1.78 -5.38 -8.20
N GLY B 430 -1.26 -5.25 -9.43
CA GLY B 430 0.09 -5.74 -9.77
C GLY B 430 -0.05 -7.21 -10.16
N PRO B 431 1.06 -7.91 -10.36
CA PRO B 431 0.95 -9.34 -10.65
C PRO B 431 0.52 -10.11 -9.41
N GLU B 432 -0.41 -11.04 -9.56
CA GLU B 432 -0.76 -11.94 -8.45
C GLU B 432 0.41 -12.86 -8.10
N TYR B 433 1.02 -13.43 -9.13
CA TYR B 433 2.32 -14.07 -9.04
C TYR B 433 3.02 -14.03 -10.40
N LYS B 434 4.31 -14.32 -10.37
CA LYS B 434 5.13 -14.37 -11.55
C LYS B 434 6.30 -15.31 -11.35
N HIS B 435 6.62 -16.07 -12.39
CA HIS B 435 7.92 -16.65 -12.49
C HIS B 435 8.42 -16.68 -13.93
N GLN B 436 9.56 -16.04 -14.15
CA GLN B 436 10.27 -16.04 -15.43
C GLN B 436 11.47 -16.97 -15.28
N GLU B 437 11.26 -18.26 -15.53
CA GLU B 437 12.36 -19.22 -15.52
C GLU B 437 13.27 -18.92 -16.68
N MET B 438 14.56 -18.93 -16.42
CA MET B 438 15.56 -18.58 -17.42
C MET B 438 15.39 -19.48 -18.65
N GLY B 439 15.28 -18.86 -19.81
CA GLY B 439 15.14 -19.58 -21.07
C GLY B 439 13.79 -20.21 -21.37
N GLN B 440 12.76 -19.92 -20.56
CA GLN B 440 11.46 -20.52 -20.74
C GLN B 440 10.45 -19.44 -20.96
N PRO B 441 9.21 -19.84 -21.37
CA PRO B 441 8.14 -18.86 -21.43
C PRO B 441 7.83 -18.29 -20.04
N ASN B 442 7.53 -16.99 -19.99
CA ASN B 442 7.08 -16.37 -18.77
C ASN B 442 5.78 -16.96 -18.23
N VAL B 443 5.62 -16.90 -16.90
CA VAL B 443 4.35 -17.10 -16.25
C VAL B 443 4.01 -15.88 -15.39
N SER B 444 2.92 -15.20 -15.72
CA SER B 444 2.41 -14.07 -14.92
C SER B 444 0.90 -14.13 -14.91
N THR B 445 0.29 -13.77 -13.79
CA THR B 445 -1.15 -13.53 -13.74
C THR B 445 -1.39 -12.20 -13.04
N GLU B 446 -2.50 -11.55 -13.36
CA GLU B 446 -2.80 -10.28 -12.72
C GLU B 446 -3.56 -10.46 -11.42
N ARG B 447 -3.27 -9.58 -10.47
CA ARG B 447 -3.98 -9.56 -9.20
C ARG B 447 -5.15 -8.63 -9.29
N ARG B 448 -6.28 -9.10 -8.78
CA ARG B 448 -7.44 -8.30 -8.60
C ARG B 448 -7.86 -8.27 -7.14
N GLU B 449 -8.18 -7.07 -6.68
CA GLU B 449 -8.74 -6.82 -5.33
C GLU B 449 -10.11 -6.22 -5.46
N LEU B 450 -11.04 -6.67 -4.62
CA LEU B 450 -12.32 -6.02 -4.48
C LEU B 450 -12.28 -5.12 -3.25
N VAL B 451 -12.47 -3.82 -3.47
CA VAL B 451 -12.45 -2.83 -2.39
C VAL B 451 -13.86 -2.34 -2.06
N VAL B 452 -14.19 -2.29 -0.76
CA VAL B 452 -15.37 -1.65 -0.27
C VAL B 452 -14.90 -0.46 0.57
N ARG B 453 -15.23 0.74 0.10
CA ARG B 453 -14.76 2.00 0.68
C ARG B 453 -15.90 2.83 1.28
N TRP B 454 -15.64 3.39 2.46
CA TRP B 454 -16.59 4.20 3.19
C TRP B 454 -15.85 5.36 3.83
N ILE B 455 -16.45 6.53 3.74
CA ILE B 455 -15.86 7.77 4.25
C ILE B 455 -16.82 8.41 5.25
N SER B 456 -16.28 8.82 6.40
CA SER B 456 -17.05 9.53 7.43
C SER B 456 -16.28 10.77 7.85
N THR B 457 -16.98 11.87 8.05
CA THR B 457 -16.35 13.13 8.41
C THR B 457 -16.93 13.57 9.75
N VAL B 458 -16.07 13.81 10.74
CA VAL B 458 -16.50 14.26 12.06
C VAL B 458 -15.81 15.57 12.34
N GLY B 459 -16.51 16.68 12.11
CA GLY B 459 -15.91 17.99 12.30
C GLY B 459 -14.85 18.30 11.26
N ASN B 460 -13.59 18.34 11.69
CA ASN B 460 -12.47 18.79 10.83
C ASN B 460 -11.85 17.64 10.01
N TYR B 461 -11.93 16.42 10.53
CA TYR B 461 -11.25 15.29 9.91
C TYR B 461 -12.19 14.38 9.10
N ASP B 462 -11.65 13.83 8.02
CA ASP B 462 -12.36 12.91 7.13
C ASP B 462 -11.64 11.57 7.12
N TYR B 463 -12.35 10.48 7.44
CA TYR B 463 -11.74 9.16 7.56
C TYR B 463 -12.25 8.26 6.46
N ILE B 464 -11.33 7.54 5.84
CA ILE B 464 -11.64 6.61 4.76
C ILE B 464 -11.30 5.22 5.21
N PHE B 465 -12.25 4.29 5.06
CA PHE B 465 -11.98 2.90 5.41
C PHE B 465 -12.15 2.01 4.17
N ASP B 466 -11.13 1.24 3.85
CA ASP B 466 -11.15 0.27 2.75
C ASP B 466 -11.06 -1.14 3.30
N TRP B 467 -12.04 -1.96 2.93
CA TRP B 467 -12.04 -3.35 3.21
C TRP B 467 -11.74 -4.02 1.89
N ILE B 468 -10.62 -4.73 1.85
CA ILE B 468 -10.02 -5.17 0.61
C ILE B 468 -10.02 -6.68 0.56
N PHE B 469 -10.81 -7.24 -0.34
CA PHE B 469 -10.89 -8.68 -0.49
C PHE B 469 -9.99 -9.12 -1.61
N HIS B 470 -8.96 -9.87 -1.27
CA HIS B 470 -8.01 -10.38 -2.28
C HIS B 470 -8.53 -11.67 -2.82
N GLU B 471 -8.31 -11.88 -4.12
CA GLU B 471 -8.72 -13.13 -4.73
C GLU B 471 -8.16 -14.36 -4.03
N ASN B 472 -6.91 -14.26 -3.54
CA ASN B 472 -6.24 -15.39 -2.88
C ASN B 472 -6.62 -15.65 -1.41
N GLY B 473 -7.66 -14.99 -0.89
CA GLY B 473 -8.16 -15.26 0.48
C GLY B 473 -7.72 -14.24 1.53
N THR B 474 -6.74 -13.41 1.20
CA THR B 474 -6.33 -12.33 2.08
C THR B 474 -7.42 -11.29 2.19
N ILE B 475 -7.55 -10.70 3.38
CA ILE B 475 -8.41 -9.53 3.60
C ILE B 475 -7.54 -8.40 4.17
N GLY B 476 -7.55 -7.26 3.48
CA GLY B 476 -6.93 -6.04 3.97
C GLY B 476 -7.93 -5.10 4.61
N ILE B 477 -7.53 -4.36 5.62
CA ILE B 477 -8.33 -3.26 6.16
C ILE B 477 -7.40 -2.08 6.30
N ASP B 478 -7.66 -1.05 5.51
CA ASP B 478 -6.85 0.17 5.51
C ASP B 478 -7.68 1.35 5.98
N ALA B 479 -7.05 2.25 6.73
CA ALA B 479 -7.72 3.45 7.23
C ALA B 479 -6.93 4.64 6.79
N GLY B 480 -7.61 5.56 6.14
CA GLY B 480 -7.01 6.81 5.66
C GLY B 480 -7.56 8.01 6.39
N ALA B 481 -6.74 9.05 6.50
CA ALA B 481 -7.18 10.27 7.18
C ALA B 481 -6.80 11.44 6.32
N THR B 482 -7.74 12.36 6.16
CA THR B 482 -7.51 13.61 5.43
C THR B 482 -8.40 14.66 6.11
N GLY B 483 -8.50 15.84 5.52
CA GLY B 483 -9.28 16.91 6.13
C GLY B 483 -8.40 18.02 6.64
N ILE B 484 -8.87 18.72 7.66
CA ILE B 484 -8.26 20.00 8.09
C ILE B 484 -7.74 19.74 9.51
N GLU B 485 -6.49 20.12 9.75
N GLU B 485 -6.49 20.09 9.77
CA GLU B 485 -5.87 19.99 11.07
CA GLU B 485 -5.93 19.86 11.09
C GLU B 485 -6.62 20.83 12.11
C GLU B 485 -6.55 20.82 12.12
N ALA B 486 -6.65 20.34 13.35
CA ALA B 486 -7.08 21.13 14.50
C ALA B 486 -5.86 21.92 14.95
N VAL B 487 -5.95 23.24 14.89
CA VAL B 487 -4.77 24.07 15.12
C VAL B 487 -4.93 25.04 16.30
N LYS B 488 -3.77 25.44 16.82
CA LYS B 488 -3.67 26.33 17.96
C LYS B 488 -3.21 27.68 17.48
N GLY B 489 -3.91 28.74 17.89
CA GLY B 489 -3.50 30.09 17.57
C GLY B 489 -2.31 30.42 18.47
N VAL B 490 -1.26 30.96 17.88
CA VAL B 490 -0.06 31.32 18.64
C VAL B 490 0.47 32.64 18.16
N LYS B 491 1.37 33.24 18.94
CA LYS B 491 1.95 34.55 18.57
C LYS B 491 3.09 34.50 17.55
N ALA B 492 3.81 33.38 17.49
CA ALA B 492 4.93 33.24 16.55
C ALA B 492 4.44 33.17 15.10
N LYS B 493 5.07 33.98 14.25
CA LYS B 493 4.93 33.86 12.80
C LYS B 493 5.94 32.88 12.19
N THR B 494 7.16 32.88 12.72
CA THR B 494 8.22 31.97 12.32
C THR B 494 8.91 31.45 13.56
N MET B 495 9.79 30.47 13.35
CA MET B 495 10.57 29.88 14.39
C MET B 495 11.66 30.81 14.97
N HIS B 496 11.85 31.97 14.35
CA HIS B 496 12.78 32.97 14.82
C HIS B 496 12.16 33.92 15.86
N ASP B 497 10.85 33.90 16.02
CA ASP B 497 10.17 34.77 16.99
C ASP B 497 10.33 34.33 18.44
N GLU B 498 10.18 35.29 19.35
CA GLU B 498 10.45 35.08 20.77
C GLU B 498 9.67 33.94 21.39
N THR B 499 8.39 33.82 21.05
CA THR B 499 7.53 32.79 21.66
C THR B 499 7.55 31.44 20.94
N ALA B 500 8.37 31.31 19.89
CA ALA B 500 8.32 30.11 19.00
C ALA B 500 8.56 28.80 19.74
N LYS B 501 9.57 28.79 20.59
CA LYS B 501 9.90 27.58 21.34
C LYS B 501 8.76 27.12 22.26
N ASP B 502 8.20 28.05 23.03
CA ASP B 502 7.04 27.73 23.87
C ASP B 502 5.81 27.40 23.02
N ASP B 503 5.59 28.17 21.94
CA ASP B 503 4.45 27.93 21.03
C ASP B 503 4.46 26.55 20.36
N THR B 504 5.65 25.98 20.16
CA THR B 504 5.80 24.68 19.47
C THR B 504 6.16 23.52 20.38
N ARG B 505 6.01 23.70 21.70
CA ARG B 505 6.33 22.63 22.63
C ARG B 505 5.46 21.41 22.37
N TYR B 506 4.21 21.62 21.90
CA TYR B 506 3.24 20.52 21.75
C TYR B 506 2.77 20.34 20.29
N GLY B 507 3.45 20.97 19.36
CA GLY B 507 3.19 20.76 17.94
C GLY B 507 4.00 21.65 17.05
N THR B 508 3.99 21.35 15.76
CA THR B 508 4.77 22.05 14.76
C THR B 508 4.12 23.38 14.34
N LEU B 509 4.96 24.39 14.07
CA LEU B 509 4.49 25.63 13.45
C LEU B 509 4.31 25.40 11.95
N ILE B 510 3.04 25.30 11.52
CA ILE B 510 2.72 24.96 10.13
C ILE B 510 2.22 26.10 9.27
N ASP B 511 1.91 27.24 9.90
CA ASP B 511 1.64 28.49 9.17
C ASP B 511 1.97 29.65 10.12
N HIS B 512 1.93 30.87 9.64
CA HIS B 512 2.09 32.01 10.55
C HIS B 512 0.98 31.96 11.63
N ASN B 513 1.38 32.02 12.91
CA ASN B 513 0.47 32.05 14.05
C ASN B 513 -0.37 30.78 14.21
N ILE B 514 0.05 29.67 13.59
CA ILE B 514 -0.74 28.45 13.57
C ILE B 514 0.12 27.22 13.88
N VAL B 515 -0.24 26.49 14.93
CA VAL B 515 0.46 25.29 15.32
C VAL B 515 -0.45 24.08 15.17
N GLY B 516 0.03 23.07 14.45
CA GLY B 516 -0.67 21.79 14.37
C GLY B 516 -0.36 20.92 15.57
N THR B 517 -1.23 21.01 16.58
CA THR B 517 -1.01 20.31 17.82
C THR B 517 -0.89 18.80 17.65
N THR B 518 0.17 18.23 18.22
CA THR B 518 0.43 16.79 18.14
C THR B 518 -0.69 15.99 18.77
N HIS B 519 -1.00 14.86 18.14
CA HIS B 519 -2.10 14.01 18.58
C HIS B 519 -1.90 12.62 17.97
N GLN B 520 -2.77 11.68 18.30
CA GLN B 520 -2.72 10.36 17.70
C GLN B 520 -4.00 10.10 16.93
N HIS B 521 -3.95 9.19 15.97
CA HIS B 521 -5.15 8.63 15.35
C HIS B 521 -5.13 7.17 15.68
N ILE B 522 -6.13 6.69 16.41
CA ILE B 522 -6.15 5.31 16.87
C ILE B 522 -7.43 4.61 16.45
N TYR B 523 -7.30 3.61 15.59
CA TYR B 523 -8.45 2.88 15.06
C TYR B 523 -8.46 1.51 15.67
N ASN B 524 -9.65 0.99 15.94
CA ASN B 524 -9.77 -0.39 16.39
C ASN B 524 -10.89 -1.08 15.58
N PHE B 525 -10.59 -2.29 15.10
CA PHE B 525 -11.50 -3.11 14.28
C PHE B 525 -11.91 -4.33 15.09
N ARG B 526 -13.21 -4.59 15.13
CA ARG B 526 -13.74 -5.80 15.74
C ARG B 526 -14.02 -6.84 14.67
N LEU B 527 -13.33 -7.96 14.76
CA LEU B 527 -13.33 -8.98 13.74
C LEU B 527 -13.68 -10.34 14.36
N ASP B 528 -14.95 -10.70 14.25
CA ASP B 528 -15.38 -12.02 14.70
C ASP B 528 -15.09 -13.03 13.61
N LEU B 529 -13.80 -13.37 13.48
CA LEU B 529 -13.34 -14.42 12.57
C LEU B 529 -13.86 -15.75 13.12
N ASP B 530 -14.34 -16.61 12.23
CA ASP B 530 -14.69 -17.99 12.52
C ASP B 530 -13.93 -18.79 11.50
N VAL B 531 -12.71 -19.18 11.84
CA VAL B 531 -11.78 -19.75 10.90
C VAL B 531 -12.16 -21.20 10.57
N ASP B 532 -12.90 -21.35 9.48
CA ASP B 532 -13.45 -22.62 9.01
C ASP B 532 -14.32 -23.28 10.07
N GLY B 533 -14.96 -22.46 10.89
CA GLY B 533 -15.70 -22.93 12.05
C GLY B 533 -15.65 -21.97 13.21
N GLU B 534 -16.56 -22.20 14.15
CA GLU B 534 -16.71 -21.44 15.40
C GLU B 534 -15.51 -21.61 16.31
N ASN B 535 -15.10 -22.86 16.51
CA ASN B 535 -14.16 -23.18 17.59
C ASN B 535 -12.71 -23.03 17.13
N ASN B 536 -12.07 -22.00 17.67
CA ASN B 536 -10.73 -21.56 17.29
C ASN B 536 -9.84 -21.35 18.53
N SER B 537 -8.52 -21.31 18.30
CA SER B 537 -7.52 -21.04 19.33
C SER B 537 -6.52 -19.98 18.82
N LEU B 538 -5.96 -19.20 19.73
CA LEU B 538 -4.94 -18.21 19.40
C LEU B 538 -3.57 -18.85 19.56
N VAL B 539 -2.78 -18.83 18.48
CA VAL B 539 -1.47 -19.46 18.48
C VAL B 539 -0.41 -18.41 18.16
N ALA B 540 0.66 -18.40 18.96
CA ALA B 540 1.82 -17.56 18.72
C ALA B 540 2.94 -18.36 18.03
N MET B 541 3.58 -17.74 17.05
CA MET B 541 4.79 -18.27 16.45
C MET B 541 5.81 -17.14 16.44
N ASP B 542 6.84 -17.24 17.28
CA ASP B 542 7.88 -16.22 17.35
C ASP B 542 9.14 -16.72 16.64
N PRO B 543 9.49 -16.12 15.48
CA PRO B 543 10.78 -16.49 14.88
C PRO B 543 11.94 -16.08 15.79
N VAL B 544 12.86 -17.01 16.03
CA VAL B 544 14.01 -16.79 16.90
C VAL B 544 15.30 -17.36 16.33
N VAL B 545 16.42 -16.79 16.76
CA VAL B 545 17.73 -17.30 16.41
C VAL B 545 18.15 -18.21 17.56
N LYS B 546 18.42 -19.48 17.27
CA LYS B 546 18.88 -20.45 18.27
C LYS B 546 20.25 -20.99 17.89
N PRO B 547 21.08 -21.37 18.90
CA PRO B 547 22.35 -22.00 18.58
C PRO B 547 22.19 -23.23 17.71
N ASN B 548 23.14 -23.43 16.82
CA ASN B 548 23.16 -24.58 15.96
C ASN B 548 23.67 -25.78 16.79
N THR B 549 22.86 -26.81 16.94
CA THR B 549 23.29 -28.03 17.61
C THR B 549 23.43 -29.22 16.64
N ALA B 550 23.43 -28.94 15.34
CA ALA B 550 23.38 -29.97 14.31
C ALA B 550 24.71 -30.23 13.65
N GLY B 551 25.75 -29.52 14.04
CA GLY B 551 27.03 -29.63 13.36
C GLY B 551 27.17 -28.75 12.13
N GLY B 552 28.38 -28.75 11.58
CA GLY B 552 28.71 -27.98 10.40
C GLY B 552 29.14 -26.60 10.87
N PRO B 553 29.47 -25.71 9.93
CA PRO B 553 30.07 -24.40 10.25
C PRO B 553 29.20 -23.34 10.95
N ARG B 554 27.89 -23.42 10.80
CA ARG B 554 27.01 -22.38 11.33
C ARG B 554 27.00 -22.40 12.86
N THR B 555 27.02 -21.22 13.46
CA THR B 555 26.79 -21.06 14.89
C THR B 555 25.33 -20.92 15.30
N SER B 556 24.43 -20.59 14.36
CA SER B 556 23.04 -20.32 14.67
C SER B 556 22.10 -20.78 13.58
N THR B 557 20.82 -20.85 13.94
CA THR B 557 19.79 -21.31 13.05
C THR B 557 18.58 -20.44 13.22
N MET B 558 17.65 -20.53 12.26
CA MET B 558 16.35 -19.85 12.38
C MET B 558 15.27 -20.83 12.72
N GLN B 559 14.68 -20.68 13.90
CA GLN B 559 13.66 -21.58 14.40
C GLN B 559 12.44 -20.77 14.84
N VAL B 560 11.40 -21.45 15.28
CA VAL B 560 10.20 -20.79 15.77
C VAL B 560 9.81 -21.30 17.15
N ASN B 561 9.47 -20.39 18.05
CA ASN B 561 8.85 -20.76 19.34
C ASN B 561 7.35 -20.67 19.14
N GLN B 562 6.67 -21.81 19.21
CA GLN B 562 5.24 -21.89 18.99
C GLN B 562 4.55 -22.23 20.31
N TYR B 563 3.52 -21.46 20.66
CA TYR B 563 2.74 -21.71 21.89
C TYR B 563 1.32 -21.21 21.75
N ASN B 564 0.40 -21.90 22.42
CA ASN B 564 -0.98 -21.45 22.51
C ASN B 564 -1.12 -20.37 23.56
N ILE B 565 -2.02 -19.42 23.31
CA ILE B 565 -2.37 -18.36 24.24
C ILE B 565 -3.79 -18.65 24.73
N GLY B 566 -3.89 -19.27 25.90
CA GLY B 566 -5.12 -19.88 26.37
C GLY B 566 -6.05 -18.98 27.17
N ASN B 567 -5.58 -17.84 27.63
CA ASN B 567 -6.44 -16.92 28.38
C ASN B 567 -6.38 -15.49 27.87
N GLN B 568 -7.46 -14.76 28.12
CA GLN B 568 -7.69 -13.44 27.55
C GLN B 568 -6.66 -12.38 27.93
N GLN B 569 -6.20 -12.39 29.20
CA GLN B 569 -5.26 -11.34 29.66
C GLN B 569 -3.94 -11.39 28.92
N ASP B 570 -3.48 -12.61 28.68
CA ASP B 570 -2.25 -12.83 27.89
C ASP B 570 -2.46 -12.50 26.41
N ALA B 571 -3.69 -12.68 25.92
CA ALA B 571 -4.04 -12.36 24.52
C ALA B 571 -4.07 -10.89 24.24
N ALA B 572 -4.32 -10.07 25.27
CA ALA B 572 -4.29 -8.62 25.14
C ALA B 572 -2.82 -8.21 25.13
N GLN B 573 -2.30 -7.84 23.97
CA GLN B 573 -0.85 -7.62 23.85
C GLN B 573 -0.42 -6.61 22.81
N LYS B 574 0.81 -6.14 22.99
CA LYS B 574 1.52 -5.38 21.97
C LYS B 574 1.76 -6.30 20.78
N PHE B 575 1.75 -5.74 19.58
CA PHE B 575 2.07 -6.53 18.38
C PHE B 575 3.47 -6.21 17.90
N ASP B 576 4.31 -7.24 17.91
CA ASP B 576 5.64 -7.20 17.32
C ASP B 576 5.49 -7.72 15.87
N PRO B 577 5.70 -6.85 14.87
CA PRO B 577 5.48 -7.25 13.48
C PRO B 577 6.50 -8.25 12.93
N GLY B 578 7.52 -8.60 13.73
CA GLY B 578 8.43 -9.71 13.45
C GLY B 578 7.92 -11.07 13.90
N THR B 579 6.78 -11.11 14.59
CA THR B 579 6.18 -12.34 15.09
C THR B 579 4.96 -12.65 14.26
N ILE B 580 4.42 -13.86 14.45
CA ILE B 580 3.25 -14.34 13.76
C ILE B 580 2.22 -14.65 14.83
N ARG B 581 0.99 -14.14 14.63
CA ARG B 581 -0.14 -14.46 15.48
C ARG B 581 -1.26 -15.06 14.65
N LEU B 582 -1.65 -16.30 14.97
CA LEU B 582 -2.66 -17.00 14.23
C LEU B 582 -3.93 -17.21 15.01
N LEU B 583 -5.06 -17.11 14.33
CA LEU B 583 -6.28 -17.70 14.85
C LEU B 583 -6.48 -18.99 14.10
N SER B 584 -6.35 -20.12 14.83
CA SER B 584 -6.31 -21.43 14.22
C SER B 584 -7.57 -22.20 14.59
N ASN B 585 -7.96 -23.12 13.73
CA ASN B 585 -9.02 -24.09 14.03
C ASN B 585 -8.30 -25.38 14.41
N PRO B 586 -8.25 -25.72 15.71
CA PRO B 586 -7.58 -26.96 16.09
C PRO B 586 -8.34 -28.26 15.70
N ASN B 587 -9.53 -28.13 15.12
CA ASN B 587 -10.37 -29.26 14.70
C ASN B 587 -10.27 -29.60 13.20
N LYS B 588 -9.62 -28.72 12.42
CA LYS B 588 -9.51 -28.89 10.97
C LYS B 588 -8.12 -28.56 10.47
N GLU B 589 -7.62 -29.43 9.60
CA GLU B 589 -6.26 -29.38 9.12
C GLU B 589 -6.27 -29.31 7.60
N ASN B 590 -5.22 -28.72 7.04
CA ASN B 590 -5.01 -28.79 5.60
C ASN B 590 -4.41 -30.16 5.23
N ARG B 591 -4.08 -30.31 3.96
CA ARG B 591 -3.59 -31.56 3.38
C ARG B 591 -2.27 -32.04 4.02
N MET B 592 -1.49 -31.12 4.56
CA MET B 592 -0.24 -31.42 5.25
C MET B 592 -0.38 -31.64 6.77
N GLY B 593 -1.61 -31.65 7.26
CA GLY B 593 -1.89 -31.83 8.68
C GLY B 593 -1.61 -30.62 9.55
N ASN B 594 -1.55 -29.43 8.93
CA ASN B 594 -1.41 -28.18 9.68
C ASN B 594 -2.80 -27.61 9.97
N PRO B 595 -3.01 -27.07 11.18
CA PRO B 595 -4.29 -26.45 11.49
C PRO B 595 -4.60 -25.27 10.58
N VAL B 596 -5.81 -25.27 10.04
CA VAL B 596 -6.26 -24.20 9.14
C VAL B 596 -6.34 -22.92 9.95
N SER B 597 -5.67 -21.86 9.46
CA SER B 597 -5.52 -20.65 10.26
C SER B 597 -5.62 -19.36 9.43
N TYR B 598 -5.88 -18.26 10.11
CA TYR B 598 -5.64 -16.92 9.56
C TYR B 598 -4.60 -16.19 10.42
N GLN B 599 -3.66 -15.56 9.73
CA GLN B 599 -2.61 -14.77 10.35
C GLN B 599 -3.16 -13.36 10.53
N ILE B 600 -3.01 -12.83 11.73
CA ILE B 600 -3.55 -11.55 12.12
C ILE B 600 -2.41 -10.55 12.17
N ILE B 601 -2.50 -9.49 11.35
CA ILE B 601 -1.45 -8.47 11.24
C ILE B 601 -2.06 -7.08 11.53
N PRO B 602 -2.05 -6.67 12.80
CA PRO B 602 -2.63 -5.36 13.14
C PRO B 602 -1.79 -4.21 12.66
N TYR B 603 -0.52 -4.45 12.36
CA TYR B 603 0.33 -3.40 11.81
C TYR B 603 1.04 -3.91 10.57
N ALA B 604 0.53 -3.51 9.41
CA ALA B 604 1.14 -3.83 8.13
C ALA B 604 1.65 -2.58 7.44
N GLY B 605 1.74 -1.50 8.19
CA GLY B 605 2.42 -0.30 7.70
C GLY B 605 1.57 0.92 7.77
N GLY B 606 2.20 2.05 7.42
CA GLY B 606 1.48 3.29 7.32
C GLY B 606 2.43 4.39 6.93
N THR B 607 1.85 5.55 6.65
CA THR B 607 2.58 6.66 6.08
C THR B 607 2.89 7.76 7.11
N HIS B 608 2.31 7.66 8.30
CA HIS B 608 2.68 8.53 9.46
C HIS B 608 3.46 7.65 10.43
N PRO B 609 4.19 8.27 11.39
CA PRO B 609 4.85 7.50 12.44
C PRO B 609 3.85 6.65 13.21
N VAL B 610 4.27 5.45 13.57
CA VAL B 610 3.41 4.49 14.23
C VAL B 610 3.31 4.73 15.72
N ALA B 611 2.11 4.54 16.25
CA ALA B 611 1.91 4.54 17.69
C ALA B 611 2.16 3.11 18.22
N LYS B 612 3.15 2.95 19.10
CA LYS B 612 3.36 1.66 19.83
C LYS B 612 2.42 1.50 21.03
N GLY B 613 1.81 2.61 21.44
CA GLY B 613 0.73 2.58 22.39
C GLY B 613 0.09 3.96 22.51
N ALA B 614 -0.46 4.23 23.67
CA ALA B 614 -1.08 5.51 23.92
C ALA B 614 0.02 6.47 24.35
N GLN B 615 0.03 7.68 23.81
CA GLN B 615 1.01 8.69 24.17
C GLN B 615 0.50 9.49 25.40
N PHE B 616 0.23 8.75 26.46
CA PHE B 616 -0.30 9.26 27.73
C PHE B 616 0.36 8.52 28.86
N ALA B 617 0.72 9.23 29.92
CA ALA B 617 1.16 8.54 31.14
C ALA B 617 0.04 7.64 31.68
N PRO B 618 0.41 6.57 32.38
CA PRO B 618 -0.63 5.63 32.84
C PRO B 618 -1.55 6.14 33.96
N ASP B 619 -1.24 7.30 34.54
CA ASP B 619 -2.14 7.93 35.52
C ASP B 619 -3.13 8.97 34.89
N GLU B 620 -3.13 9.12 33.55
CA GLU B 620 -4.14 9.95 32.87
C GLU B 620 -5.52 9.26 32.87
N TRP B 621 -6.58 10.03 33.05
CA TRP B 621 -7.93 9.45 33.02
C TRP B 621 -8.28 8.86 31.66
N ILE B 622 -7.88 9.52 30.59
CA ILE B 622 -8.15 8.98 29.25
C ILE B 622 -7.48 7.59 29.08
N TYR B 623 -6.28 7.43 29.64
CA TYR B 623 -5.57 6.16 29.61
C TYR B 623 -6.33 5.08 30.35
N HIS B 624 -6.80 5.44 31.55
CA HIS B 624 -7.59 4.54 32.36
C HIS B 624 -8.91 4.16 31.68
N ARG B 625 -9.59 5.15 31.11
CA ARG B 625 -10.92 4.92 30.49
C ARG B 625 -10.87 4.08 29.22
N LEU B 626 -9.76 4.20 28.47
CA LEU B 626 -9.67 3.62 27.13
C LEU B 626 -8.40 2.73 26.99
N SER B 627 -8.50 1.54 27.55
CA SER B 627 -7.42 0.55 27.52
C SER B 627 -7.07 0.11 26.11
N PHE B 628 -8.08 0.12 25.23
CA PHE B 628 -7.89 -0.31 23.82
C PHE B 628 -6.77 0.45 23.09
N MET B 629 -6.50 1.68 23.50
CA MET B 629 -5.45 2.48 22.94
C MET B 629 -4.03 1.91 23.08
N ASP B 630 -3.79 1.10 24.10
CA ASP B 630 -2.41 0.76 24.45
C ASP B 630 -1.93 -0.62 24.06
N LYS B 631 -2.80 -1.45 23.47
CA LYS B 631 -2.41 -2.78 22.94
C LYS B 631 -2.95 -2.94 21.54
N GLN B 632 -2.24 -3.67 20.69
CA GLN B 632 -2.62 -3.81 19.29
C GLN B 632 -3.44 -5.04 18.98
N LEU B 633 -3.34 -6.08 19.79
CA LEU B 633 -4.09 -7.30 19.57
C LEU B 633 -4.82 -7.69 20.86
N TRP B 634 -6.12 -7.97 20.73
CA TRP B 634 -6.98 -8.48 21.81
C TRP B 634 -7.77 -9.64 21.24
N VAL B 635 -8.01 -10.67 22.04
CA VAL B 635 -8.91 -11.74 21.65
C VAL B 635 -9.84 -11.99 22.83
N THR B 636 -11.15 -11.98 22.56
CA THR B 636 -12.16 -12.22 23.58
C THR B 636 -13.11 -13.30 23.14
N ARG B 637 -13.92 -13.77 24.07
CA ARG B 637 -14.92 -14.77 23.75
C ARG B 637 -16.12 -14.08 23.14
N TYR B 638 -16.70 -14.70 22.11
CA TYR B 638 -17.88 -14.15 21.43
C TYR B 638 -19.00 -13.84 22.42
N HIS B 639 -19.48 -12.62 22.36
CA HIS B 639 -20.68 -12.21 23.09
C HIS B 639 -21.37 -11.12 22.27
N PRO B 640 -22.66 -11.31 21.91
CA PRO B 640 -23.30 -10.39 20.97
C PRO B 640 -23.45 -8.94 21.46
N GLY B 641 -23.38 -8.72 22.77
CA GLY B 641 -23.41 -7.38 23.35
C GLY B 641 -22.06 -6.72 23.63
N GLU B 642 -20.96 -7.35 23.20
CA GLU B 642 -19.62 -6.74 23.36
C GLU B 642 -19.13 -6.32 21.99
N ARG B 643 -19.41 -5.07 21.64
CA ARG B 643 -19.17 -4.59 20.29
C ARG B 643 -18.19 -3.44 20.16
N PHE B 644 -17.88 -2.74 21.25
CA PHE B 644 -17.20 -1.46 21.12
C PHE B 644 -15.99 -1.46 22.03
N PRO B 645 -14.80 -1.17 21.48
CA PRO B 645 -13.58 -1.20 22.29
C PRO B 645 -13.56 -0.13 23.36
N GLU B 646 -14.24 0.99 23.13
CA GLU B 646 -14.37 2.08 24.10
C GLU B 646 -15.55 1.94 25.07
N GLY B 647 -16.34 0.90 24.91
CA GLY B 647 -17.57 0.72 25.68
C GLY B 647 -18.78 1.32 24.98
N LYS B 648 -19.95 0.89 25.42
CA LYS B 648 -21.21 1.30 24.81
C LYS B 648 -21.54 2.76 25.03
N TYR B 649 -21.32 3.27 26.24
CA TYR B 649 -21.60 4.67 26.58
C TYR B 649 -20.35 5.42 27.10
N PRO B 650 -19.43 5.77 26.17
CA PRO B 650 -18.13 6.34 26.56
C PRO B 650 -18.13 7.80 26.95
N ASN B 651 -19.23 8.52 26.76
CA ASN B 651 -19.28 9.95 27.02
C ASN B 651 -19.27 10.12 28.55
N ARG B 652 -18.22 10.77 29.04
CA ARG B 652 -17.99 11.00 30.48
C ARG B 652 -17.92 9.73 31.32
N SER B 653 -17.46 8.64 30.71
CA SER B 653 -17.30 7.38 31.37
C SER B 653 -16.20 7.53 32.44
N THR B 654 -16.42 6.88 33.57
CA THR B 654 -15.52 6.95 34.72
C THR B 654 -14.53 5.79 34.79
N HIS B 655 -14.82 4.73 34.02
CA HIS B 655 -13.97 3.54 33.96
C HIS B 655 -14.11 2.91 32.58
N ASP B 656 -13.25 1.93 32.29
CA ASP B 656 -13.26 1.22 31.01
C ASP B 656 -14.41 0.20 30.98
N THR B 657 -15.39 0.43 30.11
CA THR B 657 -16.51 -0.48 29.91
C THR B 657 -16.42 -1.21 28.56
N GLY B 658 -15.29 -1.02 27.86
CA GLY B 658 -14.99 -1.70 26.61
C GLY B 658 -14.00 -2.84 26.76
N LEU B 659 -12.93 -2.82 25.96
CA LEU B 659 -12.02 -3.96 25.92
C LEU B 659 -11.32 -4.27 27.26
N GLY B 660 -11.04 -3.23 28.04
CA GLY B 660 -10.56 -3.38 29.42
C GLY B 660 -11.47 -4.27 30.23
N GLN B 661 -12.79 -4.09 30.07
CA GLN B 661 -13.78 -4.94 30.74
C GLN B 661 -13.91 -6.30 30.08
N TYR B 662 -13.99 -6.34 28.75
CA TYR B 662 -14.28 -7.60 28.06
C TYR B 662 -13.16 -8.63 28.26
N SER B 663 -11.92 -8.16 28.35
CA SER B 663 -10.76 -9.06 28.47
C SER B 663 -10.31 -9.33 29.93
N LYS B 664 -11.06 -8.81 30.90
CA LYS B 664 -10.63 -8.74 32.31
C LYS B 664 -10.62 -10.10 32.96
N ASP B 665 -11.72 -10.83 32.79
CA ASP B 665 -11.93 -12.10 33.48
C ASP B 665 -11.15 -13.24 32.81
N ASN B 666 -10.57 -14.10 33.64
CA ASN B 666 -9.75 -15.22 33.19
C ASN B 666 -10.66 -16.35 32.73
N GLU B 667 -11.12 -16.23 31.49
CA GLU B 667 -11.92 -17.26 30.82
C GLU B 667 -11.09 -17.81 29.64
N SER B 668 -11.34 -19.05 29.26
CA SER B 668 -10.48 -19.76 28.31
C SER B 668 -10.71 -19.31 26.87
N LEU B 669 -9.61 -19.15 26.12
CA LEU B 669 -9.66 -18.94 24.67
C LEU B 669 -9.31 -20.21 23.90
N ASP B 670 -9.28 -21.36 24.59
CA ASP B 670 -8.95 -22.62 23.95
C ASP B 670 -10.17 -23.22 23.26
N ASN B 671 -10.03 -23.48 21.96
CA ASN B 671 -11.04 -24.16 21.15
C ASN B 671 -12.46 -23.66 21.38
N THR B 672 -12.66 -22.36 21.20
CA THR B 672 -13.93 -21.71 21.46
C THR B 672 -14.17 -20.55 20.47
N ASP B 673 -15.35 -19.96 20.54
CA ASP B 673 -15.70 -18.85 19.65
C ASP B 673 -14.98 -17.56 20.04
N ALA B 674 -14.01 -17.17 19.22
CA ALA B 674 -13.15 -16.02 19.50
C ALA B 674 -13.52 -14.82 18.66
N VAL B 675 -13.27 -13.65 19.21
CA VAL B 675 -13.42 -12.39 18.50
C VAL B 675 -12.07 -11.68 18.61
N VAL B 676 -11.54 -11.26 17.46
CA VAL B 676 -10.24 -10.58 17.39
C VAL B 676 -10.47 -9.08 17.28
N TRP B 677 -9.71 -8.29 18.03
CA TRP B 677 -9.76 -6.86 17.94
C TRP B 677 -8.36 -6.37 17.63
N MET B 678 -8.22 -5.55 16.58
CA MET B 678 -6.92 -4.99 16.20
C MET B 678 -6.96 -3.53 16.42
N THR B 679 -6.00 -3.00 17.19
CA THR B 679 -5.80 -1.55 17.29
C THR B 679 -4.58 -1.17 16.47
N THR B 680 -4.74 -0.13 15.65
CA THR B 680 -3.64 0.43 14.90
C THR B 680 -3.73 1.94 14.96
N GLY B 681 -2.59 2.57 15.19
CA GLY B 681 -2.59 3.99 15.40
C GLY B 681 -1.34 4.64 14.90
N THR B 682 -1.42 5.96 14.81
CA THR B 682 -0.31 6.76 14.38
C THR B 682 -0.12 7.86 15.39
N THR B 683 1.08 8.44 15.37
CA THR B 683 1.37 9.63 16.12
C THR B 683 1.60 10.70 15.10
N HIS B 684 0.71 11.69 15.08
CA HIS B 684 0.72 12.69 14.06
C HIS B 684 1.42 13.96 14.55
N VAL B 685 2.67 14.12 14.11
CA VAL B 685 3.41 15.35 14.26
C VAL B 685 3.28 16.07 12.93
N ALA B 686 2.83 17.32 12.98
CA ALA B 686 2.42 18.04 11.78
C ALA B 686 3.56 18.67 11.02
N ARG B 687 3.28 18.94 9.75
CA ARG B 687 4.22 19.63 8.90
C ARG B 687 3.47 20.55 7.95
N ALA B 688 4.18 21.52 7.37
CA ALA B 688 3.54 22.53 6.55
C ALA B 688 2.87 21.96 5.29
N GLU B 689 3.34 20.81 4.82
CA GLU B 689 2.74 20.11 3.68
C GLU B 689 1.30 19.70 3.94
N GLU B 690 0.87 19.76 5.18
CA GLU B 690 -0.47 19.27 5.61
C GLU B 690 -1.46 20.39 5.86
N TRP B 691 -1.08 21.62 5.46
CA TRP B 691 -1.88 22.81 5.79
C TRP B 691 -1.97 23.69 4.53
N PRO B 692 -3.14 24.20 4.15
CA PRO B 692 -4.41 24.18 4.89
C PRO B 692 -5.25 22.93 4.79
N ILE B 693 -4.88 21.96 3.95
CA ILE B 693 -5.59 20.66 3.92
C ILE B 693 -4.58 19.51 3.89
N MET B 694 -4.89 18.42 4.59
CA MET B 694 -3.93 17.31 4.74
C MET B 694 -4.05 16.24 3.63
N PRO B 695 -2.96 16.01 2.87
CA PRO B 695 -3.02 14.90 1.92
C PRO B 695 -3.26 13.59 2.63
N THR B 696 -4.06 12.74 2.01
CA THR B 696 -4.51 11.52 2.67
C THR B 696 -3.34 10.67 3.12
N GLU B 697 -3.34 10.30 4.41
CA GLU B 697 -2.33 9.45 5.01
C GLU B 697 -3.03 8.11 5.34
N TRP B 698 -2.31 7.01 5.22
CA TRP B 698 -2.91 5.65 5.34
C TRP B 698 -2.18 4.77 6.36
N VAL B 699 -2.94 3.87 7.00
CA VAL B 699 -2.40 2.76 7.76
C VAL B 699 -3.04 1.48 7.23
N HIS B 700 -2.29 0.39 7.30
CA HIS B 700 -2.71 -0.90 6.69
C HIS B 700 -2.70 -1.99 7.72
N THR B 701 -3.68 -2.89 7.61
CA THR B 701 -3.74 -4.10 8.42
C THR B 701 -4.09 -5.23 7.46
N LEU B 702 -3.79 -6.47 7.89
CA LEU B 702 -4.01 -7.65 7.05
C LEU B 702 -4.43 -8.86 7.83
N LEU B 703 -5.25 -9.69 7.19
CA LEU B 703 -5.61 -11.03 7.63
C LEU B 703 -5.28 -11.98 6.47
N LYS B 704 -4.37 -12.94 6.68
CA LYS B 704 -3.87 -13.76 5.59
C LYS B 704 -4.18 -15.21 5.90
N PRO B 705 -4.69 -15.97 4.92
CA PRO B 705 -4.85 -17.42 5.14
C PRO B 705 -3.49 -18.07 5.41
N TRP B 706 -3.41 -18.90 6.46
CA TRP B 706 -2.18 -19.52 6.89
C TRP B 706 -2.43 -21.02 7.00
N ASN B 707 -1.97 -21.78 6.01
CA ASN B 707 -2.35 -23.18 5.87
C ASN B 707 -3.86 -23.41 5.93
N PHE B 708 -4.63 -22.40 5.53
CA PHE B 708 -6.08 -22.52 5.38
C PHE B 708 -6.36 -23.33 4.10
N PHE B 709 -5.56 -23.05 3.07
CA PHE B 709 -5.60 -23.77 1.81
C PHE B 709 -4.48 -24.80 1.75
N ASP B 710 -4.48 -25.59 0.68
CA ASP B 710 -3.48 -26.65 0.44
C ASP B 710 -2.38 -26.29 -0.56
N GLU B 711 -2.55 -25.17 -1.25
CA GLU B 711 -1.68 -24.76 -2.35
C GLU B 711 -1.98 -23.29 -2.68
N THR B 712 -1.18 -22.71 -3.58
CA THR B 712 -1.46 -21.37 -4.14
C THR B 712 -2.97 -21.26 -4.46
N PRO B 713 -3.68 -20.32 -3.82
CA PRO B 713 -5.14 -20.35 -3.98
C PRO B 713 -5.66 -19.86 -5.33
N THR B 714 -4.84 -19.11 -6.06
CA THR B 714 -5.24 -18.51 -7.34
C THR B 714 -4.76 -19.29 -8.57
N LEU B 715 -4.24 -20.52 -8.39
CA LEU B 715 -3.74 -21.29 -9.53
C LEU B 715 -4.82 -21.61 -10.57
N GLY B 716 -6.04 -21.74 -10.11
CA GLY B 716 -7.15 -21.98 -11.01
C GLY B 716 -7.69 -23.39 -10.83
N ALA B 717 -8.72 -23.68 -11.61
CA ALA B 717 -9.42 -24.95 -11.52
C ALA B 717 -8.63 -26.12 -12.12
N LEU B 718 -8.58 -27.23 -11.39
CA LEU B 718 -7.79 -28.39 -11.78
C LEU B 718 -8.46 -29.17 -12.90
N LYS B 719 -7.71 -29.39 -13.97
CA LYS B 719 -8.23 -29.93 -15.23
C LYS B 719 -8.27 -31.46 -15.26
N LYS B 720 -7.65 -32.10 -14.25
CA LYS B 720 -7.56 -33.56 -14.16
C LYS B 720 -8.84 -34.13 -13.52
CU CU C . 11.15 -16.06 0.66
CA CA D . 23.63 14.01 -0.87
C1 GOL E . 40.55 -15.29 -6.48
O1 GOL E . 40.62 -16.52 -7.22
C2 GOL E . 41.77 -14.44 -6.77
O2 GOL E . 42.91 -15.05 -6.15
C3 GOL E . 41.96 -14.31 -8.29
O3 GOL E . 42.76 -13.16 -8.59
C1 GOL F . -10.68 9.73 -12.91
O1 GOL F . -9.57 10.54 -13.36
C2 GOL F . -10.19 8.65 -11.91
O2 GOL F . -11.33 8.05 -11.31
C3 GOL F . -9.31 7.59 -12.59
O3 GOL F . -10.02 6.83 -13.61
C1 GOL G . 2.34 12.01 1.54
O1 GOL G . 1.46 12.68 2.46
C2 GOL G . 2.10 10.50 1.41
O2 GOL G . 1.60 9.95 2.64
C3 GOL G . 1.14 10.05 0.30
O3 GOL G . 1.16 10.81 -0.91
C1 GOL H . 2.33 -2.35 -3.38
O1 GOL H . 1.00 -2.81 -3.21
C2 GOL H . 2.62 -2.01 -4.85
O2 GOL H . 1.43 -1.85 -5.63
C3 GOL H . 3.46 -0.72 -4.89
O3 GOL H . 3.34 -0.04 -6.13
C1 GOL I . 7.05 -22.80 10.84
O1 GOL I . 5.73 -23.26 10.50
C2 GOL I . 7.92 -23.77 11.66
O2 GOL I . 7.33 -25.08 11.62
C3 GOL I . 9.37 -23.84 11.17
O3 GOL I . 10.38 -23.51 12.15
C1 GOL J . 12.36 20.42 10.38
O1 GOL J . 11.75 21.30 9.42
C2 GOL J . 12.34 20.93 11.83
O2 GOL J . 13.24 20.07 12.52
C3 GOL J . 11.02 20.91 12.63
O3 GOL J . 9.90 20.27 11.99
CU CU K . -3.88 14.03 12.56
CA CA L . -15.36 -16.17 16.14
C1 GOL M . -6.04 -3.79 -16.13
O1 GOL M . -6.46 -2.96 -17.23
C2 GOL M . -5.08 -4.90 -16.55
O2 GOL M . -3.88 -4.35 -17.04
C3 GOL M . -5.64 -5.73 -17.70
O3 GOL M . -6.69 -6.58 -17.24
C1 GOL N . -0.48 -23.50 11.51
O1 GOL N . -1.09 -24.03 10.32
C2 GOL N . 0.66 -24.32 12.11
O2 GOL N . 0.86 -23.83 13.44
C3 GOL N . 2.06 -24.29 11.46
O3 GOL N . 2.19 -23.37 10.39
C1 GOL O . -6.94 5.54 38.85
O1 GOL O . -8.10 4.84 38.37
C2 GOL O . -6.87 6.90 38.16
O2 GOL O . -6.31 6.71 36.86
C3 GOL O . -6.04 7.88 39.00
O3 GOL O . -5.34 8.81 38.17
C1 GOL P . -1.97 -10.40 -0.58
O1 GOL P . -2.50 -10.83 -1.83
C2 GOL P . -1.47 -11.57 0.28
O2 GOL P . -1.98 -12.84 -0.09
C3 GOL P . 0.04 -11.63 0.20
O3 GOL P . 0.50 -10.44 0.81
C1 GOL Q . -6.16 1.58 0.24
O1 GOL Q . -6.93 0.59 -0.46
C2 GOL Q . -4.87 1.83 -0.52
O2 GOL Q . -5.26 2.44 -1.75
C3 GOL Q . -4.01 2.79 0.28
O3 GOL Q . -2.73 2.94 -0.34
#